data_7M8L
#
_entry.id   7M8L
#
loop_
_entity.id
_entity.type
_entity.pdbx_description
1 polymer 'Virion spike glycoprotein 1'
2 polymer 'rEBOV-442 Fab heavy chain'
3 polymer 'rEBOV-442 Fab light chain'
4 polymer 'Virion spike glycoprotein 2'
5 polymer 'rEBOV-515 Fab heavy chain'
6 polymer 'rEBOV-515 Fab light chain'
7 branched alpha-D-mannopyranose-(1-3)-[alpha-D-mannopyranose-(1-6)]beta-D-mannopyranose-(1-4)-2-acetamido-2-deoxy-beta-D-glucopyranose-(1-4)-2-acetamido-2-deoxy-beta-D-glucopyranose
8 branched 2-acetamido-2-deoxy-beta-D-glucopyranose-(1-4)-2-acetamido-2-deoxy-beta-D-glucopyranose
9 non-polymer 2-acetamido-2-deoxy-beta-D-glucopyranose
#
loop_
_entity_poly.entity_id
_entity_poly.type
_entity_poly.pdbx_seq_one_letter_code
_entity_poly.pdbx_strand_id
1 'polypeptide(L)'
;MDAMKRGLCCVLLLCGAVFVSPSQEIHARFRRGARSIPLGVIHNSTLQVSDVDKLVCRDKLSSTNQLRSVGLNLEGNGVA
TDVPSVTKRWGFRSGVPPKVVNYEAGEWAENCYNLEIKKPDGSECLPAAPDGIRGFPRCRYVHKVSGTGPCAGDFAFHKE
GAFFLYDRLASTVIYRGTTFAEGVVAFLILPQAKKDFFSSHPLREPVNATEDPSSGYYSTTIRYQATGFGTNETEYLFEV
DNLTYVQLESRFTPQFLLQLNETIYASGKRSNTTGKLIWKVNPEIDTTIGEWAFWETKKNLTRKIRSEELSFT
;
A,B,C
2 'polypeptide(L)'
;EVQLVESGGGLVKPGGSLRLSCTGSGGTGFTFKYAGMSWVRQAPGKGPEWIGRIKSRIDGGTTDYAAPVKDRFIVSRDDS
RNTLYLQMNSLKTEDTAVYYCATGSGKGPSASFGESYYYYDFINVWGKGTTVTVSSASTKGPSVFPLAPSSKSTSGGTAA
LGCLVKDYFPEPVTVSWNSGALTSGVHTFPAVLQSSGLYSLSSVVTVPSSSLGTQTYICNVNHKPSNTKVDKKVEPKSC
;
G,H,I
3 'polypeptide(L)'
;ESVLTQSPGTLSLSPGERATLSCRASQSISRKYLAWYQQKPGQAPRLLIYGSSSRATGIPDRFSGSGSGTDFTLTISRLE
PEDFAVYYCHQYESSPWTFGQGTKVEIKRTVAAPSVFIFPPSDEQLKSGTASVVCLLNNFYPREAKVQWKVDNALQSGNS
QESVTEQDSKDSTYSLSSTLTLSKADYEKHKVYACEVTHQGLRSPVTKSFNRGEC
;
J,K,L
4 'polypeptide(L)'
;NNNTHHQDTGEESASSGKLGLITNTIAGVAGLITGGRRTRREVIVNAQPKCNPNLHYWTTQDEGAAIGLAWIPYFGPAAE
GIYTEGLMHNQDGLICGLRQLANETTQALQLFLRATTELRTFSILNRKAIDFLLQRWGGTCHILGPDCCIEPHDWTKNIT
DKIDQIIHDDDDKAGWSHPQFEKGGGSGGGSGGGSWSHPQFEK
;
D,E,F
5 'polypeptide(L)'
;QVQLHESGPGLVKPSQTLSLTCTVSGGSINSAGYYWTWIRQHPGKGLEWIGYIDYTGRTYYNPSLESRVIISIDTSKNHF
SLRLTSVSAADTAVYYCARESSWVSELGRDNWGQGTLVTVSSASTKGPSVFPLAPSSKSTSGGTAALGCLVKDYFPEPVT
VSWNSGALTSGVHTFPAVLQSSGLYSLSSVVTVPSSSLGTQTYICNVNHKPSNTKVDKKVEPKSC
;
M,N,O
6 'polypeptide(L)'
;EIVMTQSPATLPVSPGEGATLSCRASQSVFTNLAWYQQKPGQAPRLLIYDASTRATGIPARFSGSGSGTEFTLTISSLQS
EDFAVYYCQQYNNWPRTYGQGTRVEVKRTVAAPSVFIFPPSDEQLKSGTASVVCLLNNFYPREAKVQWKVDNALQSGNSQ
ESVTEQDSKDSTYSLSSTLTLSKADYEKHKVYACEVTHQGLRSPVTKSFNRGEC
;
P,Q,R
#
# COMPACT_ATOMS: atom_id res chain seq x y z
N SER A 36 -8.60 27.27 12.59
CA SER A 36 -8.18 28.14 13.68
C SER A 36 -6.63 28.22 13.88
N ILE A 37 -5.85 27.81 12.85
CA ILE A 37 -4.38 27.84 12.83
C ILE A 37 -3.90 29.25 12.50
N PRO A 38 -3.13 29.93 13.36
CA PRO A 38 -2.64 31.27 13.14
C PRO A 38 -1.64 31.39 12.01
N LEU A 39 -1.64 32.54 11.36
CA LEU A 39 -0.61 32.86 10.36
C LEU A 39 0.22 34.02 10.82
N GLY A 40 1.50 33.94 10.59
CA GLY A 40 2.34 35.08 10.87
C GLY A 40 2.29 35.98 9.66
N VAL A 41 2.48 37.26 9.85
CA VAL A 41 2.53 38.18 8.74
C VAL A 41 3.82 38.95 8.83
N ILE A 42 4.61 38.92 7.77
CA ILE A 42 5.85 39.64 7.83
C ILE A 42 5.74 40.99 7.18
N HIS A 43 5.99 41.99 7.99
CA HIS A 43 5.95 43.40 7.62
C HIS A 43 7.35 43.98 7.57
N ASN A 44 7.41 45.28 7.23
CA ASN A 44 8.67 46.00 7.21
C ASN A 44 8.92 46.63 8.59
N SER A 45 8.08 46.23 9.53
CA SER A 45 8.09 46.58 10.94
C SER A 45 8.53 45.33 11.70
N THR A 46 7.61 44.40 11.96
CA THR A 46 7.95 43.14 12.62
C THR A 46 7.01 42.01 12.18
N LEU A 47 7.03 40.91 12.92
CA LEU A 47 6.18 39.76 12.65
C LEU A 47 4.92 39.86 13.48
N GLN A 48 3.76 39.91 12.83
CA GLN A 48 2.49 40.02 13.53
C GLN A 48 1.68 38.76 13.35
N VAL A 49 0.71 38.54 14.21
CA VAL A 49 -0.14 37.39 14.01
C VAL A 49 -1.46 37.85 13.46
N SER A 50 -1.83 37.28 12.34
CA SER A 50 -3.05 37.64 11.65
C SER A 50 -4.25 37.27 12.48
N ASP A 51 -5.25 38.13 12.48
CA ASP A 51 -6.46 37.87 13.22
C ASP A 51 -7.47 37.15 12.32
N VAL A 52 -8.63 36.83 12.87
CA VAL A 52 -9.69 36.24 12.10
C VAL A 52 -10.89 37.15 12.17
N ASP A 53 -10.93 37.98 13.21
CA ASP A 53 -12.05 38.89 13.39
C ASP A 53 -11.78 40.25 12.76
N LYS A 54 -10.51 40.63 12.74
CA LYS A 54 -10.10 41.91 12.19
C LYS A 54 -9.53 41.74 10.81
N LEU A 55 -10.12 42.44 9.86
CA LEU A 55 -9.62 42.39 8.50
C LEU A 55 -8.68 43.53 8.29
N VAL A 56 -7.50 43.24 7.82
CA VAL A 56 -6.55 44.28 7.56
C VAL A 56 -6.52 44.53 6.08
N CYS A 57 -6.98 45.70 5.68
CA CYS A 57 -7.12 46.01 4.28
C CYS A 57 -5.80 46.12 3.54
N ARG A 58 -4.72 46.46 4.25
CA ARG A 58 -3.43 46.61 3.60
C ARG A 58 -2.64 45.30 3.56
N ASP A 59 -3.16 44.21 4.12
CA ASP A 59 -2.41 42.95 4.10
C ASP A 59 -2.69 42.22 2.83
N LYS A 60 -2.12 42.76 1.76
CA LYS A 60 -2.33 42.26 0.42
C LYS A 60 -1.65 40.94 0.20
N LEU A 61 -2.37 40.05 -0.47
CA LEU A 61 -1.82 38.76 -0.84
C LEU A 61 -1.94 38.71 -2.35
N SER A 62 -0.82 38.69 -3.06
CA SER A 62 -0.91 38.75 -4.52
C SER A 62 -0.94 37.41 -5.20
N SER A 63 -0.47 36.37 -4.53
CA SER A 63 -0.44 35.04 -5.11
C SER A 63 -0.30 34.04 -3.99
N THR A 64 -0.47 32.77 -4.33
CA THR A 64 -0.28 31.72 -3.35
C THR A 64 1.19 31.47 -3.07
N ASN A 65 2.09 32.08 -3.83
CA ASN A 65 3.50 31.84 -3.62
C ASN A 65 4.03 32.66 -2.47
N GLN A 66 3.18 33.51 -1.91
CA GLN A 66 3.56 34.29 -0.76
C GLN A 66 3.21 33.57 0.53
N LEU A 67 2.58 32.41 0.42
CA LEU A 67 2.23 31.64 1.61
C LEU A 67 3.31 30.60 1.81
N ARG A 68 3.79 30.45 3.04
CA ARG A 68 4.86 29.49 3.27
C ARG A 68 4.75 28.66 4.55
N SER A 69 4.98 27.36 4.40
CA SER A 69 5.03 26.41 5.53
C SER A 69 6.47 26.15 5.96
N VAL A 70 6.81 26.51 7.20
CA VAL A 70 8.19 26.38 7.66
C VAL A 70 8.39 25.46 8.86
N GLY A 71 9.28 24.48 8.70
CA GLY A 71 9.61 23.54 9.77
C GLY A 71 10.84 24.00 10.55
N LEU A 72 10.66 24.25 11.86
CA LEU A 72 11.74 24.70 12.73
C LEU A 72 12.10 23.60 13.73
N ASN A 73 13.35 23.55 14.13
CA ASN A 73 13.77 22.51 15.06
C ASN A 73 13.62 22.91 16.52
N LEU A 74 13.43 21.93 17.40
CA LEU A 74 13.30 22.23 18.82
C LEU A 74 14.62 22.60 19.45
N GLU A 75 15.72 22.17 18.87
CA GLU A 75 17.03 22.46 19.42
C GLU A 75 17.29 23.96 19.47
N GLY A 76 16.55 24.74 18.67
CA GLY A 76 16.77 26.17 18.64
C GLY A 76 16.20 26.85 19.87
N ASN A 77 15.45 26.10 20.68
CA ASN A 77 14.85 26.62 21.89
C ASN A 77 15.63 26.14 23.11
N GLY A 78 16.77 25.47 22.90
CA GLY A 78 17.55 24.99 24.02
C GLY A 78 17.12 23.66 24.64
N VAL A 79 16.40 22.83 23.92
CA VAL A 79 16.01 21.56 24.52
C VAL A 79 17.23 20.69 24.51
N ALA A 80 17.41 19.85 25.53
CA ALA A 80 18.56 18.96 25.53
C ALA A 80 18.46 18.02 24.34
N THR A 81 19.60 17.73 23.72
CA THR A 81 19.69 16.84 22.57
C THR A 81 20.46 15.53 22.78
N ASP A 82 21.01 15.27 23.96
CA ASP A 82 21.74 14.03 24.14
C ASP A 82 20.78 12.86 24.08
N VAL A 83 21.23 11.68 23.66
CA VAL A 83 20.27 10.60 23.58
C VAL A 83 19.55 10.25 24.88
N PRO A 84 20.21 10.11 26.04
CA PRO A 84 19.56 9.81 27.29
C PRO A 84 18.40 10.74 27.65
N SER A 85 18.50 12.03 27.33
CA SER A 85 17.40 12.94 27.65
C SER A 85 16.36 13.00 26.56
N VAL A 86 16.77 12.83 25.32
CA VAL A 86 15.86 12.94 24.20
C VAL A 86 14.79 11.91 24.22
N THR A 87 15.17 10.69 24.52
CA THR A 87 14.22 9.61 24.47
C THR A 87 13.21 9.68 25.59
N LYS A 88 13.39 10.58 26.55
CA LYS A 88 12.42 10.64 27.63
C LYS A 88 11.25 11.51 27.24
N ARG A 89 11.34 12.14 26.06
CA ARG A 89 10.27 12.97 25.56
C ARG A 89 9.36 12.19 24.63
N TRP A 90 9.67 10.92 24.39
CA TRP A 90 8.92 10.11 23.45
C TRP A 90 8.24 8.98 24.19
N GLY A 91 7.13 8.46 23.69
CA GLY A 91 6.54 7.31 24.36
C GLY A 91 5.57 6.58 23.47
N PHE A 92 5.02 5.48 23.94
CA PHE A 92 4.13 4.72 23.08
C PHE A 92 2.69 4.74 23.50
N ARG A 93 1.83 4.72 22.49
CA ARG A 93 0.39 4.68 22.67
C ARG A 93 -0.34 3.95 21.55
N SER A 94 -1.54 3.46 21.87
CA SER A 94 -2.41 2.80 20.91
C SER A 94 -3.78 3.48 20.88
N GLY A 95 -4.53 3.27 19.80
CA GLY A 95 -5.88 3.83 19.67
C GLY A 95 -5.93 5.17 18.94
N VAL A 96 -4.75 5.71 18.64
CA VAL A 96 -4.59 6.96 17.96
C VAL A 96 -3.82 6.75 16.67
N PRO A 97 -4.36 7.06 15.49
CA PRO A 97 -3.71 6.91 14.21
C PRO A 97 -2.66 8.01 14.02
N PRO A 98 -1.62 7.78 13.22
CA PRO A 98 -0.62 8.75 12.80
C PRO A 98 -1.15 9.65 11.71
N LYS A 99 -0.66 10.89 11.64
CA LYS A 99 -0.99 11.80 10.54
C LYS A 99 0.20 12.70 10.14
N VAL A 100 0.25 13.18 8.87
CA VAL A 100 1.34 14.12 8.51
C VAL A 100 0.87 15.41 7.80
N VAL A 101 1.75 16.43 7.81
CA VAL A 101 1.57 17.71 7.07
C VAL A 101 2.83 18.09 6.30
N ASN A 102 2.73 18.86 5.24
CA ASN A 102 3.97 19.25 4.57
C ASN A 102 4.66 20.56 4.95
N TYR A 103 5.93 20.66 4.53
CA TYR A 103 6.79 21.85 4.68
C TYR A 103 7.17 22.29 3.32
N GLU A 104 7.46 23.55 3.19
CA GLU A 104 8.04 24.04 1.97
C GLU A 104 9.50 24.36 2.22
N ALA A 105 9.84 24.68 3.46
CA ALA A 105 11.19 25.05 3.84
C ALA A 105 11.45 24.70 5.29
N GLY A 106 12.72 24.61 5.68
CA GLY A 106 13.02 24.36 7.08
C GLY A 106 14.49 24.51 7.46
N GLU A 107 14.76 24.29 8.73
CA GLU A 107 16.11 24.43 9.29
C GLU A 107 17.04 23.25 9.09
N TRP A 108 18.34 23.55 9.13
CA TRP A 108 19.36 22.51 9.20
C TRP A 108 19.38 22.05 10.62
N ALA A 109 19.53 20.76 10.86
CA ALA A 109 19.56 20.30 12.24
C ALA A 109 20.95 19.98 12.68
N GLU A 110 21.29 20.30 13.90
CA GLU A 110 22.56 19.83 14.37
C GLU A 110 22.36 18.40 14.77
N ASN A 111 21.24 18.08 15.44
CA ASN A 111 21.05 16.71 15.91
C ASN A 111 19.78 16.01 15.43
N CYS A 112 19.96 15.00 14.57
CA CYS A 112 18.88 14.16 14.06
C CYS A 112 18.97 12.79 14.68
N TYR A 113 17.87 12.06 14.67
CA TYR A 113 17.81 10.76 15.29
C TYR A 113 17.32 9.72 14.31
N ASN A 114 17.73 8.48 14.49
CA ASN A 114 17.29 7.38 13.64
C ASN A 114 17.08 6.12 14.49
N LEU A 115 15.84 5.66 14.67
CA LEU A 115 15.65 4.52 15.55
C LEU A 115 15.33 3.19 14.88
N GLU A 116 15.92 2.13 15.44
CA GLU A 116 15.64 0.75 15.05
C GLU A 116 15.45 -0.09 16.32
N ILE A 117 14.25 -0.07 16.85
CA ILE A 117 13.96 -0.69 18.13
C ILE A 117 13.07 -1.90 17.99
N LYS A 118 13.50 -2.99 18.63
CA LYS A 118 12.79 -4.24 18.63
C LYS A 118 12.27 -4.61 20.02
N LYS A 119 11.25 -5.45 20.03
CA LYS A 119 10.73 -5.96 21.27
C LYS A 119 11.68 -7.04 21.73
N PRO A 120 11.66 -7.46 23.01
CA PRO A 120 12.50 -8.52 23.52
C PRO A 120 12.32 -9.86 22.78
N ASP A 121 11.19 -10.05 22.10
CA ASP A 121 10.97 -11.30 21.39
C ASP A 121 11.47 -11.26 19.95
N GLY A 122 12.13 -10.17 19.57
CA GLY A 122 12.71 -10.01 18.24
C GLY A 122 11.83 -9.30 17.20
N SER A 123 10.57 -9.04 17.52
CA SER A 123 9.66 -8.37 16.59
C SER A 123 9.93 -6.87 16.56
N GLU A 124 9.39 -6.17 15.56
CA GLU A 124 9.64 -4.73 15.45
C GLU A 124 8.68 -3.87 16.32
N CYS A 125 9.18 -2.71 16.85
CA CYS A 125 8.38 -1.73 17.60
C CYS A 125 7.83 -0.63 16.70
N LEU A 126 8.61 -0.23 15.72
CA LEU A 126 8.23 0.88 14.88
C LEU A 126 7.79 0.37 13.52
N PRO A 127 6.80 0.99 12.86
CA PRO A 127 6.31 0.66 11.54
C PRO A 127 7.28 1.04 10.45
N ALA A 128 7.24 0.37 9.32
CA ALA A 128 8.09 0.80 8.23
C ALA A 128 7.58 2.11 7.70
N ALA A 129 8.48 2.99 7.27
CA ALA A 129 8.01 4.22 6.69
C ALA A 129 7.27 3.92 5.39
N PRO A 130 6.14 4.59 5.10
CA PRO A 130 5.37 4.48 3.88
C PRO A 130 6.03 5.21 2.74
N ASP A 131 5.59 4.92 1.52
CA ASP A 131 6.14 5.59 0.36
C ASP A 131 6.01 7.08 0.47
N GLY A 132 7.07 7.77 0.12
CA GLY A 132 7.11 9.21 0.15
C GLY A 132 7.79 9.76 1.39
N ILE A 133 8.01 8.93 2.40
CA ILE A 133 8.69 9.43 3.58
C ILE A 133 10.14 9.14 3.43
N ARG A 134 10.93 10.18 3.53
CA ARG A 134 12.37 10.12 3.40
C ARG A 134 12.98 10.84 4.58
N GLY A 135 14.25 10.58 4.85
CA GLY A 135 14.87 11.21 6.00
C GLY A 135 15.08 12.70 5.83
N PHE A 136 15.28 13.36 6.95
CA PHE A 136 15.51 14.80 6.99
C PHE A 136 16.80 15.09 6.22
N PRO A 137 16.80 15.98 5.20
CA PRO A 137 17.91 16.23 4.29
C PRO A 137 19.16 16.91 4.77
N ARG A 138 19.07 17.59 5.92
CA ARG A 138 20.17 18.47 6.39
C ARG A 138 20.43 18.23 7.88
N CYS A 139 21.11 17.14 8.23
CA CYS A 139 21.47 16.86 9.64
C CYS A 139 23.00 16.95 9.81
N ARG A 140 23.48 17.47 10.94
CA ARG A 140 24.94 17.54 11.20
C ARG A 140 25.38 16.22 11.83
N TYR A 141 24.80 15.87 12.98
CA TYR A 141 25.10 14.56 13.62
C TYR A 141 23.81 13.72 13.63
N VAL A 142 23.90 12.46 13.24
CA VAL A 142 22.77 11.56 13.31
C VAL A 142 23.02 10.60 14.44
N HIS A 143 22.07 10.49 15.34
CA HIS A 143 22.21 9.59 16.45
C HIS A 143 21.37 8.38 16.17
N LYS A 144 22.02 7.32 15.76
CA LYS A 144 21.33 6.11 15.39
C LYS A 144 21.27 5.19 16.58
N VAL A 145 20.08 4.84 17.00
CA VAL A 145 19.95 4.02 18.19
C VAL A 145 19.30 2.71 17.84
N SER A 146 20.01 1.64 18.13
CA SER A 146 19.56 0.31 17.86
C SER A 146 19.45 -0.43 19.16
N GLY A 147 18.40 -1.20 19.33
CA GLY A 147 18.30 -1.89 20.59
C GLY A 147 16.95 -2.45 20.82
N THR A 148 16.70 -2.82 22.05
CA THR A 148 15.42 -3.41 22.39
C THR A 148 14.83 -2.77 23.62
N GLY A 149 13.55 -3.01 23.81
CA GLY A 149 12.84 -2.56 24.99
C GLY A 149 11.36 -2.84 24.85
N PRO A 150 10.58 -2.64 25.90
CA PRO A 150 9.18 -2.82 25.88
C PRO A 150 8.65 -1.73 25.00
N CYS A 151 7.61 -1.99 24.21
CA CYS A 151 6.97 -1.05 23.30
C CYS A 151 5.46 -1.21 23.49
N ALA A 152 4.94 -0.47 24.46
CA ALA A 152 3.58 -0.58 24.95
C ALA A 152 2.46 -0.33 23.94
N GLY A 153 2.68 0.55 22.98
CA GLY A 153 1.61 0.92 22.05
C GLY A 153 1.82 0.46 20.64
N ASP A 154 1.18 1.16 19.71
CA ASP A 154 1.27 0.81 18.31
C ASP A 154 2.30 1.71 17.67
N PHE A 155 2.33 2.95 18.14
CA PHE A 155 3.20 3.95 17.59
C PHE A 155 3.86 4.75 18.68
N ALA A 156 5.03 5.28 18.36
CA ALA A 156 5.71 6.18 19.26
C ALA A 156 5.32 7.61 18.89
N PHE A 157 4.84 8.33 19.89
CA PHE A 157 4.35 9.71 19.78
C PHE A 157 5.20 10.67 20.60
N HIS A 158 5.23 11.93 20.18
CA HIS A 158 5.94 12.92 20.97
C HIS A 158 5.10 13.37 22.15
N LYS A 159 5.66 13.39 23.35
CA LYS A 159 4.90 13.75 24.54
C LYS A 159 4.57 15.21 24.70
N GLU A 160 5.26 16.10 24.02
CA GLU A 160 4.97 17.52 24.19
C GLU A 160 4.10 17.97 23.05
N GLY A 161 3.77 17.05 22.16
CA GLY A 161 3.00 17.39 21.00
C GLY A 161 3.85 17.92 19.86
N ALA A 162 5.18 17.78 19.92
CA ALA A 162 5.98 18.29 18.82
C ALA A 162 5.89 17.27 17.71
N PHE A 163 6.35 17.63 16.54
CA PHE A 163 6.31 16.72 15.41
C PHE A 163 7.66 16.14 15.09
N PHE A 164 7.66 14.97 14.50
CA PHE A 164 8.89 14.40 14.02
C PHE A 164 9.03 14.92 12.61
N LEU A 165 10.16 15.49 12.28
CA LEU A 165 10.30 16.08 10.97
C LEU A 165 11.05 15.19 10.03
N TYR A 166 10.39 14.81 8.95
CA TYR A 166 10.93 13.98 7.90
C TYR A 166 11.16 14.91 6.75
N ASP A 167 11.73 14.45 5.64
CA ASP A 167 12.14 15.35 4.57
C ASP A 167 11.33 16.63 4.45
N ARG A 168 10.10 16.56 3.97
CA ARG A 168 9.29 17.76 3.85
C ARG A 168 7.92 17.48 4.38
N LEU A 169 7.89 16.62 5.40
CA LEU A 169 6.68 16.19 6.07
C LEU A 169 6.83 16.05 7.57
N ALA A 170 5.97 16.71 8.32
CA ALA A 170 6.00 16.56 9.76
C ALA A 170 5.05 15.46 10.08
N SER A 171 5.38 14.68 11.08
CA SER A 171 4.53 13.56 11.47
C SER A 171 4.34 13.44 12.92
N THR A 172 3.20 12.93 13.30
CA THR A 172 2.95 12.71 14.69
C THR A 172 3.68 11.48 15.25
N VAL A 173 4.22 10.62 14.37
CA VAL A 173 4.91 9.40 14.82
C VAL A 173 6.30 9.16 14.25
N ILE A 174 7.01 8.25 14.92
CA ILE A 174 8.32 7.80 14.50
C ILE A 174 8.26 6.60 13.57
N TYR A 175 8.92 6.68 12.42
CA TYR A 175 8.95 5.56 11.48
C TYR A 175 10.28 4.83 11.62
N ARG A 176 10.26 3.53 11.41
CA ARG A 176 11.45 2.73 11.61
C ARG A 176 12.52 2.96 10.58
N GLY A 177 13.74 3.20 11.06
CA GLY A 177 14.91 3.33 10.21
C GLY A 177 15.04 4.67 9.52
N THR A 178 14.16 5.62 9.80
CA THR A 178 14.20 6.90 9.10
C THR A 178 14.72 8.02 9.97
N THR A 179 15.66 8.79 9.42
CA THR A 179 16.28 9.91 10.12
C THR A 179 15.31 11.08 10.25
N PHE A 180 15.18 11.63 11.46
CA PHE A 180 14.29 12.76 11.70
C PHE A 180 14.79 13.77 12.71
N ALA A 181 14.23 14.97 12.65
CA ALA A 181 14.55 16.02 13.60
C ALA A 181 13.31 16.28 14.45
N GLU A 182 13.44 16.79 15.66
CA GLU A 182 12.21 17.15 16.37
C GLU A 182 11.87 18.60 16.08
N GLY A 183 10.59 18.94 15.94
CA GLY A 183 10.26 20.34 15.68
C GLY A 183 8.79 20.73 15.61
N VAL A 184 8.59 21.95 15.18
CA VAL A 184 7.28 22.60 15.08
C VAL A 184 7.08 23.27 13.74
N VAL A 185 5.83 23.51 13.35
CA VAL A 185 5.58 24.14 12.05
C VAL A 185 4.85 25.46 12.11
N ALA A 186 5.41 26.47 11.44
CA ALA A 186 4.81 27.79 11.35
C ALA A 186 4.19 27.99 9.99
N PHE A 187 3.15 28.80 9.93
CA PHE A 187 2.58 29.15 8.64
C PHE A 187 2.60 30.66 8.58
N LEU A 188 2.92 31.22 7.42
CA LEU A 188 2.95 32.67 7.29
C LEU A 188 2.84 33.27 5.90
N ILE A 189 2.68 34.61 5.87
CA ILE A 189 2.67 35.43 4.67
C ILE A 189 4.01 36.18 4.57
N LEU A 190 4.80 35.81 3.57
CA LEU A 190 6.20 36.24 3.43
C LEU A 190 6.62 37.72 3.19
N PRO A 191 5.98 38.57 2.33
CA PRO A 191 6.39 39.97 2.04
C PRO A 191 6.67 40.81 3.28
N SER A 219 26.50 13.56 6.94
CA SER A 219 26.50 13.67 8.39
C SER A 219 27.52 12.68 8.94
N THR A 220 27.85 12.79 10.24
CA THR A 220 28.89 11.97 10.93
C THR A 220 28.46 10.61 11.49
N THR A 221 27.16 10.34 11.55
CA THR A 221 26.58 9.10 12.12
C THR A 221 27.27 8.51 13.35
N ILE A 222 26.65 8.72 14.50
CA ILE A 222 27.07 8.20 15.78
C ILE A 222 26.15 7.06 16.16
N ARG A 223 26.70 5.89 16.47
CA ARG A 223 25.86 4.74 16.78
C ARG A 223 25.80 4.41 18.24
N TYR A 224 24.60 4.07 18.70
CA TYR A 224 24.38 3.67 20.07
C TYR A 224 23.61 2.38 20.17
N GLN A 225 23.87 1.64 21.22
CA GLN A 225 23.08 0.48 21.57
C GLN A 225 22.16 0.86 22.69
N ALA A 226 20.98 0.28 22.73
CA ALA A 226 20.07 0.58 23.82
C ALA A 226 19.41 -0.64 24.39
N THR A 227 19.18 -0.58 25.69
CA THR A 227 18.44 -1.60 26.39
C THR A 227 17.34 -0.98 27.25
N GLY A 228 16.13 -1.50 27.09
CA GLY A 228 14.97 -1.01 27.82
C GLY A 228 14.48 0.25 27.17
N PHE A 229 14.71 0.39 25.88
CA PHE A 229 14.39 1.63 25.18
C PHE A 229 13.08 2.34 25.51
N GLY A 230 11.97 1.63 25.62
CA GLY A 230 10.69 2.31 25.82
C GLY A 230 10.31 2.66 27.27
N THR A 231 11.14 2.32 28.25
CA THR A 231 10.79 2.58 29.66
C THR A 231 11.54 3.80 30.22
N ASN A 232 11.33 4.11 31.53
CA ASN A 232 11.91 5.26 32.25
C ASN A 232 13.38 5.05 32.60
N GLU A 233 13.74 3.85 33.11
CA GLU A 233 15.10 3.44 33.47
C GLU A 233 15.70 2.63 32.35
N THR A 234 16.57 3.26 31.57
CA THR A 234 17.14 2.62 30.39
C THR A 234 18.62 2.83 30.41
N GLU A 235 19.35 2.08 29.58
CA GLU A 235 20.78 2.31 29.50
C GLU A 235 21.28 2.34 28.06
N TYR A 236 22.33 3.13 27.84
CA TYR A 236 22.92 3.27 26.52
C TYR A 236 24.43 3.11 26.50
N LEU A 237 24.90 2.59 25.36
CA LEU A 237 26.32 2.46 25.05
C LEU A 237 26.70 3.10 23.74
N PHE A 238 27.84 3.74 23.71
CA PHE A 238 28.37 4.29 22.48
C PHE A 238 29.23 3.27 21.78
N GLU A 239 28.90 2.99 20.53
CA GLU A 239 29.60 1.96 19.79
C GLU A 239 30.80 2.48 19.02
N VAL A 240 31.95 1.90 19.32
CA VAL A 240 33.21 2.26 18.69
C VAL A 240 33.50 1.23 17.62
N ASP A 241 33.24 -0.02 17.97
CA ASP A 241 33.45 -1.16 17.08
C ASP A 241 32.42 -2.21 17.45
N ASN A 242 32.37 -3.38 16.75
CA ASN A 242 31.38 -4.45 17.03
C ASN A 242 31.47 -4.99 18.46
N LEU A 243 32.70 -5.05 19.00
CA LEU A 243 33.05 -5.51 20.33
C LEU A 243 33.57 -4.41 21.21
N THR A 244 33.44 -3.14 20.81
CA THR A 244 34.01 -2.10 21.68
C THR A 244 32.98 -1.02 21.97
N TYR A 245 32.71 -0.79 23.27
CA TYR A 245 31.69 0.17 23.67
C TYR A 245 32.13 1.07 24.80
N VAL A 246 31.53 2.24 24.86
CA VAL A 246 31.78 3.17 25.96
C VAL A 246 30.47 3.48 26.68
N GLN A 247 30.45 3.44 28.00
CA GLN A 247 29.21 3.76 28.70
C GLN A 247 28.81 5.17 28.36
N LEU A 248 27.53 5.39 28.09
CA LEU A 248 27.08 6.71 27.70
C LEU A 248 26.57 7.51 28.88
N GLU A 249 26.84 8.80 28.87
CA GLU A 249 26.35 9.71 29.90
C GLU A 249 25.73 10.94 29.25
N SER A 250 24.83 11.58 29.98
CA SER A 250 24.14 12.79 29.53
C SER A 250 25.05 14.00 29.43
N ARG A 251 26.25 13.91 30.00
CA ARG A 251 27.19 15.02 29.98
C ARG A 251 28.08 14.97 28.75
N PHE A 252 27.88 13.99 27.89
CA PHE A 252 28.70 13.91 26.69
C PHE A 252 28.05 14.62 25.53
N THR A 253 28.84 15.35 24.78
CA THR A 253 28.36 16.03 23.59
C THR A 253 28.78 15.19 22.40
N PRO A 254 28.18 15.34 21.21
CA PRO A 254 28.58 14.66 20.01
C PRO A 254 30.05 14.83 19.70
N GLN A 255 30.60 16.01 19.97
CA GLN A 255 32.00 16.22 19.67
C GLN A 255 32.88 15.41 20.60
N PHE A 256 32.44 15.29 21.84
CA PHE A 256 33.17 14.52 22.82
C PHE A 256 33.26 13.09 22.38
N LEU A 257 32.13 12.54 21.94
CA LEU A 257 32.12 11.16 21.52
C LEU A 257 33.01 10.95 20.32
N LEU A 258 33.05 11.91 19.39
CA LEU A 258 33.93 11.74 18.25
C LEU A 258 35.37 11.76 18.70
N GLN A 259 35.70 12.61 19.67
CA GLN A 259 37.08 12.66 20.13
C GLN A 259 37.45 11.36 20.81
N LEU A 260 36.52 10.77 21.57
CA LEU A 260 36.86 9.51 22.20
C LEU A 260 37.05 8.42 21.17
N ASN A 261 36.20 8.39 20.09
CA ASN A 261 36.29 7.39 19.03
C ASN A 261 37.66 7.45 18.35
N GLU A 262 38.21 8.67 18.12
CA GLU A 262 39.54 8.83 17.51
C GLU A 262 40.67 8.39 18.44
N THR A 263 40.63 8.72 19.73
CA THR A 263 41.78 8.30 20.50
C THR A 263 41.76 6.81 20.78
N ILE A 264 40.58 6.24 20.99
CA ILE A 264 40.48 4.83 21.27
C ILE A 264 40.80 4.01 20.06
N TYR A 265 40.21 4.37 18.92
CA TYR A 265 40.41 3.58 17.75
C TYR A 265 41.85 3.71 17.28
N ALA A 266 42.38 4.94 17.21
CA ALA A 266 43.73 5.20 16.74
C ALA A 266 44.81 4.57 17.59
N SER A 267 44.60 4.50 18.89
CA SER A 267 45.59 3.95 19.79
C SER A 267 45.49 2.44 19.92
N GLY A 268 44.47 1.85 19.29
CA GLY A 268 44.26 0.42 19.37
C GLY A 268 43.68 -0.07 20.69
N LYS A 269 42.98 0.76 21.45
CA LYS A 269 42.47 0.31 22.73
C LYS A 269 41.07 -0.27 22.53
N ARG A 270 41.04 -1.32 21.73
CA ARG A 270 39.83 -1.99 21.27
C ARG A 270 39.92 -3.47 21.54
N SER A 271 38.78 -4.14 21.56
CA SER A 271 38.84 -5.56 21.77
C SER A 271 39.60 -6.29 20.63
N ASN A 272 40.49 -7.22 21.02
CA ASN A 272 41.32 -8.14 20.21
C ASN A 272 40.78 -9.59 20.25
N THR A 273 40.26 -10.00 21.43
CA THR A 273 39.64 -11.29 21.78
C THR A 273 38.21 -11.23 21.29
N THR A 274 37.43 -12.28 21.52
CA THR A 274 36.07 -12.28 21.03
C THR A 274 35.11 -11.63 22.02
N GLY A 275 35.61 -11.18 23.17
CA GLY A 275 34.75 -10.58 24.17
C GLY A 275 34.48 -9.10 23.89
N LYS A 276 33.50 -8.54 24.59
CA LYS A 276 33.20 -7.13 24.45
C LYS A 276 34.00 -6.34 25.45
N LEU A 277 34.63 -5.28 24.98
CA LEU A 277 35.41 -4.43 25.86
C LEU A 277 34.58 -3.22 26.19
N ILE A 278 34.23 -3.06 27.45
CA ILE A 278 33.39 -1.93 27.81
C ILE A 278 34.15 -0.92 28.65
N TRP A 279 34.24 0.28 28.11
CA TRP A 279 34.92 1.41 28.69
C TRP A 279 34.07 2.27 29.59
N LYS A 280 34.67 2.80 30.63
CA LYS A 280 33.99 3.75 31.47
C LYS A 280 34.84 4.98 31.64
N VAL A 281 34.27 6.10 31.25
CA VAL A 281 34.97 7.37 31.27
C VAL A 281 35.35 7.75 32.67
N ASN A 282 36.52 8.31 32.84
CA ASN A 282 36.88 8.77 34.15
C ASN A 282 35.81 9.80 34.56
N PRO A 283 35.23 9.73 35.76
CA PRO A 283 34.24 10.67 36.26
C PRO A 283 34.59 12.17 36.16
N GLU A 284 35.91 12.53 36.16
CA GLU A 284 36.39 13.90 36.06
C GLU A 284 36.64 14.21 34.58
N GLU B 1 40.09 -9.62 39.20
CA GLU B 1 39.48 -8.86 40.30
C GLU B 1 38.04 -9.31 40.67
N VAL B 2 37.36 -10.00 39.73
CA VAL B 2 35.97 -10.48 39.83
C VAL B 2 35.88 -11.78 40.63
N GLN B 3 34.91 -11.82 41.54
CA GLN B 3 34.65 -12.99 42.38
C GLN B 3 33.16 -13.24 42.55
N LEU B 4 32.77 -14.50 42.49
CA LEU B 4 31.38 -14.84 42.74
C LEU B 4 31.28 -16.04 43.68
N VAL B 5 30.41 -15.96 44.69
CA VAL B 5 30.27 -17.07 45.64
C VAL B 5 28.88 -17.67 45.79
N GLU B 6 28.82 -18.99 45.54
CA GLU B 6 27.66 -19.86 45.60
C GLU B 6 27.13 -20.12 47.01
N SER B 7 25.82 -20.25 47.10
CA SER B 7 25.09 -20.62 48.31
C SER B 7 23.74 -21.25 47.95
N GLY B 8 22.95 -21.56 48.97
CA GLY B 8 21.63 -22.16 48.77
C GLY B 8 21.61 -23.66 48.50
N GLY B 9 22.68 -24.37 48.84
CA GLY B 9 22.75 -25.81 48.56
C GLY B 9 22.35 -26.63 49.79
N GLY B 10 22.93 -27.83 49.93
CA GLY B 10 22.58 -28.74 51.00
C GLY B 10 21.64 -29.84 50.55
N LEU B 11 21.00 -30.50 51.52
CA LEU B 11 20.17 -31.67 51.24
C LEU B 11 18.70 -31.37 50.97
N VAL B 12 18.26 -31.89 49.83
CA VAL B 12 16.91 -31.79 49.32
C VAL B 12 16.43 -33.20 48.94
N LYS B 13 15.16 -33.49 49.09
CA LYS B 13 14.67 -34.80 48.70
C LYS B 13 14.32 -34.84 47.20
N PRO B 14 14.47 -35.99 46.51
CA PRO B 14 14.11 -36.17 45.13
C PRO B 14 12.63 -36.00 45.03
N GLY B 15 12.20 -35.43 43.93
CA GLY B 15 10.81 -35.13 43.67
C GLY B 15 10.53 -33.69 44.08
N GLY B 16 11.47 -33.07 44.79
CA GLY B 16 11.31 -31.70 45.24
C GLY B 16 12.05 -30.73 44.33
N SER B 17 12.39 -29.58 44.92
CA SER B 17 13.06 -28.51 44.20
C SER B 17 13.83 -27.62 45.16
N LEU B 18 14.76 -26.86 44.60
CA LEU B 18 15.49 -25.85 45.36
C LEU B 18 16.02 -24.76 44.47
N ARG B 19 16.37 -23.62 45.06
CA ARG B 19 16.98 -22.57 44.27
C ARG B 19 18.33 -22.19 44.82
N LEU B 20 19.35 -22.26 43.99
CA LEU B 20 20.70 -21.91 44.39
C LEU B 20 20.92 -20.49 44.04
N SER B 21 21.88 -19.87 44.69
CA SER B 21 22.23 -18.50 44.39
C SER B 21 23.74 -18.36 44.32
N CYS B 22 24.24 -17.30 43.64
CA CYS B 22 25.65 -16.93 43.59
C CYS B 22 25.78 -15.41 43.50
N THR B 23 26.33 -14.82 44.55
CA THR B 23 26.43 -13.37 44.63
C THR B 23 27.86 -12.94 44.46
N GLY B 24 28.08 -11.96 43.60
CA GLY B 24 29.45 -11.52 43.42
C GLY B 24 29.70 -10.04 43.54
N SER B 25 30.95 -9.69 43.25
CA SER B 25 31.49 -8.35 43.29
C SER B 25 32.77 -8.26 42.46
N GLY B 26 33.30 -7.03 42.28
CA GLY B 26 34.58 -6.83 41.57
C GLY B 26 34.40 -6.48 40.10
N GLY B 27 33.16 -6.57 39.63
CA GLY B 27 32.80 -6.28 38.25
C GLY B 27 32.22 -4.88 38.16
N THR B 28 31.40 -4.66 37.14
CA THR B 28 30.80 -3.37 36.85
C THR B 28 29.30 -3.43 36.97
N GLY B 29 28.83 -4.50 37.59
CA GLY B 29 27.44 -4.83 37.75
C GLY B 29 27.25 -6.00 36.85
N PHE B 30 26.40 -6.95 37.20
CA PHE B 30 26.27 -8.16 36.40
C PHE B 30 25.07 -8.22 35.47
N THR B 31 24.37 -7.11 35.34
CA THR B 31 23.15 -7.13 34.53
C THR B 31 23.36 -6.53 33.15
N PHE B 32 24.00 -5.38 33.12
CA PHE B 32 24.21 -4.66 31.88
C PHE B 32 25.68 -4.42 31.80
N LYS B 33 26.24 -4.29 30.60
CA LYS B 33 27.67 -4.07 30.46
C LYS B 33 28.38 -5.17 31.19
N TYR B 34 27.96 -6.41 31.00
CA TYR B 34 28.60 -7.48 31.71
C TYR B 34 28.38 -8.78 31.02
N ALA B 35 29.24 -9.73 31.33
CA ALA B 35 29.16 -11.09 30.86
C ALA B 35 27.91 -11.75 31.38
N GLY B 36 27.40 -12.69 30.61
CA GLY B 36 26.28 -13.45 31.10
C GLY B 36 26.87 -14.45 32.05
N MET B 37 26.05 -15.24 32.72
CA MET B 37 26.61 -16.16 33.70
C MET B 37 26.05 -17.54 33.60
N SER B 38 26.92 -18.51 33.81
CA SER B 38 26.53 -19.89 33.70
C SER B 38 26.59 -20.68 34.97
N TRP B 39 25.87 -21.80 34.92
CA TRP B 39 26.01 -22.80 35.94
C TRP B 39 26.61 -24.03 35.27
N VAL B 40 27.50 -24.66 36.02
CA VAL B 40 28.21 -25.87 35.67
C VAL B 40 28.16 -26.78 36.89
N ARG B 41 28.00 -28.07 36.71
CA ARG B 41 28.04 -28.92 37.89
C ARG B 41 29.06 -30.00 37.74
N GLN B 42 29.58 -30.46 38.86
CA GLN B 42 30.50 -31.56 38.80
C GLN B 42 30.26 -32.54 39.92
N ALA B 43 29.76 -33.72 39.58
CA ALA B 43 29.53 -34.70 40.62
C ALA B 43 30.89 -35.18 41.05
N PRO B 44 31.13 -35.54 42.31
CA PRO B 44 32.39 -36.08 42.71
C PRO B 44 32.71 -37.29 41.83
N GLY B 45 33.95 -37.34 41.34
CA GLY B 45 34.40 -38.44 40.48
C GLY B 45 34.11 -38.22 38.99
N LYS B 46 33.39 -37.15 38.66
CA LYS B 46 32.99 -36.83 37.29
C LYS B 46 33.58 -35.50 36.84
N GLY B 47 33.62 -35.26 35.53
CA GLY B 47 34.07 -33.98 35.01
C GLY B 47 32.91 -32.98 35.08
N PRO B 48 33.12 -31.71 34.72
CA PRO B 48 32.14 -30.66 34.71
C PRO B 48 31.12 -30.85 33.60
N GLU B 49 29.89 -30.47 33.89
CA GLU B 49 28.78 -30.52 32.98
C GLU B 49 28.12 -29.15 32.85
N TRP B 50 27.92 -28.69 31.62
CA TRP B 50 27.28 -27.40 31.43
C TRP B 50 25.80 -27.51 31.76
N ILE B 51 25.25 -26.56 32.53
CA ILE B 51 23.82 -26.51 32.80
C ILE B 51 23.12 -25.51 31.91
N GLY B 52 23.66 -24.31 31.87
CA GLY B 52 23.07 -23.26 31.07
C GLY B 52 23.56 -21.89 31.48
N ARG B 53 23.26 -20.88 30.67
CA ARG B 53 23.69 -19.53 31.02
C ARG B 53 22.70 -18.45 30.66
N ILE B 54 22.63 -17.44 31.53
CA ILE B 54 21.79 -16.27 31.32
C ILE B 54 22.62 -15.19 30.70
N LYS B 55 22.15 -14.67 29.59
CA LYS B 55 22.86 -13.63 28.90
C LYS B 55 22.64 -12.33 29.60
N SER B 56 23.52 -11.39 29.37
CA SER B 56 23.35 -10.07 29.90
C SER B 56 22.20 -9.43 29.19
N ARG B 57 21.65 -8.37 29.76
CA ARG B 57 20.55 -7.67 29.13
C ARG B 57 20.94 -7.00 27.84
N ILE B 58 22.18 -6.53 27.72
CA ILE B 58 22.56 -5.86 26.50
C ILE B 58 22.62 -6.87 25.35
N ASP B 59 22.82 -8.14 25.70
CA ASP B 59 22.84 -9.24 24.74
C ASP B 59 21.49 -9.96 24.60
N GLY B 60 20.42 -9.40 25.18
CA GLY B 60 19.06 -9.94 25.11
C GLY B 60 18.45 -10.55 26.38
N GLY B 61 19.25 -10.91 27.37
CA GLY B 61 18.74 -11.45 28.63
C GLY B 61 18.09 -12.85 28.55
N THR B 62 18.47 -13.68 27.58
CA THR B 62 17.86 -15.00 27.41
C THR B 62 18.69 -16.09 28.05
N THR B 63 18.11 -17.30 28.20
CA THR B 63 18.91 -18.39 28.74
C THR B 63 19.08 -19.55 27.76
N ASP B 64 20.34 -19.91 27.56
CA ASP B 64 20.75 -21.03 26.71
C ASP B 64 20.98 -22.25 27.60
N TYR B 65 20.25 -23.33 27.35
CA TYR B 65 20.38 -24.51 28.23
C TYR B 65 21.05 -25.70 27.61
N ALA B 66 21.73 -26.45 28.49
CA ALA B 66 22.32 -27.72 28.17
C ALA B 66 21.21 -28.74 28.04
N ALA B 67 21.35 -29.69 27.12
CA ALA B 67 20.29 -30.68 26.95
C ALA B 67 19.86 -31.44 28.23
N PRO B 68 20.76 -31.90 29.12
CA PRO B 68 20.45 -32.68 30.31
C PRO B 68 19.54 -32.01 31.32
N VAL B 69 19.40 -30.69 31.26
CA VAL B 69 18.59 -30.01 32.23
C VAL B 69 17.37 -29.33 31.61
N LYS B 70 17.16 -29.57 30.32
CA LYS B 70 16.04 -28.90 29.68
C LYS B 70 14.75 -29.36 30.29
N ASP B 71 13.87 -28.38 30.50
CA ASP B 71 12.55 -28.53 31.10
C ASP B 71 12.58 -28.89 32.59
N ARG B 72 13.76 -28.81 33.22
CA ARG B 72 13.85 -29.05 34.65
C ARG B 72 14.54 -27.89 35.36
N PHE B 73 15.64 -27.41 34.81
CA PHE B 73 16.36 -26.36 35.50
C PHE B 73 16.14 -25.03 34.81
N ILE B 74 16.05 -23.96 35.60
CA ILE B 74 15.95 -22.60 35.09
C ILE B 74 17.07 -21.66 35.56
N VAL B 75 17.73 -20.99 34.62
CA VAL B 75 18.80 -20.06 35.01
C VAL B 75 18.26 -18.64 34.87
N SER B 76 18.35 -17.88 35.96
CA SER B 76 17.82 -16.53 36.02
C SER B 76 18.69 -15.63 36.89
N ARG B 77 18.45 -14.32 36.83
CA ARG B 77 19.27 -13.37 37.60
C ARG B 77 18.44 -12.30 38.30
N ASP B 78 18.94 -11.86 39.45
CA ASP B 78 18.34 -10.76 40.19
C ASP B 78 19.12 -9.52 39.76
N ASP B 79 18.49 -8.80 38.85
CA ASP B 79 19.13 -7.66 38.19
C ASP B 79 19.52 -6.63 39.21
N SER B 80 20.73 -6.11 39.04
CA SER B 80 21.33 -5.07 39.88
C SER B 80 21.60 -5.49 41.31
N ARG B 81 21.44 -6.79 41.63
CA ARG B 81 21.77 -7.30 42.95
C ARG B 81 22.97 -8.20 42.82
N ASN B 82 23.49 -8.24 41.61
CA ASN B 82 24.63 -9.01 41.21
C ASN B 82 24.50 -10.45 41.65
N THR B 83 23.27 -11.00 41.54
CA THR B 83 23.11 -12.37 41.98
C THR B 83 22.47 -13.28 40.96
N LEU B 84 23.15 -14.38 40.75
CA LEU B 84 22.74 -15.42 39.83
C LEU B 84 21.99 -16.50 40.56
N TYR B 85 20.90 -16.99 39.97
CA TYR B 85 20.15 -18.07 40.58
C TYR B 85 19.90 -19.27 39.67
N LEU B 86 19.83 -20.45 40.29
CA LEU B 86 19.47 -21.66 39.56
C LEU B 86 18.31 -22.37 40.22
N GLN B 87 17.21 -22.48 39.51
CA GLN B 87 16.02 -23.14 40.04
C GLN B 87 15.99 -24.55 39.52
N MET B 88 16.17 -25.52 40.40
CA MET B 88 16.20 -26.90 39.95
C MET B 88 14.95 -27.64 40.38
N ASN B 89 14.12 -28.01 39.41
CA ASN B 89 12.90 -28.70 39.72
C ASN B 89 13.01 -30.17 39.40
N SER B 90 11.98 -30.94 39.74
CA SER B 90 11.92 -32.36 39.40
C SER B 90 13.21 -33.07 39.75
N LEU B 91 13.70 -32.84 40.96
CA LEU B 91 14.98 -33.38 41.34
C LEU B 91 15.05 -34.88 41.41
N LYS B 92 16.15 -35.41 40.92
CA LYS B 92 16.42 -36.83 40.97
C LYS B 92 17.76 -37.02 41.69
N THR B 93 18.04 -38.21 42.19
CA THR B 93 19.28 -38.39 42.95
C THR B 93 20.54 -38.27 42.07
N GLU B 94 20.32 -38.34 40.75
CA GLU B 94 21.35 -38.20 39.72
C GLU B 94 21.89 -36.77 39.70
N ASP B 95 21.15 -35.84 40.33
CA ASP B 95 21.49 -34.44 40.35
C ASP B 95 22.42 -34.10 41.52
N THR B 96 22.83 -35.09 42.31
CA THR B 96 23.78 -34.75 43.36
C THR B 96 25.06 -34.33 42.66
N ALA B 97 25.54 -33.13 42.99
CA ALA B 97 26.75 -32.60 42.36
C ALA B 97 27.20 -31.36 43.05
N VAL B 98 28.42 -30.93 42.76
CA VAL B 98 28.81 -29.60 43.23
C VAL B 98 28.41 -28.62 42.15
N TYR B 99 27.63 -27.62 42.52
CA TYR B 99 27.13 -26.64 41.58
C TYR B 99 27.88 -25.35 41.63
N TYR B 100 28.45 -24.99 40.51
CA TYR B 100 29.28 -23.82 40.38
C TYR B 100 28.63 -22.78 39.50
N CYS B 101 28.89 -21.51 39.82
CA CYS B 101 28.55 -20.35 39.01
C CYS B 101 29.87 -20.01 38.29
N ALA B 102 29.74 -19.51 37.09
CA ALA B 102 30.94 -19.16 36.36
C ALA B 102 30.76 -17.94 35.48
N THR B 103 31.81 -17.12 35.45
CA THR B 103 31.77 -15.87 34.73
C THR B 103 32.88 -15.59 33.71
N GLY B 104 32.45 -15.13 32.56
CA GLY B 104 33.33 -14.71 31.49
C GLY B 104 33.78 -13.27 31.66
N SER B 105 34.47 -12.98 32.74
CA SER B 105 34.86 -11.58 32.99
C SER B 105 36.32 -11.41 33.37
N GLY B 106 36.64 -10.22 33.86
CA GLY B 106 37.97 -9.82 34.23
C GLY B 106 38.24 -8.44 33.65
N LYS B 107 39.19 -7.73 34.23
CA LYS B 107 39.54 -6.38 33.83
C LYS B 107 40.37 -6.35 32.55
N GLY B 108 40.17 -5.31 31.74
CA GLY B 108 40.87 -5.07 30.49
C GLY B 108 41.85 -3.93 30.64
N PRO B 109 42.41 -3.37 29.54
CA PRO B 109 43.37 -2.30 29.54
C PRO B 109 42.76 -0.99 29.95
N SER B 110 43.55 -0.14 30.58
CA SER B 110 43.13 1.21 30.93
C SER B 110 43.73 2.22 29.97
N ALA B 111 43.28 3.46 30.09
CA ALA B 111 43.75 4.56 29.27
C ALA B 111 43.62 5.83 30.07
N SER B 112 44.28 6.93 29.68
CA SER B 112 44.17 8.18 30.45
C SER B 112 42.73 8.68 30.50
N PHE B 113 41.97 8.20 29.54
CA PHE B 113 40.56 8.35 29.34
C PHE B 113 39.65 7.77 30.43
N GLY B 114 39.92 6.52 30.82
CA GLY B 114 39.04 5.76 31.70
C GLY B 114 39.48 4.31 31.94
N GLU B 115 38.58 3.52 32.52
CA GLU B 115 38.82 2.11 32.90
C GLU B 115 38.09 1.15 31.98
N SER B 116 38.52 -0.12 31.92
CA SER B 116 37.77 -1.04 31.06
C SER B 116 37.81 -2.50 31.51
N TYR B 117 36.74 -3.22 31.17
CA TYR B 117 36.55 -4.68 31.40
C TYR B 117 36.17 -5.48 30.16
N TYR B 118 36.54 -6.76 30.12
CA TYR B 118 36.13 -7.61 29.00
C TYR B 118 35.08 -8.62 29.38
N TYR B 119 34.12 -8.81 28.50
CA TYR B 119 33.10 -9.81 28.72
C TYR B 119 33.15 -10.88 27.64
N TYR B 120 33.43 -12.09 28.08
CA TYR B 120 33.73 -13.23 27.25
C TYR B 120 32.64 -14.27 27.10
N ASP B 121 32.86 -15.12 26.11
CA ASP B 121 32.08 -16.28 25.72
C ASP B 121 32.67 -17.61 26.26
N PHE B 122 33.52 -17.49 27.27
CA PHE B 122 34.20 -18.57 27.99
C PHE B 122 34.42 -18.13 29.43
N ILE B 123 34.84 -19.05 30.29
CA ILE B 123 34.99 -18.72 31.70
C ILE B 123 36.38 -18.47 32.25
N ASN B 124 36.54 -17.32 32.91
CA ASN B 124 37.78 -16.98 33.59
C ASN B 124 37.62 -17.12 35.08
N VAL B 125 36.41 -16.86 35.58
CA VAL B 125 36.15 -16.83 36.98
C VAL B 125 35.20 -17.92 37.41
N TRP B 126 35.66 -18.74 38.33
CA TRP B 126 34.83 -19.79 38.86
C TRP B 126 34.55 -19.51 40.31
N GLY B 127 33.37 -19.89 40.79
CA GLY B 127 33.09 -19.75 42.20
C GLY B 127 33.65 -20.97 42.94
N LYS B 128 33.28 -21.12 44.21
CA LYS B 128 33.84 -22.22 45.01
C LYS B 128 33.08 -23.52 44.79
N GLY B 129 31.79 -23.40 44.50
CA GLY B 129 30.90 -24.52 44.29
C GLY B 129 30.08 -24.85 45.53
N THR B 130 28.77 -24.99 45.38
CA THR B 130 27.93 -25.35 46.53
C THR B 130 27.46 -26.76 46.32
N THR B 131 27.60 -27.60 47.33
CA THR B 131 27.20 -28.98 47.12
C THR B 131 25.71 -29.14 47.33
N VAL B 132 25.07 -29.79 46.38
CA VAL B 132 23.66 -30.09 46.44
C VAL B 132 23.51 -31.59 46.47
N THR B 133 22.83 -32.05 47.50
CA THR B 133 22.64 -33.48 47.67
C THR B 133 21.19 -33.81 47.48
N VAL B 134 20.92 -34.75 46.61
CA VAL B 134 19.55 -35.15 46.42
C VAL B 134 19.50 -36.61 46.86
N SER B 135 18.70 -36.88 47.88
CA SER B 135 18.65 -38.25 48.40
C SER B 135 17.34 -38.53 49.15
N SER B 136 17.02 -39.83 49.36
CA SER B 136 15.82 -40.32 50.08
C SER B 136 16.04 -40.38 51.61
N GLU C 1 24.76 -33.92 18.31
CA GLU C 1 25.32 -32.67 18.78
C GLU C 1 26.84 -32.73 18.58
N SER C 2 27.54 -31.62 18.95
CA SER C 2 29.00 -31.49 18.90
C SER C 2 29.55 -31.93 20.24
N VAL C 3 30.19 -33.09 20.25
CA VAL C 3 30.67 -33.77 21.44
C VAL C 3 32.18 -33.99 21.43
N LEU C 4 32.82 -33.69 22.55
CA LEU C 4 34.27 -33.84 22.74
C LEU C 4 34.72 -35.15 23.37
N THR C 5 35.63 -35.86 22.71
CA THR C 5 36.21 -37.07 23.27
C THR C 5 37.73 -36.96 23.36
N GLN C 6 38.27 -37.19 24.55
CA GLN C 6 39.71 -37.14 24.79
C GLN C 6 40.41 -38.46 24.64
N SER C 7 41.67 -38.38 24.21
CA SER C 7 42.56 -39.54 24.12
C SER C 7 44.05 -39.13 24.21
N PRO C 8 44.86 -39.89 24.97
CA PRO C 8 44.58 -41.09 25.77
C PRO C 8 43.83 -40.74 27.06
N GLY C 9 43.16 -41.74 27.64
CA GLY C 9 42.47 -41.55 28.93
C GLY C 9 43.44 -41.18 30.07
N THR C 10 44.65 -41.73 30.00
CA THR C 10 45.70 -41.43 30.97
C THR C 10 47.01 -41.20 30.22
N LEU C 11 47.75 -40.20 30.62
CA LEU C 11 49.06 -39.96 30.05
C LEU C 11 50.06 -40.38 31.09
N SER C 12 51.18 -40.96 30.67
CA SER C 12 52.20 -41.34 31.63
C SER C 12 53.59 -40.91 31.20
N LEU C 13 54.15 -39.98 31.95
CA LEU C 13 55.45 -39.41 31.63
C LEU C 13 56.20 -38.85 32.82
N SER C 14 57.51 -39.00 32.83
CA SER C 14 58.31 -38.44 33.89
C SER C 14 58.28 -36.92 33.77
N PRO C 15 58.38 -36.16 34.86
CA PRO C 15 58.43 -34.72 34.79
C PRO C 15 59.67 -34.37 34.00
N GLY C 16 59.54 -33.36 33.16
CA GLY C 16 60.61 -32.89 32.29
C GLY C 16 60.45 -33.42 30.87
N GLU C 17 59.57 -34.41 30.68
CA GLU C 17 59.29 -34.97 29.38
C GLU C 17 58.11 -34.21 28.78
N ARG C 18 58.01 -34.19 27.46
CA ARG C 18 56.93 -33.56 26.71
C ARG C 18 55.62 -34.33 26.81
N ALA C 19 54.50 -33.63 26.86
CA ALA C 19 53.21 -34.33 26.89
C ALA C 19 52.19 -33.72 25.96
N THR C 20 51.42 -34.58 25.30
CA THR C 20 50.32 -34.09 24.49
C THR C 20 49.05 -34.86 24.74
N LEU C 21 47.95 -34.13 24.69
CA LEU C 21 46.61 -34.67 24.80
C LEU C 21 45.71 -34.15 23.71
N SER C 22 45.01 -35.04 23.03
CA SER C 22 44.15 -34.59 21.95
C SER C 22 42.66 -34.81 22.27
N CYS C 23 41.79 -34.01 21.62
CA CYS C 23 40.33 -34.13 21.61
C CYS C 23 39.81 -34.18 20.19
N ARG C 24 38.86 -35.07 19.99
CA ARG C 24 38.19 -35.14 18.72
C ARG C 24 36.75 -34.77 18.88
N ALA C 25 36.33 -33.78 18.12
CA ALA C 25 34.97 -33.33 18.14
C ALA C 25 34.16 -34.09 17.12
N SER C 26 32.90 -34.34 17.45
CA SER C 26 31.97 -34.95 16.50
C SER C 26 31.61 -34.02 15.34
N GLN C 27 31.86 -32.71 15.51
CA GLN C 27 31.56 -31.73 14.47
C GLN C 27 32.74 -30.80 14.30
N SER C 28 32.95 -30.31 13.08
CA SER C 28 34.02 -29.35 12.80
C SER C 28 33.73 -28.04 13.48
N ILE C 29 34.77 -27.41 13.99
CA ILE C 29 34.67 -26.14 14.67
C ILE C 29 35.84 -25.19 14.42
N SER C 30 35.55 -23.89 14.30
CA SER C 30 36.58 -22.88 14.12
C SER C 30 37.41 -22.74 15.38
N ARG C 31 38.68 -22.35 15.19
CA ARG C 31 39.65 -22.22 16.28
C ARG C 31 39.24 -21.30 17.41
N LYS C 32 38.56 -20.23 17.08
CA LYS C 32 38.21 -19.24 18.08
C LYS C 32 37.26 -19.76 19.15
N TYR C 33 36.64 -20.91 18.92
CA TYR C 33 35.67 -21.42 19.87
C TYR C 33 36.19 -22.54 20.79
N LEU C 34 37.50 -22.77 20.83
CA LEU C 34 38.01 -23.86 21.67
C LEU C 34 38.78 -23.43 22.92
N ALA C 35 38.73 -24.27 23.95
CA ALA C 35 39.48 -24.05 25.19
C ALA C 35 39.81 -25.36 25.90
N TRP C 36 40.81 -25.30 26.76
CA TRP C 36 41.18 -26.43 27.63
C TRP C 36 41.20 -25.95 29.05
N TYR C 37 40.89 -26.81 30.00
CA TYR C 37 40.95 -26.42 31.41
C TYR C 37 41.79 -27.38 32.26
N GLN C 38 42.44 -26.85 33.29
CA GLN C 38 43.28 -27.64 34.23
C GLN C 38 42.69 -27.79 35.62
N GLN C 39 42.39 -29.02 36.04
CA GLN C 39 41.78 -29.18 37.35
C GLN C 39 42.54 -30.07 38.34
N LYS C 40 42.58 -29.58 39.57
CA LYS C 40 43.16 -30.32 40.67
C LYS C 40 42.05 -30.48 41.70
N PRO C 41 42.06 -31.53 42.53
CA PRO C 41 41.07 -31.73 43.56
C PRO C 41 40.99 -30.52 44.45
N GLY C 42 39.77 -30.12 44.78
CA GLY C 42 39.54 -28.97 45.63
C GLY C 42 39.52 -27.63 44.89
N GLN C 43 39.75 -27.66 43.57
CA GLN C 43 39.79 -26.43 42.81
C GLN C 43 38.87 -26.45 41.61
N ALA C 44 38.31 -25.30 41.24
CA ALA C 44 37.57 -25.21 40.00
C ALA C 44 38.63 -25.20 38.89
N PRO C 45 38.37 -25.69 37.68
CA PRO C 45 39.34 -25.76 36.60
C PRO C 45 39.89 -24.38 36.18
N ARG C 46 41.20 -24.31 35.90
CA ARG C 46 41.80 -23.06 35.44
C ARG C 46 41.66 -22.96 33.94
N LEU C 47 41.51 -21.75 33.40
CA LEU C 47 41.33 -21.64 31.95
C LEU C 47 42.48 -22.07 31.05
N LEU C 48 43.74 -21.86 31.39
CA LEU C 48 44.88 -22.25 30.52
C LEU C 48 45.01 -21.62 29.13
N ILE C 49 44.10 -21.99 28.25
CA ILE C 49 44.08 -21.63 26.84
C ILE C 49 42.66 -21.46 26.33
N TYR C 50 42.46 -20.51 25.42
CA TYR C 50 41.17 -20.31 24.80
C TYR C 50 41.35 -19.91 23.35
N GLY C 51 40.34 -20.12 22.53
CA GLY C 51 40.44 -19.69 21.14
C GLY C 51 41.43 -20.58 20.41
N SER C 52 41.57 -21.82 20.91
CA SER C 52 42.48 -22.86 20.44
C SER C 52 43.94 -22.56 20.75
N SER C 53 44.45 -21.43 20.24
CA SER C 53 45.84 -21.03 20.41
C SER C 53 46.14 -19.79 21.28
N SER C 54 45.15 -19.13 21.88
CA SER C 54 45.45 -17.93 22.67
C SER C 54 45.58 -18.25 24.14
N ARG C 55 46.70 -17.91 24.74
CA ARG C 55 46.86 -18.28 26.13
C ARG C 55 46.02 -17.44 27.06
N ALA C 56 45.55 -18.06 28.12
CA ALA C 56 44.88 -17.35 29.18
C ALA C 56 45.99 -16.65 29.93
N THR C 57 45.70 -15.58 30.65
CA THR C 57 46.79 -14.98 31.38
C THR C 57 47.03 -15.74 32.67
N GLY C 58 48.23 -15.58 33.25
CA GLY C 58 48.59 -16.27 34.49
C GLY C 58 49.07 -17.70 34.21
N ILE C 59 49.22 -18.00 32.93
CA ILE C 59 49.61 -19.31 32.43
C ILE C 59 50.99 -19.29 31.79
N PRO C 60 51.90 -20.20 32.17
CA PRO C 60 53.23 -20.38 31.63
C PRO C 60 53.23 -20.69 30.14
N ASP C 61 54.29 -20.26 29.47
CA ASP C 61 54.50 -20.41 28.03
C ASP C 61 54.65 -21.85 27.57
N ARG C 62 54.94 -22.74 28.51
CA ARG C 62 55.08 -24.14 28.21
C ARG C 62 53.76 -24.75 27.77
N PHE C 63 52.63 -24.08 28.07
CA PHE C 63 51.32 -24.57 27.66
C PHE C 63 50.93 -23.92 26.34
N SER C 64 50.70 -24.74 25.32
CA SER C 64 50.33 -24.18 24.02
C SER C 64 49.32 -25.05 23.27
N GLY C 65 48.21 -24.44 22.86
CA GLY C 65 47.20 -25.20 22.14
C GLY C 65 47.32 -25.06 20.63
N SER C 66 46.75 -26.02 19.90
CA SER C 66 46.71 -25.97 18.45
C SER C 66 45.58 -26.85 17.90
N GLY C 67 45.26 -26.70 16.62
CA GLY C 67 44.26 -27.56 16.00
C GLY C 67 43.29 -26.85 15.09
N SER C 68 42.48 -27.64 14.40
CA SER C 68 41.48 -27.16 13.45
C SER C 68 40.45 -28.25 13.16
N GLY C 69 39.33 -27.88 12.53
CA GLY C 69 38.38 -28.91 12.14
C GLY C 69 37.85 -29.60 13.38
N THR C 70 38.07 -30.90 13.46
CA THR C 70 37.62 -31.70 14.59
C THR C 70 38.73 -32.10 15.52
N ASP C 71 39.96 -31.78 15.18
CA ASP C 71 41.09 -32.27 15.96
C ASP C 71 41.96 -31.20 16.62
N PHE C 72 41.89 -31.20 17.95
CA PHE C 72 42.61 -30.21 18.75
C PHE C 72 43.52 -30.85 19.78
N THR C 73 44.65 -30.21 20.03
CA THR C 73 45.64 -30.71 20.98
C THR C 73 46.18 -29.65 21.94
N LEU C 74 46.49 -30.09 23.16
CA LEU C 74 47.21 -29.27 24.12
C LEU C 74 48.57 -29.88 24.32
N THR C 75 49.60 -29.09 24.07
CA THR C 75 50.96 -29.54 24.24
C THR C 75 51.62 -28.83 25.38
N ILE C 76 52.25 -29.61 26.25
CA ILE C 76 53.02 -29.04 27.31
C ILE C 76 54.45 -29.38 26.92
N SER C 77 55.28 -28.35 26.67
CA SER C 77 56.63 -28.62 26.13
C SER C 77 57.51 -29.44 27.06
N ARG C 78 57.32 -29.26 28.35
CA ARG C 78 57.99 -29.99 29.41
C ARG C 78 56.95 -30.08 30.48
N LEU C 79 56.58 -31.25 30.91
CA LEU C 79 55.54 -31.30 31.92
C LEU C 79 56.18 -31.24 33.29
N GLU C 80 55.80 -30.25 34.10
CA GLU C 80 56.41 -30.10 35.42
C GLU C 80 55.57 -30.88 36.44
N PRO C 81 56.11 -31.28 37.62
CA PRO C 81 55.35 -31.98 38.67
C PRO C 81 54.03 -31.29 39.02
N GLU C 82 54.03 -29.97 38.98
CA GLU C 82 52.86 -29.16 39.32
C GLU C 82 51.78 -29.18 38.25
N ASP C 83 52.12 -29.70 37.08
CA ASP C 83 51.21 -29.74 35.95
C ASP C 83 50.51 -31.10 35.84
N PHE C 84 50.76 -32.03 36.76
CA PHE C 84 50.10 -33.34 36.63
C PHE C 84 48.68 -33.33 37.21
N ALA C 85 47.82 -32.68 36.44
CA ALA C 85 46.42 -32.37 36.69
C ALA C 85 45.50 -33.11 35.73
N VAL C 86 44.19 -32.96 35.94
CA VAL C 86 43.24 -33.53 35.00
C VAL C 86 42.91 -32.46 33.97
N TYR C 87 43.01 -32.81 32.71
CA TYR C 87 42.74 -31.81 31.69
C TYR C 87 41.44 -32.09 30.96
N TYR C 88 40.75 -31.02 30.64
CA TYR C 88 39.48 -31.09 29.92
C TYR C 88 39.48 -30.20 28.69
N CYS C 89 38.75 -30.59 27.62
CA CYS C 89 38.46 -29.75 26.46
C CYS C 89 37.14 -29.06 26.66
N HIS C 90 36.98 -27.96 25.96
CA HIS C 90 35.74 -27.25 25.94
C HIS C 90 35.52 -26.55 24.62
N GLN C 91 34.28 -26.52 24.18
CA GLN C 91 33.97 -25.82 22.96
C GLN C 91 32.72 -24.98 23.10
N TYR C 92 32.70 -23.84 22.39
CA TYR C 92 31.60 -22.89 22.58
C TYR C 92 30.46 -23.09 21.58
N GLU C 93 30.79 -23.58 20.39
CA GLU C 93 29.86 -23.86 19.29
C GLU C 93 28.99 -22.70 18.84
N SER C 94 29.39 -21.50 19.18
CA SER C 94 28.66 -20.28 18.88
C SER C 94 27.32 -20.19 19.64
N SER C 95 27.04 -21.17 20.54
CA SER C 95 25.83 -21.19 21.37
C SER C 95 25.78 -22.27 22.48
N PRO C 96 25.63 -23.61 22.22
CA PRO C 96 25.65 -24.64 23.25
C PRO C 96 27.06 -24.87 23.71
N TRP C 97 27.26 -25.19 24.96
CA TRP C 97 28.61 -25.51 25.40
C TRP C 97 28.81 -26.98 25.72
N THR C 98 29.99 -27.48 25.37
CA THR C 98 30.40 -28.87 25.63
C THR C 98 31.75 -29.00 26.33
N PHE C 99 31.82 -29.89 27.33
CA PHE C 99 33.06 -30.24 28.05
C PHE C 99 33.52 -31.67 27.68
N GLY C 100 34.84 -31.92 27.72
CA GLY C 100 35.38 -33.27 27.49
C GLY C 100 35.21 -34.11 28.76
N GLN C 101 35.57 -35.40 28.71
CA GLN C 101 35.33 -36.23 29.90
C GLN C 101 36.34 -36.11 31.06
N GLY C 102 37.55 -35.62 30.79
CA GLY C 102 38.58 -35.49 31.79
C GLY C 102 39.64 -36.55 31.63
N THR C 103 40.86 -36.09 31.38
CA THR C 103 42.02 -36.95 31.19
C THR C 103 43.04 -36.75 32.26
N LYS C 104 43.50 -37.85 32.84
CA LYS C 104 44.47 -37.76 33.92
C LYS C 104 45.89 -37.81 33.44
N VAL C 105 46.73 -36.94 33.96
CA VAL C 105 48.13 -37.00 33.62
C VAL C 105 48.90 -37.46 34.86
N GLU C 106 49.68 -38.54 34.71
CA GLU C 106 50.42 -39.15 35.82
C GLU C 106 51.91 -39.32 35.50
N ILE C 107 52.77 -39.37 36.56
CA ILE C 107 54.22 -39.61 36.47
C ILE C 107 54.46 -41.10 36.19
N VAL D 43 2.84 41.58 18.34
CA VAL D 43 1.94 40.89 19.28
C VAL D 43 2.47 39.50 19.77
N ILE D 44 3.73 39.14 19.44
CA ILE D 44 4.38 37.86 19.79
C ILE D 44 5.43 38.04 20.84
N VAL D 45 5.24 37.39 21.97
CA VAL D 45 6.20 37.48 23.05
C VAL D 45 6.91 36.16 23.21
N ASN D 46 8.19 36.14 22.89
CA ASN D 46 8.94 34.91 22.97
C ASN D 46 9.26 34.61 24.41
N ALA D 47 8.74 33.48 24.88
CA ALA D 47 8.85 33.10 26.26
C ALA D 47 9.64 31.81 26.42
N GLN D 48 10.52 31.55 25.48
CA GLN D 48 11.31 30.34 25.53
C GLN D 48 12.54 30.57 26.38
N PRO D 49 13.08 29.55 27.06
CA PRO D 49 14.31 29.60 27.83
C PRO D 49 15.47 30.20 27.09
N LYS D 50 15.57 29.94 25.80
CA LYS D 50 16.64 30.49 25.00
C LYS D 50 16.20 30.47 23.55
N CYS D 51 16.97 31.13 22.66
CA CYS D 51 16.67 31.25 21.24
C CYS D 51 17.94 31.27 20.39
N ASN D 52 17.98 30.43 19.37
CA ASN D 52 19.04 30.55 18.41
C ASN D 52 18.61 31.72 17.53
N PRO D 53 19.33 32.85 17.51
CA PRO D 53 18.97 34.06 16.84
C PRO D 53 19.07 33.95 15.35
N ASN D 54 19.62 32.87 14.82
CA ASN D 54 19.74 32.83 13.39
C ASN D 54 19.24 31.55 12.75
N LEU D 55 18.97 31.61 11.46
CA LEU D 55 18.49 30.46 10.74
C LEU D 55 19.40 30.02 9.65
N HIS D 56 19.64 28.74 9.65
CA HIS D 56 20.40 28.13 8.61
C HIS D 56 19.35 27.28 7.98
N TYR D 57 18.98 27.60 6.77
CA TYR D 57 17.83 26.98 6.15
C TYR D 57 18.11 26.31 4.84
N TRP D 58 17.19 25.42 4.50
CA TRP D 58 17.15 24.76 3.22
C TRP D 58 15.74 24.78 2.65
N THR D 59 15.67 24.70 1.34
CA THR D 59 14.39 24.62 0.62
C THR D 59 14.54 24.09 -0.80
N THR D 60 13.44 24.02 -1.54
CA THR D 60 13.43 23.47 -2.89
C THR D 60 12.88 24.43 -3.91
N GLN D 61 13.78 25.15 -4.58
CA GLN D 61 13.39 26.17 -5.53
C GLN D 61 14.11 25.95 -6.84
N GLY D 68 20.69 22.87 -18.90
CA GLY D 68 20.09 22.62 -20.20
C GLY D 68 19.14 21.42 -20.12
N LEU D 69 19.72 20.23 -19.82
CA LEU D 69 19.02 18.96 -19.64
C LEU D 69 18.74 18.74 -18.18
N ALA D 70 19.14 19.69 -17.37
CA ALA D 70 19.03 19.58 -15.92
C ALA D 70 17.62 19.36 -15.45
N TRP D 71 16.63 19.90 -16.15
CA TRP D 71 15.24 19.75 -15.76
C TRP D 71 14.68 18.35 -15.98
N ILE D 72 15.34 17.55 -16.79
CA ILE D 72 14.86 16.22 -17.10
C ILE D 72 15.22 15.29 -15.95
N PRO D 73 14.29 14.59 -15.28
CA PRO D 73 14.53 13.70 -14.15
C PRO D 73 15.64 12.68 -14.40
N TYR D 74 15.76 12.24 -15.64
CA TYR D 74 16.78 11.30 -16.05
C TYR D 74 18.19 11.87 -15.91
N PHE D 75 18.37 13.15 -16.22
CA PHE D 75 19.70 13.75 -16.18
C PHE D 75 19.93 14.66 -14.98
N GLY D 76 18.86 15.02 -14.30
CA GLY D 76 18.96 15.94 -13.20
C GLY D 76 19.56 15.28 -11.97
N PRO D 77 19.66 16.01 -10.86
CA PRO D 77 20.25 15.58 -9.61
C PRO D 77 19.42 14.58 -8.85
N ALA D 78 20.09 13.81 -8.01
CA ALA D 78 19.45 12.87 -7.10
C ALA D 78 18.81 13.68 -6.01
N ALA D 79 17.84 13.10 -5.30
CA ALA D 79 17.09 13.82 -4.29
C ALA D 79 17.92 14.53 -3.24
N GLU D 80 19.05 13.99 -2.85
CA GLU D 80 19.81 14.68 -1.82
C GLU D 80 20.36 16.04 -2.27
N GLY D 81 20.44 16.24 -3.59
CA GLY D 81 20.97 17.42 -4.23
C GLY D 81 19.94 18.41 -4.76
N ILE D 82 18.66 18.27 -4.41
CA ILE D 82 17.69 19.19 -5.01
C ILE D 82 17.39 20.39 -4.12
N TYR D 83 18.13 20.53 -3.05
CA TYR D 83 17.89 21.59 -2.10
C TYR D 83 18.87 22.73 -2.21
N THR D 84 18.39 23.93 -1.92
CA THR D 84 19.22 25.11 -1.84
C THR D 84 19.46 25.44 -0.38
N GLU D 85 20.27 26.45 -0.12
CA GLU D 85 20.63 26.77 1.25
C GLU D 85 21.07 28.22 1.48
N GLY D 86 21.01 28.66 2.73
CA GLY D 86 21.55 29.98 3.11
C GLY D 86 21.28 30.36 4.56
N LEU D 87 21.75 31.55 4.96
CA LEU D 87 21.53 32.01 6.33
C LEU D 87 20.71 33.29 6.40
N MET D 88 19.98 33.44 7.48
CA MET D 88 19.27 34.67 7.82
C MET D 88 19.55 35.04 9.27
N HIS D 89 19.67 36.33 9.56
CA HIS D 89 19.86 36.73 10.94
C HIS D 89 18.60 37.31 11.53
N ASN D 90 18.65 37.66 12.81
CA ASN D 90 17.46 38.13 13.53
C ASN D 90 17.14 39.57 13.27
N GLN D 91 16.82 39.87 12.04
CA GLN D 91 16.59 41.23 11.68
C GLN D 91 15.30 41.67 12.32
N ASP D 92 15.40 42.72 13.11
CA ASP D 92 14.29 43.31 13.80
C ASP D 92 13.49 42.31 14.64
N GLY D 93 14.15 41.34 15.24
CA GLY D 93 13.44 40.41 16.12
C GLY D 93 12.67 39.31 15.41
N LEU D 94 12.77 39.23 14.10
CA LEU D 94 12.01 38.27 13.33
C LEU D 94 12.27 36.81 13.65
N ILE D 95 13.50 36.40 13.88
CA ILE D 95 13.68 34.97 14.05
C ILE D 95 13.13 34.42 15.34
N CYS D 96 13.37 35.10 16.48
CA CYS D 96 12.86 34.67 17.77
C CYS D 96 11.33 34.82 17.76
N GLY D 97 10.80 35.83 17.09
CA GLY D 97 9.35 35.94 17.00
C GLY D 97 8.79 34.74 16.23
N LEU D 98 9.48 34.34 15.18
CA LEU D 98 9.06 33.21 14.38
C LEU D 98 9.12 31.92 15.15
N ARG D 99 10.15 31.72 15.97
CA ARG D 99 10.21 30.49 16.74
C ARG D 99 9.03 30.43 17.72
N GLN D 100 8.68 31.56 18.32
CA GLN D 100 7.55 31.58 19.22
C GLN D 100 6.25 31.32 18.47
N LEU D 101 6.14 31.82 17.24
CA LEU D 101 4.93 31.58 16.50
C LEU D 101 4.77 30.10 16.26
N ALA D 102 5.82 29.42 15.82
CA ALA D 102 5.71 27.98 15.55
C ALA D 102 5.31 27.16 16.80
N ASN D 103 5.77 27.61 17.99
CA ASN D 103 5.45 27.02 19.29
C ASN D 103 3.95 27.19 19.62
N GLU D 104 3.32 28.33 19.23
CA GLU D 104 1.90 28.64 19.46
C GLU D 104 0.94 28.00 18.46
N THR D 105 1.38 27.84 17.21
CA THR D 105 0.54 27.28 16.18
C THR D 105 0.40 25.78 16.32
N THR D 106 1.25 25.18 17.12
CA THR D 106 1.25 23.75 17.31
C THR D 106 -0.04 23.21 17.88
N GLN D 107 -0.63 23.88 18.87
CA GLN D 107 -1.86 23.34 19.42
C GLN D 107 -2.99 23.32 18.42
N ALA D 108 -3.13 24.39 17.65
CA ALA D 108 -4.19 24.45 16.67
C ALA D 108 -3.99 23.41 15.61
N LEU D 109 -2.74 23.19 15.23
CA LEU D 109 -2.47 22.23 14.18
C LEU D 109 -2.75 20.83 14.65
N GLN D 110 -2.40 20.49 15.88
CA GLN D 110 -2.68 19.13 16.30
C GLN D 110 -4.18 18.87 16.42
N LEU D 111 -4.98 19.85 16.86
CA LEU D 111 -6.41 19.59 16.97
C LEU D 111 -7.02 19.45 15.58
N PHE D 112 -6.52 20.23 14.64
CA PHE D 112 -6.97 20.14 13.27
C PHE D 112 -6.73 18.75 12.73
N LEU D 113 -5.52 18.25 12.91
CA LEU D 113 -5.21 16.94 12.39
C LEU D 113 -6.03 15.88 13.06
N ARG D 114 -6.34 16.00 14.34
CA ARG D 114 -7.17 14.98 14.97
C ARG D 114 -8.51 14.83 14.25
N ALA D 115 -9.12 15.96 13.92
CA ALA D 115 -10.42 15.99 13.25
C ALA D 115 -10.46 15.46 11.82
N THR D 116 -9.42 15.65 11.04
CA THR D 116 -9.45 15.26 9.63
C THR D 116 -9.17 13.78 9.39
N THR D 117 -9.45 13.31 8.17
CA THR D 117 -9.18 11.92 7.79
C THR D 117 -8.13 11.73 6.71
N GLU D 118 -7.62 12.81 6.15
CA GLU D 118 -6.59 12.68 5.14
C GLU D 118 -5.39 12.05 5.80
N LEU D 119 -4.71 11.16 5.12
CA LEU D 119 -3.53 10.60 5.75
C LEU D 119 -2.42 11.63 5.69
N ARG D 120 -2.41 12.43 4.62
CA ARG D 120 -1.41 13.46 4.46
C ARG D 120 -2.09 14.75 4.04
N THR D 121 -1.83 15.83 4.77
CA THR D 121 -2.45 17.08 4.43
C THR D 121 -1.49 18.06 3.79
N PHE D 122 -1.83 18.44 2.57
CA PHE D 122 -1.05 19.35 1.76
C PHE D 122 -1.82 20.64 1.48
N SER D 123 -3.05 20.69 1.97
CA SER D 123 -3.99 21.75 1.66
C SER D 123 -4.24 22.85 2.69
N ILE D 124 -3.45 22.94 3.75
CA ILE D 124 -3.73 23.98 4.74
C ILE D 124 -3.62 25.36 4.14
N LEU D 125 -2.59 25.61 3.36
CA LEU D 125 -2.43 26.94 2.81
C LEU D 125 -3.40 27.24 1.68
N ASN D 126 -3.93 26.24 0.99
CA ASN D 126 -4.88 26.56 -0.05
C ASN D 126 -6.15 27.03 0.62
N ARG D 127 -6.50 26.41 1.76
CA ARG D 127 -7.67 26.83 2.48
C ARG D 127 -7.50 28.24 2.96
N LYS D 128 -6.28 28.60 3.38
CA LYS D 128 -6.08 29.94 3.85
C LYS D 128 -6.28 30.95 2.74
N ALA D 129 -5.81 30.65 1.53
CA ALA D 129 -6.02 31.59 0.45
C ALA D 129 -7.51 31.77 0.17
N ILE D 130 -8.27 30.68 0.24
CA ILE D 130 -9.69 30.79 -0.03
C ILE D 130 -10.39 31.61 1.04
N ASP D 131 -10.09 31.38 2.32
CA ASP D 131 -10.73 32.18 3.36
C ASP D 131 -10.36 33.64 3.23
N PHE D 132 -9.11 33.92 2.87
CA PHE D 132 -8.70 35.30 2.71
C PHE D 132 -9.61 35.98 1.73
N LEU D 133 -9.82 35.34 0.57
CA LEU D 133 -10.68 35.93 -0.41
C LEU D 133 -12.13 36.03 0.04
N LEU D 134 -12.67 35.03 0.72
CA LEU D 134 -14.08 35.09 1.13
C LEU D 134 -14.36 36.20 2.14
N GLN D 135 -13.39 36.50 2.99
CA GLN D 135 -13.55 37.56 3.99
C GLN D 135 -13.60 38.95 3.39
N ARG D 136 -13.09 39.11 2.19
CA ARG D 136 -12.97 40.42 1.60
C ARG D 136 -14.01 40.58 0.51
N TRP D 137 -14.23 39.50 -0.24
CA TRP D 137 -15.17 39.43 -1.33
C TRP D 137 -16.01 38.16 -1.22
N GLY D 138 -16.96 38.13 -0.26
CA GLY D 138 -17.80 36.98 0.06
C GLY D 138 -19.18 37.11 -0.55
N GLN E 1 40.59 25.46 16.08
CA GLN E 1 40.86 24.72 14.86
C GLN E 1 41.30 25.63 13.71
N VAL E 2 40.43 26.55 13.26
CA VAL E 2 40.69 27.45 12.12
C VAL E 2 41.46 28.66 12.59
N GLN E 3 42.58 28.88 11.94
CA GLN E 3 43.46 29.96 12.27
C GLN E 3 43.16 31.12 11.36
N LEU E 4 43.15 32.30 11.93
CA LEU E 4 42.87 33.48 11.16
C LEU E 4 44.00 34.47 11.24
N HIS E 5 44.53 34.87 10.08
CA HIS E 5 45.65 35.82 10.08
C HIS E 5 45.44 37.03 9.20
N GLU E 6 45.33 38.19 9.84
CA GLU E 6 45.12 39.42 9.14
C GLU E 6 46.43 39.97 8.58
N SER E 7 46.35 40.61 7.42
CA SER E 7 47.49 41.32 6.86
C SER E 7 47.03 42.53 6.06
N GLY E 8 47.93 43.51 5.89
CA GLY E 8 47.56 44.70 5.16
C GLY E 8 48.70 45.71 5.19
N PRO E 9 48.50 46.93 4.64
CA PRO E 9 49.49 47.98 4.50
C PRO E 9 50.06 48.59 5.78
N GLY E 10 49.34 48.47 6.90
CA GLY E 10 49.85 49.05 8.15
C GLY E 10 49.56 50.54 8.23
N LEU E 11 50.17 51.30 7.32
CA LEU E 11 49.96 52.74 7.27
C LEU E 11 49.32 53.19 5.97
N VAL E 12 48.22 53.92 6.12
CA VAL E 12 47.52 54.47 4.98
C VAL E 12 47.30 55.96 5.18
N LYS E 13 47.00 56.67 4.11
CA LYS E 13 46.78 58.10 4.19
C LYS E 13 45.28 58.39 4.20
N PRO E 14 44.86 59.55 4.70
CA PRO E 14 43.51 60.02 4.65
C PRO E 14 43.05 60.02 3.21
N SER E 15 41.78 59.67 3.06
CA SER E 15 41.05 59.55 1.80
C SER E 15 41.48 58.35 0.95
N GLN E 16 42.35 57.50 1.46
CA GLN E 16 42.72 56.29 0.75
C GLN E 16 41.84 55.15 1.17
N THR E 17 41.83 54.11 0.37
CA THR E 17 41.08 52.93 0.76
C THR E 17 42.00 51.95 1.47
N LEU E 18 41.55 51.47 2.59
CA LEU E 18 42.26 50.50 3.41
C LEU E 18 41.87 49.10 3.04
N SER E 19 42.85 48.25 2.80
CA SER E 19 42.54 46.89 2.43
C SER E 19 43.21 45.86 3.32
N LEU E 20 42.38 45.13 4.05
CA LEU E 20 42.85 44.10 4.98
C LEU E 20 42.36 42.73 4.56
N THR E 21 43.29 41.82 4.42
CA THR E 21 42.94 40.46 4.00
C THR E 21 43.20 39.47 5.11
N CYS E 22 42.23 38.58 5.38
CA CYS E 22 42.33 37.52 6.39
C CYS E 22 42.49 36.17 5.73
N THR E 23 43.57 35.50 6.07
CA THR E 23 43.87 34.19 5.55
C THR E 23 43.18 33.17 6.42
N VAL E 24 42.46 32.25 5.81
CA VAL E 24 41.76 31.19 6.52
C VAL E 24 42.50 29.87 6.40
N SER E 25 42.90 29.29 7.52
CA SER E 25 43.67 28.05 7.46
C SER E 25 43.26 27.03 8.51
N GLY E 26 43.24 25.76 8.13
CA GLY E 26 42.83 24.72 9.09
C GLY E 26 41.33 24.48 8.96
N GLY E 27 40.77 25.03 7.90
CA GLY E 27 39.38 24.96 7.54
C GLY E 27 39.25 25.59 6.18
N SER E 28 38.04 25.91 5.79
CA SER E 28 37.80 26.46 4.47
C SER E 28 36.67 27.45 4.56
N ILE E 29 36.49 28.23 3.52
CA ILE E 29 35.40 29.19 3.52
C ILE E 29 34.02 28.62 3.33
N ASN E 30 33.81 27.70 2.41
CA ASN E 30 32.46 27.20 2.20
C ASN E 30 32.18 26.06 3.18
N SER E 31 32.15 26.42 4.45
CA SER E 31 32.04 25.48 5.55
C SER E 31 30.64 25.15 6.06
N ALA E 32 29.62 25.85 5.56
CA ALA E 32 28.20 25.64 5.92
C ALA E 32 27.86 26.02 7.36
N GLY E 33 27.24 27.19 7.52
CA GLY E 33 26.79 27.65 8.83
C GLY E 33 27.71 28.64 9.49
N TYR E 34 28.64 29.22 8.74
CA TYR E 34 29.54 30.16 9.38
C TYR E 34 29.52 31.52 8.77
N TYR E 35 29.77 32.51 9.59
CA TYR E 35 29.87 33.88 9.15
C TYR E 35 31.31 34.31 9.26
N TRP E 36 31.80 35.04 8.28
CA TRP E 36 33.14 35.57 8.32
C TRP E 36 33.03 37.05 8.65
N THR E 37 33.60 37.49 9.78
CA THR E 37 33.36 38.86 10.22
C THR E 37 34.58 39.72 10.48
N TRP E 38 34.33 41.04 10.55
CA TRP E 38 35.35 42.01 10.96
C TRP E 38 34.88 42.90 12.12
N ILE E 39 35.82 43.19 13.04
CA ILE E 39 35.66 44.05 14.23
C ILE E 39 36.73 45.14 14.36
N ARG E 40 36.33 46.37 14.73
CA ARG E 40 37.28 47.47 14.89
C ARG E 40 37.55 47.84 16.37
N GLN E 41 38.83 47.89 16.76
CA GLN E 41 39.22 48.20 18.14
C GLN E 41 39.00 49.59 18.71
N HIS E 42 39.14 50.67 17.94
CA HIS E 42 39.03 52.00 18.55
C HIS E 42 39.86 52.13 19.84
N PRO E 43 41.18 52.21 19.78
CA PRO E 43 42.04 52.13 20.94
C PRO E 43 41.61 53.11 22.01
N GLY E 44 41.51 52.60 23.23
CA GLY E 44 41.11 53.37 24.41
C GLY E 44 39.60 53.28 24.67
N LYS E 45 38.88 52.74 23.70
CA LYS E 45 37.44 52.59 23.75
C LYS E 45 37.04 51.13 23.57
N GLY E 46 35.74 50.85 23.64
CA GLY E 46 35.27 49.48 23.43
C GLY E 46 35.23 49.17 21.96
N LEU E 47 34.78 47.97 21.61
CA LEU E 47 34.78 47.49 20.24
C LEU E 47 33.54 47.88 19.43
N GLU E 48 33.74 48.04 18.13
CA GLU E 48 32.64 48.26 17.19
C GLU E 48 32.63 47.18 16.11
N TRP E 49 31.52 46.50 15.96
CA TRP E 49 31.42 45.44 14.95
C TRP E 49 31.30 46.08 13.58
N ILE E 50 32.00 45.57 12.56
CA ILE E 50 31.90 46.17 11.24
C ILE E 50 30.91 45.51 10.33
N GLY E 51 30.97 44.19 10.23
CA GLY E 51 30.09 43.51 9.28
C GLY E 51 30.45 42.07 9.03
N TYR E 52 29.66 41.39 8.21
CA TYR E 52 29.93 40.00 7.88
C TYR E 52 29.67 39.66 6.45
N ILE E 53 30.32 38.60 6.03
CA ILE E 53 30.02 37.97 4.76
C ILE E 53 29.69 36.52 5.07
N ASP E 54 28.66 36.00 4.44
CA ASP E 54 28.20 34.66 4.70
C ASP E 54 29.07 33.65 3.97
N TYR E 55 28.78 32.38 4.15
CA TYR E 55 29.54 31.33 3.49
C TYR E 55 29.10 31.25 2.05
N THR E 56 27.97 31.87 1.77
CA THR E 56 27.36 31.94 0.47
C THR E 56 27.73 33.22 -0.27
N GLY E 57 28.53 34.10 0.37
CA GLY E 57 28.94 35.37 -0.23
C GLY E 57 28.01 36.57 0.00
N ARG E 58 26.93 36.37 0.72
CA ARG E 58 25.96 37.41 1.03
C ARG E 58 26.51 38.34 2.12
N THR E 59 26.23 39.64 2.07
CA THR E 59 26.77 40.52 3.13
C THR E 59 25.76 41.35 3.89
N TYR E 60 26.23 41.83 5.04
CA TYR E 60 25.53 42.75 5.91
C TYR E 60 26.53 43.67 6.56
N TYR E 61 26.22 44.94 6.68
CA TYR E 61 27.17 45.84 7.32
C TYR E 61 26.53 46.59 8.44
N ASN E 62 27.32 46.94 9.43
CA ASN E 62 26.89 47.80 10.51
C ASN E 62 26.47 49.09 9.85
N PRO E 63 25.23 49.56 9.99
CA PRO E 63 24.72 50.77 9.37
C PRO E 63 25.65 51.96 9.54
N SER E 64 26.39 52.07 10.64
CA SER E 64 27.25 53.23 10.80
C SER E 64 28.34 53.35 9.73
N LEU E 65 28.73 52.21 9.17
CA LEU E 65 29.75 52.13 8.14
C LEU E 65 29.21 51.59 6.84
N GLU E 66 27.91 51.52 6.68
CA GLU E 66 27.40 50.86 5.47
C GLU E 66 27.88 51.48 4.17
N SER E 67 27.99 52.78 4.13
CA SER E 67 28.39 53.51 2.93
C SER E 67 29.88 53.48 2.65
N ARG E 68 30.67 53.02 3.61
CA ARG E 68 32.12 53.03 3.50
C ARG E 68 32.74 51.64 3.42
N VAL E 69 31.93 50.60 3.54
CA VAL E 69 32.51 49.27 3.64
C VAL E 69 32.06 48.25 2.66
N ILE E 70 33.05 47.61 2.07
CA ILE E 70 32.86 46.49 1.18
C ILE E 70 33.56 45.26 1.74
N ILE E 71 32.82 44.18 1.91
CA ILE E 71 33.42 42.93 2.35
C ILE E 71 33.26 41.93 1.22
N SER E 72 34.32 41.26 0.86
CA SER E 72 34.23 40.28 -0.21
C SER E 72 34.97 39.04 0.14
N ILE E 73 34.99 38.08 -0.78
CA ILE E 73 35.59 36.79 -0.46
C ILE E 73 36.03 35.98 -1.67
N ASP E 74 37.12 35.21 -1.52
CA ASP E 74 37.64 34.36 -2.59
C ASP E 74 37.93 32.96 -2.09
N THR E 75 37.05 32.05 -2.49
CA THR E 75 37.04 30.69 -2.02
C THR E 75 38.02 29.81 -2.74
N SER E 76 38.65 30.30 -3.81
CA SER E 76 39.61 29.47 -4.50
C SER E 76 40.94 29.52 -3.77
N LYS E 77 41.16 30.61 -3.01
CA LYS E 77 42.38 30.81 -2.27
C LYS E 77 42.22 30.75 -0.75
N ASN E 78 40.97 30.73 -0.25
CA ASN E 78 40.64 30.77 1.18
C ASN E 78 41.04 32.05 1.90
N HIS E 79 40.63 33.16 1.30
CA HIS E 79 40.84 34.49 1.86
C HIS E 79 39.57 35.29 1.85
N PHE E 80 39.46 36.22 2.78
CA PHE E 80 38.35 37.17 2.68
C PHE E 80 38.89 38.52 3.05
N SER E 81 38.22 39.58 2.63
CA SER E 81 38.79 40.88 2.92
C SER E 81 37.84 42.02 3.15
N LEU E 82 38.37 42.99 3.88
CA LEU E 82 37.71 44.23 4.22
C LEU E 82 38.28 45.40 3.47
N ARG E 83 37.42 46.10 2.78
CA ARG E 83 37.79 47.28 2.03
C ARG E 83 37.08 48.52 2.58
N LEU E 84 37.81 49.32 3.33
CA LEU E 84 37.24 50.49 4.00
C LEU E 84 37.61 51.75 3.25
N THR E 85 36.64 52.44 2.70
CA THR E 85 36.93 53.58 1.87
C THR E 85 36.97 54.86 2.68
N SER E 86 37.56 55.89 2.05
CA SER E 86 37.64 57.24 2.61
C SER E 86 38.13 57.27 4.05
N VAL E 87 39.28 56.67 4.33
CA VAL E 87 39.75 56.64 5.71
C VAL E 87 40.15 57.99 6.24
N SER E 88 40.14 58.10 7.57
CA SER E 88 40.61 59.28 8.26
C SER E 88 41.32 58.84 9.51
N ALA E 89 41.89 59.77 10.24
CA ALA E 89 42.63 59.45 11.47
C ALA E 89 41.77 58.73 12.49
N ALA E 90 40.46 58.93 12.42
CA ALA E 90 39.49 58.35 13.35
C ALA E 90 39.40 56.84 13.20
N ASP E 91 39.90 56.32 12.09
CA ASP E 91 39.81 54.91 11.81
C ASP E 91 41.06 54.17 12.27
N THR E 92 41.96 54.86 12.99
CA THR E 92 43.11 54.12 13.49
C THR E 92 42.57 53.11 14.49
N ALA E 93 42.94 51.86 14.30
CA ALA E 93 42.48 50.79 15.17
C ALA E 93 43.16 49.50 14.88
N VAL E 94 43.04 48.57 15.81
CA VAL E 94 43.42 47.22 15.50
C VAL E 94 42.20 46.59 14.88
N TYR E 95 42.37 46.00 13.73
CA TYR E 95 41.27 45.36 13.08
C TYR E 95 41.35 43.87 13.30
N TYR E 96 40.23 43.27 13.60
CA TYR E 96 40.23 41.85 13.84
C TYR E 96 39.36 41.08 12.87
N CYS E 97 39.83 39.89 12.51
CA CYS E 97 39.18 38.86 11.73
C CYS E 97 38.59 37.85 12.69
N ALA E 98 37.35 37.45 12.46
CA ALA E 98 36.76 36.46 13.32
C ALA E 98 35.76 35.57 12.60
N ARG E 99 35.51 34.39 13.14
CA ARG E 99 34.51 33.49 12.59
C ARG E 99 33.42 33.25 13.62
N GLU E 100 32.17 33.21 13.16
CA GLU E 100 31.03 32.93 14.03
C GLU E 100 30.23 31.78 13.46
N SER E 101 29.48 31.07 14.32
CA SER E 101 28.70 29.93 13.87
C SER E 101 27.23 30.00 14.18
N SER E 102 26.42 29.47 13.24
CA SER E 102 24.97 29.36 13.34
C SER E 102 24.54 28.07 14.03
N TRP E 103 25.49 27.19 14.27
CA TRP E 103 25.19 25.91 14.86
C TRP E 103 24.89 26.14 16.31
N VAL E 104 23.94 25.43 16.89
CA VAL E 104 23.59 25.69 18.28
C VAL E 104 24.72 25.43 19.24
N SER E 105 25.41 24.32 19.10
CA SER E 105 26.47 23.99 20.05
C SER E 105 27.57 25.03 20.11
N GLU E 106 27.93 25.57 18.95
CA GLU E 106 29.00 26.52 18.79
C GLU E 106 28.52 27.95 18.69
N LEU E 107 27.25 28.18 18.99
CA LEU E 107 26.64 29.48 18.78
C LEU E 107 27.36 30.62 19.49
N GLY E 108 27.88 30.37 20.68
CA GLY E 108 28.58 31.42 21.42
C GLY E 108 30.11 31.37 21.34
N ARG E 109 30.67 30.51 20.49
CA ARG E 109 32.13 30.38 20.45
C ARG E 109 32.74 31.02 19.23
N ASP E 110 33.49 32.09 19.44
CA ASP E 110 34.10 32.79 18.33
C ASP E 110 35.51 32.27 18.07
N ASN E 111 35.95 32.45 16.84
CA ASN E 111 37.36 32.20 16.54
C ASN E 111 37.95 33.53 16.17
N TRP E 112 38.90 34.02 16.94
CA TRP E 112 39.50 35.33 16.67
C TRP E 112 40.90 35.20 16.10
N GLY E 113 41.26 36.12 15.22
CA GLY E 113 42.60 36.21 14.70
C GLY E 113 43.46 37.00 15.65
N GLN E 114 44.70 37.24 15.24
CA GLN E 114 45.67 37.96 16.07
C GLN E 114 45.36 39.44 16.23
N GLY E 115 44.91 40.07 15.15
CA GLY E 115 44.61 41.49 15.13
C GLY E 115 45.72 42.30 14.47
N THR E 116 45.37 43.17 13.53
CA THR E 116 46.38 43.96 12.85
C THR E 116 46.18 45.46 13.04
N LEU E 117 47.23 46.16 13.43
CA LEU E 117 47.10 47.59 13.66
C LEU E 117 47.26 48.43 12.44
N VAL E 118 46.27 49.26 12.20
CA VAL E 118 46.27 50.17 11.09
C VAL E 118 46.27 51.60 11.57
N THR E 119 47.24 52.34 11.08
CA THR E 119 47.38 53.74 11.41
C THR E 119 47.00 54.58 10.23
N VAL E 120 46.18 55.59 10.45
CA VAL E 120 45.83 56.46 9.36
C VAL E 120 46.38 57.83 9.69
N SER E 121 47.24 58.35 8.83
CA SER E 121 47.87 59.63 9.08
C SER E 121 48.37 60.27 7.77
N SER E 122 48.67 61.58 7.79
CA SER E 122 49.17 62.36 6.63
C SER E 122 50.68 62.13 6.33
N GLU F 1 19.33 48.64 17.43
CA GLU F 1 20.62 48.46 18.06
C GLU F 1 20.40 48.44 19.59
N ILE F 2 20.94 47.39 20.27
CA ILE F 2 20.84 47.20 21.72
C ILE F 2 21.99 47.80 22.47
N VAL F 3 21.70 48.74 23.33
CA VAL F 3 22.78 49.33 24.07
C VAL F 3 23.04 48.50 25.31
N MET F 4 24.28 48.07 25.50
CA MET F 4 24.61 47.29 26.68
C MET F 4 25.21 48.24 27.69
N THR F 5 24.77 48.15 28.93
CA THR F 5 25.29 49.01 29.98
C THR F 5 25.99 48.23 31.07
N GLN F 6 27.21 48.61 31.39
CA GLN F 6 27.93 47.93 32.45
C GLN F 6 28.08 48.74 33.71
N SER F 7 28.26 48.03 34.82
CA SER F 7 28.43 48.67 36.12
C SER F 7 29.16 47.80 37.16
N PRO F 8 30.02 48.41 37.98
CA PRO F 8 30.49 49.79 38.06
C PRO F 8 31.49 50.01 36.96
N ALA F 9 31.77 51.26 36.62
CA ALA F 9 32.82 51.48 35.64
C ALA F 9 34.17 50.94 36.14
N THR F 10 34.43 51.08 37.44
CA THR F 10 35.67 50.62 38.05
C THR F 10 35.33 49.82 39.30
N LEU F 11 35.97 48.67 39.47
CA LEU F 11 35.75 47.81 40.62
C LEU F 11 37.01 47.37 41.36
N PRO F 12 37.55 48.17 42.29
CA PRO F 12 38.72 47.83 43.06
C PRO F 12 38.38 46.66 43.97
N VAL F 13 39.28 45.70 44.06
CA VAL F 13 39.14 44.57 44.95
C VAL F 13 40.51 44.14 45.47
N SER F 14 40.59 43.80 46.74
CA SER F 14 41.84 43.30 47.27
C SER F 14 42.13 41.91 46.69
N PRO F 15 43.38 41.55 46.38
CA PRO F 15 43.74 40.23 45.91
C PRO F 15 43.29 39.21 46.93
N GLY F 16 42.75 38.12 46.44
CA GLY F 16 42.26 37.04 47.26
C GLY F 16 40.76 37.16 47.52
N GLU F 17 40.18 38.32 47.24
CA GLU F 17 38.75 38.51 47.44
C GLU F 17 38.05 38.42 46.10
N GLY F 18 36.81 37.97 46.11
CA GLY F 18 36.09 37.88 44.85
C GLY F 18 35.48 39.21 44.48
N ALA F 19 34.88 39.25 43.31
CA ALA F 19 34.25 40.47 42.81
C ALA F 19 33.17 40.15 41.79
N THR F 20 32.18 41.03 41.64
CA THR F 20 31.19 40.81 40.60
C THR F 20 30.96 42.02 39.73
N LEU F 21 30.65 41.75 38.47
CA LEU F 21 30.32 42.77 37.49
C LEU F 21 28.92 42.59 36.94
N SER F 22 28.24 43.71 36.65
CA SER F 22 26.91 43.63 36.05
C SER F 22 26.92 44.13 34.61
N CYS F 23 25.98 43.60 33.79
CA CYS F 23 25.72 44.01 32.41
C CYS F 23 24.21 43.96 32.14
N ARG F 24 23.68 45.06 31.63
CA ARG F 24 22.26 45.17 31.36
C ARG F 24 21.93 45.41 29.90
N ALA F 25 20.97 44.64 29.40
CA ALA F 25 20.53 44.79 28.02
C ALA F 25 19.39 45.78 27.91
N SER F 26 19.27 46.41 26.75
CA SER F 26 18.15 47.31 26.51
C SER F 26 16.86 46.56 26.17
N GLN F 27 17.01 45.39 25.56
CA GLN F 27 15.91 44.52 25.20
C GLN F 27 16.40 43.16 25.56
N SER F 28 15.52 42.22 25.81
CA SER F 28 16.03 40.93 26.16
C SER F 28 16.93 40.31 25.11
N VAL F 29 17.98 39.72 25.64
CA VAL F 29 19.00 38.93 25.03
C VAL F 29 18.73 37.63 25.72
N PHE F 30 18.37 36.59 25.05
CA PHE F 30 17.90 35.49 25.87
C PHE F 30 18.93 34.93 26.82
N THR F 31 19.95 34.31 26.26
CA THR F 31 21.05 33.75 26.99
C THR F 31 22.25 34.12 26.20
N ASN F 32 21.97 34.77 25.09
CA ASN F 32 22.96 35.05 24.06
C ASN F 32 23.87 36.20 24.39
N LEU F 33 24.67 35.98 25.42
CA LEU F 33 25.62 36.94 25.93
C LEU F 33 26.96 36.31 26.28
N ALA F 34 28.03 37.02 25.99
CA ALA F 34 29.37 36.53 26.28
C ALA F 34 30.20 37.54 27.04
N TRP F 35 31.16 37.03 27.81
CA TRP F 35 32.10 37.87 28.55
C TRP F 35 33.52 37.64 28.06
N TYR F 36 34.28 38.72 27.93
CA TYR F 36 35.67 38.69 27.47
C TYR F 36 36.62 39.44 28.39
N GLN F 37 37.83 38.93 28.53
CA GLN F 37 38.85 39.61 29.32
C GLN F 37 39.85 40.34 28.45
N GLN F 38 39.95 41.65 28.61
CA GLN F 38 40.83 42.47 27.80
C GLN F 38 42.05 43.02 28.55
N LYS F 39 43.22 42.73 28.02
CA LYS F 39 44.46 43.23 28.57
C LYS F 39 45.17 44.02 27.49
N PRO F 40 46.00 45.02 27.83
CA PRO F 40 46.71 45.82 26.87
C PRO F 40 47.56 44.97 25.96
N GLY F 41 47.43 45.22 24.66
CA GLY F 41 48.19 44.55 23.62
C GLY F 41 47.62 43.22 23.11
N GLN F 42 46.51 42.73 23.67
CA GLN F 42 45.99 41.44 23.19
C GLN F 42 44.57 41.45 22.67
N ALA F 43 44.26 40.49 21.81
CA ALA F 43 42.89 40.32 21.39
C ALA F 43 42.13 39.92 22.65
N PRO F 44 40.85 40.27 22.81
CA PRO F 44 40.06 39.93 23.98
C PRO F 44 39.96 38.42 24.09
N ARG F 45 40.05 37.91 25.31
CA ARG F 45 39.96 36.47 25.52
C ARG F 45 38.58 36.04 25.97
N LEU F 46 37.96 35.14 25.24
CA LEU F 46 36.63 34.73 25.65
C LEU F 46 36.65 33.94 26.92
N LEU F 47 35.81 34.33 27.87
CA LEU F 47 35.74 33.62 29.13
C LEU F 47 34.49 32.77 29.20
N ILE F 48 33.37 33.44 28.99
CA ILE F 48 32.05 32.83 29.15
C ILE F 48 31.13 33.05 27.99
N TYR F 49 30.44 32.01 27.56
CA TYR F 49 29.49 32.16 26.49
C TYR F 49 28.14 31.55 26.83
N ASP F 50 27.11 32.01 26.14
CA ASP F 50 25.72 31.60 26.37
C ASP F 50 25.35 31.90 27.83
N ALA F 51 25.87 33.01 28.32
CA ALA F 51 25.71 33.56 29.67
C ALA F 51 26.20 32.65 30.80
N SER F 52 26.86 31.52 30.55
CA SER F 52 27.32 30.72 31.70
C SER F 52 28.34 29.60 31.41
N THR F 53 28.58 29.26 30.15
CA THR F 53 29.48 28.17 29.82
C THR F 53 30.90 28.64 29.68
N ARG F 54 31.82 27.95 30.33
CA ARG F 54 33.22 28.34 30.23
C ARG F 54 33.84 27.95 28.92
N ALA F 55 34.61 28.88 28.37
CA ALA F 55 35.37 28.62 27.17
C ALA F 55 36.48 27.66 27.53
N THR F 56 36.96 26.89 26.57
CA THR F 56 38.02 25.97 26.83
C THR F 56 39.24 26.70 27.36
N GLY F 57 39.79 26.20 28.47
CA GLY F 57 40.98 26.79 29.08
C GLY F 57 40.70 27.82 30.16
N ILE F 58 39.43 28.08 30.47
CA ILE F 58 39.10 29.05 31.49
C ILE F 58 38.96 28.43 32.87
N PRO F 59 39.68 28.93 33.89
CA PRO F 59 39.67 28.47 35.26
C PRO F 59 38.31 28.52 35.91
N ALA F 60 38.09 27.59 36.83
CA ALA F 60 36.84 27.41 37.58
C ALA F 60 36.45 28.59 38.46
N ARG F 61 37.40 29.48 38.73
CA ARG F 61 37.10 30.64 39.55
C ARG F 61 36.23 31.64 38.81
N PHE F 62 36.11 31.51 37.48
CA PHE F 62 35.26 32.39 36.71
C PHE F 62 33.90 31.72 36.54
N SER F 63 32.83 32.46 36.80
CA SER F 63 31.48 31.92 36.65
C SER F 63 30.49 33.00 36.28
N GLY F 64 29.50 32.67 35.47
CA GLY F 64 28.51 33.68 35.12
C GLY F 64 27.11 33.15 35.15
N SER F 65 26.18 34.06 35.05
CA SER F 65 24.76 33.75 35.05
C SER F 65 23.94 34.89 34.50
N GLY F 66 22.66 34.63 34.29
CA GLY F 66 21.77 35.69 33.85
C GLY F 66 20.93 35.31 32.67
N SER F 67 19.93 36.13 32.41
CA SER F 67 19.00 35.92 31.31
C SER F 67 18.24 37.20 31.02
N GLY F 68 17.59 37.26 29.88
CA GLY F 68 16.73 38.41 29.63
C GLY F 68 17.56 39.68 29.57
N THR F 69 17.34 40.60 30.49
CA THR F 69 18.11 41.81 30.46
C THR F 69 19.13 41.93 31.58
N GLU F 70 19.19 40.94 32.47
CA GLU F 70 20.09 41.05 33.63
C GLU F 70 21.16 39.97 33.70
N PHE F 71 22.41 40.37 33.49
CA PHE F 71 23.53 39.45 33.47
C PHE F 71 24.65 39.78 34.43
N THR F 72 25.37 38.76 34.86
CA THR F 72 26.51 38.96 35.76
C THR F 72 27.70 38.02 35.55
N LEU F 73 28.88 38.55 35.90
CA LEU F 73 30.15 37.82 35.92
C LEU F 73 30.76 37.86 37.30
N THR F 74 31.10 36.70 37.82
CA THR F 74 31.68 36.58 39.13
C THR F 74 33.05 35.92 39.13
N ILE F 75 33.98 36.54 39.84
CA ILE F 75 35.27 35.91 40.06
C ILE F 75 35.28 35.57 41.53
N SER F 76 35.41 34.28 41.86
CA SER F 76 35.29 33.88 43.26
C SER F 76 36.39 34.37 44.19
N SER F 77 37.59 34.58 43.66
CA SER F 77 38.75 35.07 44.40
C SER F 77 39.76 35.58 43.40
N LEU F 78 40.04 36.87 43.39
CA LEU F 78 40.94 37.35 42.34
C LEU F 78 42.39 37.05 42.58
N GLN F 79 42.99 36.55 41.53
CA GLN F 79 44.38 36.17 41.48
C GLN F 79 45.18 37.15 40.64
N SER F 80 46.48 36.93 40.56
CA SER F 80 47.20 37.83 39.70
C SER F 80 46.68 37.51 38.32
N GLU F 81 46.78 38.47 37.42
CA GLU F 81 46.29 38.34 36.05
C GLU F 81 44.76 38.29 35.92
N ASP F 82 44.02 38.51 37.02
CA ASP F 82 42.56 38.66 36.93
C ASP F 82 42.18 40.13 36.92
N PHE F 83 43.18 40.98 36.90
CA PHE F 83 42.96 42.41 36.86
C PHE F 83 43.07 42.80 35.40
N ALA F 84 41.93 43.12 34.84
CA ALA F 84 41.73 43.36 33.42
C ALA F 84 40.45 44.10 33.17
N VAL F 85 40.26 44.55 31.94
CA VAL F 85 39.01 45.16 31.58
C VAL F 85 38.06 44.06 31.16
N TYR F 86 36.87 44.04 31.72
CA TYR F 86 35.94 42.98 31.33
C TYR F 86 34.78 43.53 30.54
N TYR F 87 34.61 42.98 29.34
CA TYR F 87 33.56 43.40 28.45
C TYR F 87 32.49 42.36 28.32
N CYS F 88 31.22 42.80 28.14
CA CYS F 88 30.09 41.97 27.82
C CYS F 88 29.73 42.25 26.36
N GLN F 89 29.25 41.23 25.69
CA GLN F 89 28.78 41.31 24.33
C GLN F 89 27.50 40.58 24.14
N GLN F 90 26.58 41.16 23.41
CA GLN F 90 25.37 40.42 23.12
C GLN F 90 25.45 39.93 21.71
N TYR F 91 24.98 38.72 21.47
CA TYR F 91 24.96 38.18 20.13
C TYR F 91 23.56 37.79 19.66
N ASN F 92 22.55 38.42 20.25
CA ASN F 92 21.14 38.14 19.95
C ASN F 92 20.57 39.04 18.87
N ASN F 93 21.09 40.27 18.83
CA ASN F 93 20.81 41.20 17.70
C ASN F 93 22.02 41.17 16.75
N TRP F 94 21.92 41.84 15.60
CA TRP F 94 23.04 41.72 14.62
C TRP F 94 23.96 42.94 14.57
N PRO F 95 23.68 44.05 15.29
CA PRO F 95 24.64 45.15 15.36
C PRO F 95 25.85 44.63 16.14
N ARG F 96 25.66 43.54 16.88
CA ARG F 96 26.72 42.91 17.72
C ARG F 96 27.36 43.98 18.61
N THR F 97 26.54 44.63 19.44
CA THR F 97 27.00 45.66 20.32
C THR F 97 27.75 45.10 21.52
N TYR F 98 28.47 46.00 22.16
CA TYR F 98 29.31 45.75 23.31
C TYR F 98 29.06 46.74 24.43
N GLY F 99 29.43 46.35 25.63
CA GLY F 99 29.38 47.24 26.78
C GLY F 99 30.62 48.14 26.76
N GLN F 100 30.85 48.86 27.85
CA GLN F 100 31.93 49.83 27.91
C GLN F 100 33.25 49.29 28.39
N GLY F 101 33.19 48.22 29.17
CA GLY F 101 34.34 47.60 29.78
C GLY F 101 34.47 48.06 31.22
N THR F 102 34.52 47.13 32.15
CA THR F 102 34.66 47.55 33.53
C THR F 102 36.10 47.32 33.89
N ARG F 103 36.67 48.24 34.63
CA ARG F 103 38.05 48.15 34.99
C ARG F 103 38.22 47.55 36.36
N VAL F 104 38.69 46.31 36.41
CA VAL F 104 38.85 45.70 37.71
C VAL F 104 40.23 46.07 38.18
N GLU F 105 40.28 46.62 39.37
CA GLU F 105 41.49 47.16 39.95
C GLU F 105 41.82 46.45 41.26
N VAL F 106 43.09 46.54 41.71
CA VAL F 106 43.62 45.94 42.95
C VAL F 106 43.02 46.63 44.19
N SER G 36 5.03 28.44 -11.92
CA SER G 36 5.55 29.03 -13.16
C SER G 36 5.15 28.25 -14.44
N ILE G 37 4.10 27.38 -14.36
CA ILE G 37 3.56 26.59 -15.47
C ILE G 37 2.65 27.46 -16.32
N PRO G 38 2.90 27.66 -17.61
CA PRO G 38 2.09 28.48 -18.50
C PRO G 38 0.70 27.92 -18.76
N LEU G 39 -0.25 28.81 -18.98
CA LEU G 39 -1.58 28.42 -19.43
C LEU G 39 -1.86 28.96 -20.80
N GLY G 40 -2.49 28.16 -21.62
CA GLY G 40 -2.91 28.66 -22.89
C GLY G 40 -4.25 29.32 -22.69
N VAL G 41 -4.58 30.29 -23.52
CA VAL G 41 -5.87 30.92 -23.46
C VAL G 41 -6.51 30.85 -24.81
N ILE G 42 -7.69 30.30 -24.88
CA ILE G 42 -8.33 30.20 -26.18
C ILE G 42 -9.30 31.32 -26.40
N HIS G 43 -9.01 32.08 -27.44
CA HIS G 43 -9.78 33.24 -27.86
C HIS G 43 -10.51 32.94 -29.16
N ASN G 44 -11.26 33.94 -29.63
CA ASN G 44 -11.96 33.84 -30.91
C ASN G 44 -11.05 34.34 -32.04
N SER G 45 -9.79 34.57 -31.67
CA SER G 45 -8.68 34.97 -32.50
C SER G 45 -7.75 33.76 -32.63
N THR G 46 -6.90 33.53 -31.63
CA THR G 46 -6.03 32.35 -31.63
C THR G 46 -5.70 31.91 -30.20
N LEU G 47 -4.69 31.05 -30.06
CA LEU G 47 -4.26 30.55 -28.76
C LEU G 47 -3.11 31.41 -28.25
N GLN G 48 -3.30 32.03 -27.11
CA GLN G 48 -2.27 32.89 -26.53
C GLN G 48 -1.73 32.29 -25.26
N VAL G 49 -0.56 32.72 -24.84
CA VAL G 49 -0.05 32.22 -23.58
C VAL G 49 -0.23 33.28 -22.54
N SER G 50 -0.89 32.92 -21.46
CA SER G 50 -1.19 33.84 -20.38
C SER G 50 0.09 34.27 -19.71
N ASP G 51 0.15 35.55 -19.34
CA ASP G 51 1.31 36.07 -18.65
C ASP G 51 1.12 35.95 -17.15
N VAL G 52 2.11 36.38 -16.40
CA VAL G 52 2.00 36.41 -14.95
C VAL G 52 2.19 37.84 -14.50
N ASP G 53 2.84 38.65 -15.33
CA ASP G 53 3.09 40.03 -14.99
C ASP G 53 1.99 40.94 -15.52
N LYS G 54 1.41 40.56 -16.65
CA LYS G 54 0.36 41.33 -17.27
C LYS G 54 -1.00 40.76 -16.96
N LEU G 55 -1.86 41.57 -16.39
CA LEU G 55 -3.19 41.14 -16.09
C LEU G 55 -4.10 41.54 -17.22
N VAL G 56 -4.83 40.59 -17.76
CA VAL G 56 -5.74 40.91 -18.83
C VAL G 56 -7.12 40.96 -18.25
N CYS G 57 -7.69 42.16 -18.26
CA CYS G 57 -8.98 42.36 -17.62
C CYS G 57 -10.12 41.65 -18.32
N ARG G 58 -9.99 41.40 -19.62
CA ARG G 58 -11.06 40.75 -20.36
C ARG G 58 -10.95 39.22 -20.33
N ASP G 59 -9.92 38.66 -19.71
CA ASP G 59 -9.77 37.21 -19.70
C ASP G 59 -10.55 36.64 -18.55
N LYS G 60 -11.86 36.68 -18.71
CA LYS G 60 -12.80 36.26 -17.70
C LYS G 60 -12.79 34.77 -17.50
N LEU G 61 -12.84 34.37 -16.23
CA LEU G 61 -12.92 32.97 -15.88
C LEU G 61 -14.19 32.86 -15.05
N SER G 62 -15.20 32.16 -15.55
CA SER G 62 -16.46 32.12 -14.82
C SER G 62 -16.61 30.97 -13.86
N SER G 63 -15.84 29.92 -14.07
CA SER G 63 -15.91 28.75 -13.20
C SER G 63 -14.66 27.94 -13.39
N THR G 64 -14.48 26.96 -12.53
CA THR G 64 -13.34 26.07 -12.64
C THR G 64 -13.52 25.07 -13.78
N ASN G 65 -14.70 25.01 -14.37
CA ASN G 65 -14.95 24.04 -15.42
C ASN G 65 -14.39 24.53 -16.74
N GLN G 66 -13.88 25.75 -16.75
CA GLN G 66 -13.26 26.30 -17.93
C GLN G 66 -11.78 26.00 -17.96
N LEU G 67 -11.26 25.39 -16.90
CA LEU G 67 -9.85 25.05 -16.85
C LEU G 67 -9.71 23.61 -17.29
N ARG G 68 -8.75 23.33 -18.17
CA ARG G 68 -8.60 21.96 -18.65
C ARG G 68 -7.17 21.45 -18.79
N SER G 69 -6.95 20.23 -18.31
CA SER G 69 -5.67 19.53 -18.44
C SER G 69 -5.72 18.54 -19.62
N VAL G 70 -4.87 18.76 -20.62
CA VAL G 70 -4.90 17.93 -21.83
C VAL G 70 -3.62 17.16 -22.13
N GLY G 71 -3.75 15.84 -22.27
CA GLY G 71 -2.61 14.99 -22.60
C GLY G 71 -2.51 14.75 -24.11
N LEU G 72 -1.40 15.17 -24.69
CA LEU G 72 -1.15 15.02 -26.13
C LEU G 72 -0.05 14.00 -26.37
N ASN G 73 -0.11 13.30 -27.49
CA ASN G 73 0.89 12.28 -27.78
C ASN G 73 2.09 12.83 -28.54
N LEU G 74 3.25 12.21 -28.36
CA LEU G 74 4.44 12.65 -29.08
C LEU G 74 4.41 12.28 -30.53
N GLU G 75 3.66 11.27 -30.89
CA GLU G 75 3.59 10.83 -32.27
C GLU G 75 3.04 11.93 -33.17
N GLY G 76 2.33 12.91 -32.61
CA GLY G 76 1.75 13.97 -33.39
C GLY G 76 2.81 14.96 -33.86
N ASN G 77 4.04 14.82 -33.34
CA ASN G 77 5.13 15.69 -33.71
C ASN G 77 6.09 14.97 -34.64
N GLY G 78 5.72 13.77 -35.11
CA GLY G 78 6.59 13.03 -36.00
C GLY G 78 7.72 12.23 -35.36
N VAL G 79 7.62 11.88 -34.11
CA VAL G 79 8.70 11.10 -33.52
C VAL G 79 8.55 9.70 -34.04
N ALA G 80 9.66 9.00 -34.27
CA ALA G 80 9.54 7.62 -34.73
C ALA G 80 8.86 6.80 -33.66
N THR G 81 8.00 5.87 -34.10
CA THR G 81 7.27 4.98 -33.21
C THR G 81 7.61 3.48 -33.30
N ASP G 82 8.54 3.07 -34.15
CA ASP G 82 8.84 1.65 -34.22
C ASP G 82 9.53 1.22 -32.93
N VAL G 83 9.38 -0.04 -32.54
CA VAL G 83 10.00 -0.41 -31.29
C VAL G 83 11.52 -0.18 -31.21
N PRO G 84 12.35 -0.56 -32.18
CA PRO G 84 13.77 -0.34 -32.15
C PRO G 84 14.18 1.10 -31.88
N SER G 85 13.44 2.09 -32.39
CA SER G 85 13.80 3.48 -32.13
C SER G 85 13.20 4.01 -30.85
N VAL G 86 12.03 3.53 -30.50
CA VAL G 86 11.33 4.03 -29.32
C VAL G 86 12.07 3.77 -28.06
N THR G 87 12.59 2.58 -27.93
CA THR G 87 13.25 2.22 -26.70
C THR G 87 14.55 2.94 -26.50
N LYS G 88 15.05 3.67 -27.50
CA LYS G 88 16.30 4.34 -27.32
C LYS G 88 16.08 5.68 -26.64
N ARG G 89 14.81 6.05 -26.45
CA ARG G 89 14.47 7.28 -25.78
C ARG G 89 14.24 7.06 -24.30
N TRP G 90 14.34 5.82 -23.83
CA TRP G 90 14.04 5.49 -22.45
C TRP G 90 15.31 4.99 -21.78
N GLY G 91 15.44 5.14 -20.47
CA GLY G 91 16.61 4.57 -19.82
C GLY G 91 16.41 4.43 -18.33
N PHE G 92 17.39 3.86 -17.64
CA PHE G 92 17.19 3.66 -16.22
C PHE G 92 18.06 4.51 -15.34
N ARG G 93 17.49 4.88 -14.21
CA ARG G 93 18.17 5.67 -13.18
C ARG G 93 17.69 5.37 -11.77
N SER G 94 18.54 5.66 -10.80
CA SER G 94 18.23 5.52 -9.38
C SER G 94 18.46 6.84 -8.65
N GLY G 95 17.85 6.99 -7.48
CA GLY G 95 18.03 8.19 -6.65
C GLY G 95 16.96 9.26 -6.88
N VAL G 96 16.12 9.02 -7.87
CA VAL G 96 15.03 9.91 -8.24
C VAL G 96 13.71 9.18 -8.11
N PRO G 97 12.76 9.64 -7.28
CA PRO G 97 11.45 9.04 -7.10
C PRO G 97 10.56 9.35 -8.29
N PRO G 98 9.57 8.51 -8.60
CA PRO G 98 8.53 8.72 -9.59
C PRO G 98 7.47 9.65 -9.09
N LYS G 99 6.82 10.41 -9.99
CA LYS G 99 5.67 11.24 -9.63
C LYS G 99 4.61 11.28 -10.75
N VAL G 100 3.32 11.54 -10.40
CA VAL G 100 2.32 11.68 -11.48
C VAL G 100 1.42 12.94 -11.39
N VAL G 101 0.79 13.30 -12.51
CA VAL G 101 -0.22 14.39 -12.60
C VAL G 101 -1.45 13.94 -13.36
N ASN G 102 -2.61 14.54 -13.13
CA ASN G 102 -3.78 14.11 -13.92
C ASN G 102 -4.11 14.84 -15.23
N TYR G 103 -4.96 14.18 -16.03
CA TYR G 103 -5.52 14.70 -17.28
C TYR G 103 -6.99 14.73 -17.13
N GLU G 104 -7.63 15.60 -17.85
CA GLU G 104 -9.06 15.57 -17.94
C GLU G 104 -9.46 15.04 -19.31
N ALA G 105 -8.60 15.24 -20.30
CA ALA G 105 -8.86 14.82 -21.67
C ALA G 105 -7.57 14.52 -22.38
N GLY G 106 -7.65 13.78 -23.48
CA GLY G 106 -6.45 13.53 -24.26
C GLY G 106 -6.68 12.87 -25.61
N GLU G 107 -5.59 12.65 -26.32
CA GLU G 107 -5.62 12.06 -27.67
C GLU G 107 -5.73 10.55 -27.74
N TRP G 108 -6.24 10.08 -28.87
CA TRP G 108 -6.20 8.66 -29.20
C TRP G 108 -4.81 8.39 -29.68
N ALA G 109 -4.23 7.26 -29.32
CA ALA G 109 -2.88 6.99 -29.79
C ALA G 109 -2.87 5.99 -30.89
N GLU G 110 -2.04 6.18 -31.87
CA GLU G 110 -1.92 5.13 -32.84
C GLU G 110 -1.02 4.09 -32.24
N ASN G 111 0.06 4.51 -31.56
CA ASN G 111 1.00 3.52 -31.01
C ASN G 111 1.25 3.60 -29.51
N CYS G 112 0.76 2.59 -28.79
CA CYS G 112 0.98 2.45 -27.34
C CYS G 112 1.95 1.33 -27.08
N TYR G 113 2.57 1.34 -25.91
CA TYR G 113 3.56 0.35 -25.58
C TYR G 113 3.22 -0.32 -24.27
N ASN G 114 3.64 -1.56 -24.10
CA ASN G 114 3.42 -2.30 -22.84
C ASN G 114 4.65 -3.14 -22.52
N LEU G 115 5.40 -2.82 -21.46
CA LEU G 115 6.62 -3.58 -21.23
C LEU G 115 6.57 -4.56 -20.07
N GLU G 116 7.21 -5.72 -20.28
CA GLU G 116 7.43 -6.74 -19.27
C GLU G 116 8.87 -7.21 -19.34
N ILE G 117 9.77 -6.48 -18.70
CA ILE G 117 11.19 -6.72 -18.81
C ILE G 117 11.78 -7.23 -17.52
N LYS G 118 12.55 -8.31 -17.65
CA LYS G 118 13.22 -8.96 -16.54
C LYS G 118 14.74 -8.85 -16.64
N LYS G 119 15.38 -8.97 -15.51
CA LYS G 119 16.82 -9.00 -15.46
C LYS G 119 17.26 -10.38 -15.91
N PRO G 120 18.51 -10.60 -16.31
CA PRO G 120 19.02 -11.90 -16.69
C PRO G 120 18.87 -12.97 -15.60
N ASP G 121 18.74 -12.56 -14.34
CA ASP G 121 18.61 -13.53 -13.27
C ASP G 121 17.16 -13.91 -12.98
N GLY G 122 16.23 -13.41 -13.79
CA GLY G 122 14.82 -13.72 -13.67
C GLY G 122 13.98 -12.73 -12.84
N SER G 123 14.61 -11.79 -12.15
CA SER G 123 13.89 -10.81 -11.34
C SER G 123 13.28 -9.72 -12.21
N GLU G 124 12.37 -8.93 -11.64
CA GLU G 124 11.71 -7.89 -12.44
C GLU G 124 12.51 -6.58 -12.53
N CYS G 125 12.42 -5.84 -13.67
CA CYS G 125 13.04 -4.52 -13.87
C CYS G 125 12.08 -3.38 -13.53
N LEU G 126 10.81 -3.57 -13.84
CA LEU G 126 9.84 -2.52 -13.66
C LEU G 126 8.98 -2.82 -12.45
N PRO G 127 8.54 -1.82 -11.68
CA PRO G 127 7.66 -1.93 -10.53
C PRO G 127 6.25 -2.26 -10.91
N ALA G 128 5.50 -2.89 -10.04
CA ALA G 128 4.10 -3.10 -10.36
C ALA G 128 3.38 -1.79 -10.33
N ALA G 129 2.39 -1.60 -11.19
CA ALA G 129 1.64 -0.37 -11.13
C ALA G 129 0.86 -0.32 -9.82
N PRO G 130 0.79 0.83 -9.14
CA PRO G 130 0.03 1.06 -7.93
C PRO G 130 -1.45 1.20 -8.22
N ASP G 131 -2.26 1.09 -7.18
CA ASP G 131 -3.70 1.24 -7.34
C ASP G 131 -4.04 2.55 -7.98
N GLY G 132 -4.97 2.50 -8.92
CA GLY G 132 -5.42 3.67 -9.62
C GLY G 132 -4.75 3.86 -10.97
N ILE G 133 -3.67 3.14 -11.24
CA ILE G 133 -3.04 3.28 -12.54
C ILE G 133 -3.60 2.22 -13.43
N ARG G 134 -4.12 2.65 -14.54
CA ARG G 134 -4.73 1.79 -15.53
C ARG G 134 -4.15 2.15 -16.88
N GLY G 135 -4.26 1.26 -17.85
CA GLY G 135 -3.68 1.54 -19.15
C GLY G 135 -4.41 2.62 -19.90
N PHE G 136 -3.72 3.16 -20.90
CA PHE G 136 -4.23 4.23 -21.73
C PHE G 136 -5.45 3.68 -22.48
N PRO G 137 -6.65 4.33 -22.40
CA PRO G 137 -7.91 3.84 -22.91
C PRO G 137 -8.16 3.75 -24.39
N ARG G 138 -7.34 4.47 -25.18
CA ARG G 138 -7.60 4.62 -26.63
C ARG G 138 -6.32 4.41 -27.44
N CYS G 139 -5.89 3.16 -27.60
CA CYS G 139 -4.69 2.85 -28.43
C CYS G 139 -5.12 2.10 -29.69
N ARG G 140 -4.46 2.36 -30.83
CA ARG G 140 -4.77 1.63 -32.09
C ARG G 140 -3.93 0.35 -32.12
N TYR G 141 -2.61 0.48 -32.06
CA TYR G 141 -1.72 -0.71 -31.99
C TYR G 141 -0.98 -0.68 -30.65
N VAL G 142 -0.94 -1.82 -29.96
CA VAL G 142 -0.17 -1.92 -28.74
C VAL G 142 1.04 -2.75 -29.02
N HIS G 143 2.19 -2.24 -28.68
CA HIS G 143 3.41 -2.96 -28.90
C HIS G 143 3.87 -3.52 -27.58
N LYS G 144 3.64 -4.79 -27.40
CA LYS G 144 3.96 -5.44 -26.15
C LYS G 144 5.32 -6.06 -26.26
N VAL G 145 6.23 -5.65 -25.41
CA VAL G 145 7.58 -6.15 -25.49
C VAL G 145 7.94 -6.91 -24.25
N SER G 146 8.29 -8.15 -24.43
CA SER G 146 8.66 -9.03 -23.35
C SER G 146 10.08 -9.47 -23.55
N GLY G 147 10.85 -9.50 -22.50
CA GLY G 147 12.22 -9.91 -22.70
C GLY G 147 13.08 -9.60 -21.53
N THR G 148 14.37 -9.65 -21.76
CA THR G 148 15.31 -9.40 -20.69
C THR G 148 16.38 -8.43 -21.13
N GLY G 149 17.08 -7.90 -20.13
CA GLY G 149 18.21 -7.03 -20.36
C GLY G 149 18.71 -6.45 -19.06
N PRO G 150 19.82 -5.76 -19.07
CA PRO G 150 20.37 -5.13 -17.91
C PRO G 150 19.41 -4.01 -17.59
N CYS G 151 19.18 -3.72 -16.31
CA CYS G 151 18.30 -2.66 -15.83
C CYS G 151 19.05 -1.95 -14.72
N ALA G 152 19.82 -0.96 -15.12
CA ALA G 152 20.77 -0.25 -14.27
C ALA G 152 20.21 0.49 -13.07
N GLY G 153 19.00 1.01 -13.18
CA GLY G 153 18.44 1.83 -12.10
C GLY G 153 17.27 1.20 -11.38
N ASP G 154 16.46 2.06 -10.77
CA ASP G 154 15.32 1.59 -10.01
C ASP G 154 14.10 1.71 -10.90
N PHE G 155 14.10 2.76 -11.71
CA PHE G 155 12.97 3.06 -12.56
C PHE G 155 13.42 3.44 -13.93
N ALA G 156 12.56 3.20 -14.91
CA ALA G 156 12.81 3.65 -16.26
C ALA G 156 12.15 5.01 -16.44
N PHE G 157 12.96 5.97 -16.88
CA PHE G 157 12.57 7.36 -17.10
C PHE G 157 12.68 7.76 -18.55
N HIS G 158 11.89 8.75 -18.95
CA HIS G 158 11.99 9.24 -20.32
C HIS G 158 13.18 10.18 -20.45
N LYS G 159 14.02 10.00 -21.44
CA LYS G 159 15.21 10.82 -21.60
C LYS G 159 14.99 12.23 -22.09
N GLU G 160 13.85 12.52 -22.70
CA GLU G 160 13.63 13.87 -23.20
C GLU G 160 12.79 14.63 -22.21
N GLY G 161 12.44 13.97 -21.13
CA GLY G 161 11.58 14.57 -20.15
C GLY G 161 10.10 14.43 -20.49
N ALA G 162 9.74 13.59 -21.45
CA ALA G 162 8.32 13.46 -21.77
C ALA G 162 7.71 12.57 -20.71
N PHE G 163 6.40 12.50 -20.67
CA PHE G 163 5.73 11.68 -19.69
C PHE G 163 5.18 10.42 -20.28
N PHE G 164 5.04 9.40 -19.47
CA PHE G 164 4.38 8.21 -19.92
C PHE G 164 2.93 8.43 -19.59
N LEU G 165 2.05 8.25 -20.54
CA LEU G 165 0.66 8.54 -20.29
C LEU G 165 -0.13 7.31 -20.00
N TYR G 166 -0.72 7.26 -18.82
CA TYR G 166 -1.55 6.18 -18.35
C TYR G 166 -2.95 6.72 -18.40
N ASP G 167 -3.96 5.93 -18.09
CA ASP G 167 -5.35 6.35 -18.31
C ASP G 167 -5.59 7.84 -18.21
N ARG G 168 -5.56 8.42 -17.03
CA ARG G 168 -5.77 9.85 -16.92
C ARG G 168 -4.73 10.43 -16.01
N LEU G 169 -3.56 9.83 -16.08
CA LEU G 169 -2.40 10.21 -15.28
C LEU G 169 -1.09 10.14 -16.05
N ALA G 170 -0.35 11.23 -16.07
CA ALA G 170 0.95 11.22 -16.69
C ALA G 170 1.93 10.86 -15.63
N SER G 171 2.95 10.12 -15.99
CA SER G 171 3.96 9.71 -15.04
C SER G 171 5.34 9.85 -15.52
N THR G 172 6.24 10.09 -14.61
CA THR G 172 7.62 10.17 -14.99
C THR G 172 8.25 8.80 -15.24
N VAL G 173 7.59 7.71 -14.83
CA VAL G 173 8.14 6.36 -15.00
C VAL G 173 7.23 5.33 -15.68
N ILE G 174 7.87 4.25 -16.12
CA ILE G 174 7.18 3.11 -16.71
C ILE G 174 6.79 2.07 -15.66
N TYR G 175 5.52 1.67 -15.65
CA TYR G 175 5.06 0.64 -14.72
C TYR G 175 4.96 -0.69 -15.46
N ARG G 176 5.21 -1.77 -14.75
CA ARG G 176 5.24 -3.08 -15.38
C ARG G 176 3.88 -3.58 -15.81
N GLY G 177 3.80 -4.01 -17.05
CA GLY G 177 2.60 -4.63 -17.60
C GLY G 177 1.49 -3.65 -17.97
N THR G 178 1.74 -2.36 -17.87
CA THR G 178 0.69 -1.38 -18.15
C THR G 178 0.90 -0.67 -19.48
N THR G 179 -0.17 -0.60 -20.27
CA THR G 179 -0.14 0.05 -21.58
C THR G 179 -0.08 1.56 -21.45
N PHE G 180 0.84 2.20 -22.17
CA PHE G 180 1.00 3.65 -22.13
C PHE G 180 1.37 4.29 -23.44
N ALA G 181 1.11 5.58 -23.54
CA ALA G 181 1.49 6.37 -24.71
C ALA G 181 2.58 7.34 -24.30
N GLU G 182 3.42 7.80 -25.21
CA GLU G 182 4.37 8.84 -24.77
C GLU G 182 3.75 10.20 -25.04
N GLY G 183 3.97 11.18 -24.16
CA GLY G 183 3.40 12.50 -24.43
C GLY G 183 3.72 13.63 -23.47
N VAL G 184 3.01 14.72 -23.67
CA VAL G 184 3.16 15.97 -22.94
C VAL G 184 1.84 16.52 -22.45
N VAL G 185 1.86 17.38 -21.44
CA VAL G 185 0.61 17.92 -20.91
C VAL G 185 0.47 19.43 -21.00
N ALA G 186 -0.64 19.88 -21.56
CA ALA G 186 -0.95 21.31 -21.67
C ALA G 186 -2.00 21.69 -20.64
N PHE G 187 -1.95 22.93 -20.20
CA PHE G 187 -2.99 23.43 -19.32
C PHE G 187 -3.56 24.65 -20.00
N LEU G 188 -4.87 24.84 -19.94
CA LEU G 188 -5.47 26.01 -20.57
C LEU G 188 -6.85 26.44 -20.10
N ILE G 189 -7.24 27.64 -20.57
CA ILE G 189 -8.57 28.21 -20.37
C ILE G 189 -9.39 28.08 -21.67
N LEU G 190 -10.42 27.24 -21.62
CA LEU G 190 -11.18 26.81 -22.80
C LEU G 190 -12.02 27.77 -23.69
N PRO G 191 -12.83 28.76 -23.18
CA PRO G 191 -13.69 29.66 -23.98
C PRO G 191 -12.98 30.31 -25.18
N SER G 219 -7.73 -2.91 -29.43
CA SER G 219 -6.50 -2.68 -30.17
C SER G 219 -6.05 -4.03 -30.75
N THR G 220 -5.06 -4.00 -31.66
CA THR G 220 -4.56 -5.19 -32.39
C THR G 220 -3.47 -6.03 -31.71
N THR G 221 -2.87 -5.53 -30.65
CA THR G 221 -1.74 -6.17 -29.91
C THR G 221 -0.70 -6.94 -30.75
N ILE G 222 0.44 -6.32 -30.92
CA ILE G 222 1.58 -6.87 -31.61
C ILE G 222 2.62 -7.26 -30.58
N ARG G 223 3.08 -8.50 -30.61
CA ARG G 223 4.03 -8.96 -29.60
C ARG G 223 5.45 -9.07 -30.10
N TYR G 224 6.37 -8.66 -29.26
CA TYR G 224 7.78 -8.73 -29.56
C TYR G 224 8.57 -9.36 -28.44
N GLN G 225 9.65 -10.03 -28.81
CA GLN G 225 10.61 -10.52 -27.84
C GLN G 225 11.79 -9.58 -27.85
N ALA G 226 12.43 -9.41 -26.72
CA ALA G 226 13.60 -8.56 -26.69
C ALA G 226 14.74 -9.15 -25.90
N THR G 227 15.94 -8.85 -26.37
CA THR G 227 17.15 -9.23 -25.69
C THR G 227 18.08 -8.02 -25.54
N GLY G 228 18.55 -7.79 -24.32
CA GLY G 228 19.43 -6.68 -24.02
C GLY G 228 18.61 -5.42 -23.91
N PHE G 229 17.36 -5.55 -23.54
CA PHE G 229 16.45 -4.41 -23.53
C PHE G 229 16.97 -3.07 -23.03
N GLY G 230 17.69 -3.03 -21.92
CA GLY G 230 18.08 -1.73 -21.37
C GLY G 230 19.37 -1.10 -21.92
N THR G 231 20.05 -1.76 -22.86
CA THR G 231 21.32 -1.23 -23.38
C THR G 231 21.15 -0.58 -24.77
N ASN G 232 22.26 -0.09 -25.37
CA ASN G 232 22.31 0.60 -26.66
C ASN G 232 22.17 -0.36 -27.86
N GLU G 233 22.89 -1.51 -27.82
CA GLU G 233 22.86 -2.57 -28.83
C GLU G 233 21.94 -3.67 -28.38
N THR G 234 20.73 -3.70 -28.94
CA THR G 234 19.72 -4.66 -28.53
C THR G 234 19.14 -5.30 -29.75
N GLU G 235 18.41 -6.40 -29.56
CA GLU G 235 17.76 -7.02 -30.70
C GLU G 235 16.31 -7.39 -30.41
N TYR G 236 15.49 -7.35 -31.46
CA TYR G 236 14.07 -7.67 -31.34
C TYR G 236 13.58 -8.65 -32.38
N LEU G 237 12.59 -9.45 -31.97
CA LEU G 237 11.87 -10.37 -32.84
C LEU G 237 10.38 -10.16 -32.79
N PHE G 238 9.73 -10.28 -33.92
CA PHE G 238 8.28 -10.22 -33.99
C PHE G 238 7.71 -11.60 -33.84
N GLU G 239 6.83 -11.77 -32.88
CA GLU G 239 6.26 -13.07 -32.58
C GLU G 239 5.00 -13.38 -33.36
N VAL G 240 5.05 -14.48 -34.10
CA VAL G 240 3.94 -14.93 -34.91
C VAL G 240 3.24 -16.04 -34.16
N ASP G 241 4.05 -16.90 -33.55
CA ASP G 241 3.58 -18.04 -32.77
C ASP G 241 4.61 -18.30 -31.69
N ASN G 242 4.41 -19.30 -30.79
CA ASN G 242 5.34 -19.61 -29.69
C ASN G 242 6.75 -19.97 -30.19
N LEU G 243 6.81 -20.66 -31.35
CA LEU G 243 8.00 -21.11 -32.02
C LEU G 243 8.22 -20.42 -33.34
N THR G 244 7.50 -19.33 -33.64
CA THR G 244 7.71 -18.71 -34.95
C THR G 244 7.98 -17.22 -34.81
N TYR G 245 9.12 -16.77 -35.32
CA TYR G 245 9.52 -15.38 -35.18
C TYR G 245 10.06 -14.78 -36.45
N VAL G 246 9.95 -13.47 -36.57
CA VAL G 246 10.50 -12.74 -37.70
C VAL G 246 11.49 -11.69 -37.19
N GLN G 247 12.67 -11.60 -37.79
CA GLN G 247 13.61 -10.58 -37.34
C GLN G 247 12.99 -9.22 -37.51
N LEU G 248 13.13 -8.34 -36.52
CA LEU G 248 12.51 -7.04 -36.60
C LEU G 248 13.46 -5.99 -37.14
N GLU G 249 12.93 -5.08 -37.92
CA GLU G 249 13.69 -3.97 -38.46
C GLU G 249 12.95 -2.66 -38.25
N SER G 250 13.69 -1.56 -38.21
CA SER G 250 13.13 -0.22 -38.02
C SER G 250 12.32 0.27 -39.21
N ARG G 251 12.44 -0.43 -40.34
CA ARG G 251 11.72 -0.04 -41.55
C ARG G 251 10.35 -0.67 -41.62
N PHE G 252 9.98 -1.46 -40.61
CA PHE G 252 8.68 -2.08 -40.63
C PHE G 252 7.65 -1.24 -39.90
N THR G 253 6.48 -1.14 -40.47
CA THR G 253 5.38 -0.42 -39.85
C THR G 253 4.46 -1.45 -39.22
N PRO G 254 3.58 -1.10 -38.27
CA PRO G 254 2.61 -2.00 -37.69
C PRO G 254 1.76 -2.70 -38.74
N GLN G 255 1.43 -2.00 -39.82
CA GLN G 255 0.60 -2.63 -40.82
C GLN G 255 1.37 -3.71 -41.56
N PHE G 256 2.66 -3.46 -41.76
CA PHE G 256 3.52 -4.41 -42.43
C PHE G 256 3.56 -5.68 -41.64
N LEU G 257 3.76 -5.55 -40.33
CA LEU G 257 3.85 -6.72 -39.48
C LEU G 257 2.55 -7.50 -39.49
N LEU G 258 1.41 -6.81 -39.51
CA LEU G 258 0.17 -7.54 -39.56
C LEU G 258 0.03 -8.28 -40.87
N GLN G 259 0.49 -7.68 -41.97
CA GLN G 259 0.39 -8.37 -43.25
C GLN G 259 1.29 -9.57 -43.25
N LEU G 260 2.48 -9.48 -42.65
CA LEU G 260 3.33 -10.66 -42.63
C LEU G 260 2.72 -11.75 -41.78
N ASN G 261 2.08 -11.41 -40.63
CA ASN G 261 1.46 -12.37 -39.74
C ASN G 261 0.36 -13.15 -40.47
N GLU G 262 -0.45 -12.47 -41.34
CA GLU G 262 -1.49 -13.12 -42.11
C GLU G 262 -0.93 -14.03 -43.19
N THR G 263 0.10 -13.62 -43.93
CA THR G 263 0.50 -14.54 -44.97
C THR G 263 1.25 -15.74 -44.41
N ILE G 264 2.04 -15.53 -43.37
CA ILE G 264 2.79 -16.62 -42.78
C ILE G 264 1.88 -17.58 -42.08
N TYR G 265 0.99 -17.06 -41.26
CA TYR G 265 0.14 -17.93 -40.49
C TYR G 265 -0.82 -18.66 -41.41
N ALA G 266 -1.47 -17.94 -42.34
CA ALA G 266 -2.46 -18.53 -43.25
C ALA G 266 -1.88 -19.57 -44.18
N SER G 267 -0.63 -19.39 -44.60
CA SER G 267 -0.02 -20.32 -45.52
C SER G 267 0.63 -21.50 -44.82
N GLY G 268 0.64 -21.48 -43.49
CA GLY G 268 1.25 -22.54 -42.72
C GLY G 268 2.78 -22.51 -42.69
N LYS G 269 3.41 -21.36 -42.90
CA LYS G 269 4.87 -21.32 -42.91
C LYS G 269 5.38 -21.05 -41.50
N ARG G 270 5.03 -21.97 -40.62
CA ARG G 270 5.28 -21.90 -39.20
C ARG G 270 5.97 -23.14 -38.71
N SER G 271 6.61 -23.06 -37.56
CA SER G 271 7.24 -24.25 -37.05
C SER G 271 6.22 -25.37 -36.75
N ASN G 272 6.55 -26.61 -37.19
CA ASN G 272 5.86 -27.90 -37.00
C ASN G 272 6.56 -28.80 -35.96
N THR G 273 7.92 -28.73 -35.93
CA THR G 273 8.86 -29.43 -35.05
C THR G 273 8.91 -28.63 -33.76
N THR G 274 9.74 -29.04 -32.82
CA THR G 274 9.79 -28.33 -31.56
C THR G 274 10.78 -27.17 -31.60
N GLY G 275 11.46 -26.98 -32.73
CA GLY G 275 12.44 -25.91 -32.82
C GLY G 275 11.81 -24.56 -33.16
N LYS G 276 12.57 -23.50 -33.01
CA LYS G 276 12.09 -22.18 -33.37
C LYS G 276 12.42 -21.88 -34.80
N LEU G 277 11.44 -21.40 -35.54
CA LEU G 277 11.66 -21.05 -36.92
C LEU G 277 11.84 -19.55 -37.01
N ILE G 278 13.01 -19.11 -37.41
CA ILE G 278 13.25 -17.68 -37.47
C ILE G 278 13.38 -17.19 -38.90
N TRP G 279 12.48 -16.30 -39.26
CA TRP G 279 12.38 -15.69 -40.57
C TRP G 279 13.17 -14.43 -40.73
N LYS G 280 13.70 -14.24 -41.92
CA LYS G 280 14.36 -13.00 -42.24
C LYS G 280 13.79 -12.44 -43.53
N VAL G 281 13.29 -11.23 -43.43
CA VAL G 281 12.64 -10.56 -44.53
C VAL G 281 13.61 -10.34 -45.66
N ASN G 282 13.16 -10.51 -46.88
CA ASN G 282 14.02 -10.21 -47.98
C ASN G 282 14.42 -8.73 -47.84
N PRO G 283 15.70 -8.36 -47.94
CA PRO G 283 16.19 -6.98 -47.86
C PRO G 283 15.46 -5.96 -48.76
N GLU G 284 14.88 -6.39 -49.91
CA GLU G 284 14.18 -5.53 -50.86
C GLU G 284 12.69 -5.55 -50.48
N GLU H 1 23.40 -26.75 -44.42
CA GLU H 1 24.33 -25.69 -44.83
C GLU H 1 25.31 -25.23 -43.72
N VAL H 2 24.96 -25.50 -42.44
CA VAL H 2 25.68 -25.12 -41.23
C VAL H 2 26.86 -26.06 -40.94
N GLN H 3 28.01 -25.48 -40.63
CA GLN H 3 29.22 -26.22 -40.29
C GLN H 3 29.98 -25.59 -39.14
N LEU H 4 30.49 -26.42 -38.24
CA LEU H 4 31.30 -25.90 -37.16
C LEU H 4 32.56 -26.76 -36.98
N VAL H 5 33.72 -26.11 -36.84
CA VAL H 5 34.96 -26.88 -36.69
C VAL H 5 35.79 -26.58 -35.43
N GLU H 6 36.02 -27.66 -34.68
CA GLU H 6 36.77 -27.73 -33.43
C GLU H 6 38.28 -27.53 -33.58
N SER H 7 38.87 -26.90 -32.58
CA SER H 7 40.30 -26.69 -32.43
C SER H 7 40.68 -26.49 -30.96
N GLY H 8 41.94 -26.22 -30.71
CA GLY H 8 42.43 -25.99 -29.35
C GLY H 8 42.69 -27.25 -28.52
N GLY H 9 42.85 -28.40 -29.16
CA GLY H 9 43.07 -29.65 -28.43
C GLY H 9 44.55 -30.00 -28.33
N GLY H 10 44.86 -31.30 -28.29
CA GLY H 10 46.22 -31.77 -28.13
C GLY H 10 46.54 -32.19 -26.70
N LEU H 11 47.82 -32.30 -26.38
CA LEU H 11 48.26 -32.82 -25.08
C LEU H 11 48.43 -31.79 -23.98
N VAL H 12 47.76 -32.07 -22.88
CA VAL H 12 47.75 -31.28 -21.66
C VAL H 12 48.05 -32.22 -20.49
N LYS H 13 48.74 -31.73 -19.47
CA LYS H 13 49.00 -32.58 -18.31
C LYS H 13 47.82 -32.55 -17.32
N PRO H 14 47.55 -33.64 -16.59
CA PRO H 14 46.52 -33.72 -15.58
C PRO H 14 46.89 -32.76 -14.49
N GLY H 15 45.90 -32.15 -13.90
CA GLY H 15 46.06 -31.16 -12.87
C GLY H 15 46.04 -29.78 -13.50
N GLY H 16 46.13 -29.72 -14.84
CA GLY H 16 46.13 -28.46 -15.56
C GLY H 16 44.76 -28.14 -16.12
N SER H 17 44.76 -27.33 -17.18
CA SER H 17 43.55 -26.89 -17.83
C SER H 17 43.82 -26.50 -19.27
N LEU H 18 42.76 -26.43 -20.05
CA LEU H 18 42.83 -25.94 -21.43
C LEU H 18 41.50 -25.40 -21.89
N ARG H 19 41.51 -24.61 -22.95
CA ARG H 19 40.26 -24.15 -23.52
C ARG H 19 40.15 -24.54 -24.98
N LEU H 20 39.08 -25.24 -25.32
CA LEU H 20 38.84 -25.67 -26.68
C LEU H 20 37.99 -24.64 -27.33
N SER H 21 38.02 -24.61 -28.64
CA SER H 21 37.18 -23.69 -29.38
C SER H 21 36.54 -24.42 -30.56
N CYS H 22 35.42 -23.89 -31.09
CA CYS H 22 34.76 -24.37 -32.30
C CYS H 22 34.13 -23.20 -33.04
N THR H 23 34.66 -22.92 -34.23
CA THR H 23 34.22 -21.77 -35.00
C THR H 23 33.42 -22.22 -36.19
N GLY H 24 32.26 -21.62 -36.39
CA GLY H 24 31.47 -22.03 -37.55
C GLY H 24 31.00 -20.93 -38.46
N SER H 25 30.19 -21.37 -39.42
CA SER H 25 29.60 -20.55 -40.47
C SER H 25 28.38 -21.26 -41.07
N GLY H 26 27.64 -20.56 -41.95
CA GLY H 26 26.49 -21.17 -42.66
C GLY H 26 25.16 -20.91 -41.99
N GLY H 27 25.21 -20.34 -40.80
CA GLY H 27 24.05 -20.02 -39.99
C GLY H 27 23.70 -18.55 -40.16
N THR H 28 23.03 -18.00 -39.16
CA THR H 28 22.55 -16.63 -39.15
C THR H 28 23.20 -15.83 -38.04
N GLY H 29 24.26 -16.40 -37.51
CA GLY H 29 25.00 -15.88 -36.38
C GLY H 29 24.67 -16.83 -35.28
N PHE H 30 25.60 -17.11 -34.38
CA PHE H 30 25.33 -18.11 -33.35
C PHE H 30 24.96 -17.58 -31.98
N THR H 31 24.73 -16.28 -31.89
CA THR H 31 24.45 -15.69 -30.58
C THR H 31 22.97 -15.43 -30.35
N PHE H 32 22.34 -14.84 -31.34
CA PHE H 32 20.94 -14.47 -31.24
C PHE H 32 20.28 -15.10 -32.43
N LYS H 33 18.99 -15.41 -32.33
CA LYS H 33 18.29 -16.03 -33.44
C LYS H 33 19.04 -17.28 -33.83
N TYR H 34 19.43 -18.08 -32.85
CA TYR H 34 20.18 -19.25 -33.18
C TYR H 34 20.09 -20.27 -32.10
N ALA H 35 20.37 -21.50 -32.46
CA ALA H 35 20.44 -22.62 -31.56
C ALA H 35 21.55 -22.44 -30.57
N GLY H 36 21.37 -22.99 -29.38
CA GLY H 36 22.44 -22.96 -28.42
C GLY H 36 23.40 -24.03 -28.87
N MET H 37 24.54 -24.16 -28.21
CA MET H 37 25.49 -25.15 -28.67
C MET H 37 26.08 -25.99 -27.58
N SER H 38 26.27 -27.25 -27.90
CA SER H 38 26.76 -28.19 -26.92
C SER H 38 28.11 -28.76 -27.20
N TRP H 39 28.69 -29.29 -26.13
CA TRP H 39 29.88 -30.10 -26.26
C TRP H 39 29.49 -31.51 -25.84
N VAL H 40 30.02 -32.46 -26.58
CA VAL H 40 29.88 -33.89 -26.39
C VAL H 40 31.26 -34.51 -26.52
N ARG H 41 31.59 -35.50 -25.72
CA ARG H 41 32.88 -36.12 -25.94
C ARG H 41 32.76 -37.59 -26.14
N GLN H 42 33.70 -38.16 -26.85
CA GLN H 42 33.69 -39.59 -27.01
C GLN H 42 35.09 -40.16 -26.91
N ALA H 43 35.36 -40.89 -25.84
CA ALA H 43 36.67 -41.48 -25.72
C ALA H 43 36.73 -42.58 -26.73
N PRO H 44 37.86 -42.91 -27.33
CA PRO H 44 37.95 -44.02 -28.24
C PRO H 44 37.46 -45.28 -27.51
N GLY H 45 36.62 -46.06 -28.17
CA GLY H 45 36.06 -47.29 -27.61
C GLY H 45 34.79 -47.08 -26.78
N LYS H 46 34.40 -45.82 -26.58
CA LYS H 46 33.24 -45.46 -25.78
C LYS H 46 32.19 -44.73 -26.61
N GLY H 47 30.96 -44.67 -26.12
CA GLY H 47 29.92 -43.90 -26.80
C GLY H 47 30.06 -42.43 -26.41
N PRO H 48 29.25 -41.53 -26.98
CA PRO H 48 29.23 -40.11 -26.72
C PRO H 48 28.69 -39.81 -25.33
N GLU H 49 29.25 -38.78 -24.72
CA GLU H 49 28.86 -38.28 -23.43
C GLU H 49 28.52 -36.80 -23.49
N TRP H 50 27.37 -36.41 -22.97
CA TRP H 50 27.00 -35.01 -22.99
C TRP H 50 27.84 -34.25 -21.97
N ILE H 51 28.39 -33.09 -22.35
CA ILE H 51 29.13 -32.23 -21.43
C ILE H 51 28.25 -31.09 -20.94
N GLY H 52 27.63 -30.41 -21.88
CA GLY H 52 26.78 -29.28 -21.53
C GLY H 52 26.52 -28.39 -22.72
N ARG H 53 25.59 -27.46 -22.57
CA ARG H 53 25.30 -26.55 -23.67
C ARG H 53 24.96 -25.14 -23.25
N ILE H 54 25.42 -24.19 -24.07
CA ILE H 54 25.15 -22.77 -23.86
C ILE H 54 23.95 -22.39 -24.69
N LYS H 55 22.97 -21.80 -24.05
CA LYS H 55 21.78 -21.40 -24.73
C LYS H 55 22.04 -20.14 -25.49
N SER H 56 21.21 -19.88 -26.46
CA SER H 56 21.30 -18.64 -27.20
C SER H 56 20.87 -17.54 -26.27
N ARG H 57 21.20 -16.31 -26.62
CA ARG H 57 20.82 -15.17 -25.80
C ARG H 57 19.32 -14.95 -25.79
N ILE H 58 18.64 -15.25 -26.89
CA ILE H 58 17.20 -15.02 -26.90
C ILE H 58 16.52 -15.99 -25.95
N ASP H 59 17.16 -17.13 -25.67
CA ASP H 59 16.68 -18.13 -24.73
C ASP H 59 17.29 -17.99 -23.32
N GLY H 60 17.98 -16.88 -23.06
CA GLY H 60 18.57 -16.58 -21.74
C GLY H 60 20.10 -16.63 -21.61
N GLY H 61 20.80 -17.29 -22.52
CA GLY H 61 22.27 -17.33 -22.48
C GLY H 61 22.89 -18.13 -21.32
N THR H 62 22.18 -19.12 -20.78
CA THR H 62 22.69 -19.88 -19.63
C THR H 62 23.31 -21.19 -20.06
N THR H 63 24.04 -21.85 -19.15
CA THR H 63 24.60 -23.15 -19.51
C THR H 63 24.08 -24.29 -18.64
N ASP H 64 23.57 -25.31 -19.33
CA ASP H 64 23.05 -26.54 -18.72
C ASP H 64 24.16 -27.59 -18.77
N TYR H 65 24.55 -28.10 -17.61
CA TYR H 65 25.66 -29.07 -17.59
C TYR H 65 25.28 -30.48 -17.26
N ALA H 66 26.05 -31.40 -17.84
CA ALA H 66 25.99 -32.81 -17.56
C ALA H 66 26.61 -33.05 -16.20
N ALA H 67 26.06 -33.99 -15.43
CA ALA H 67 26.61 -34.24 -14.09
C ALA H 67 28.14 -34.52 -14.04
N PRO H 68 28.76 -35.31 -14.93
CA PRO H 68 30.17 -35.68 -14.89
C PRO H 68 31.15 -34.53 -15.01
N VAL H 69 30.70 -33.37 -15.47
CA VAL H 69 31.62 -32.27 -15.63
C VAL H 69 31.27 -31.09 -14.73
N LYS H 70 30.30 -31.28 -13.84
CA LYS H 70 29.91 -30.16 -13.01
C LYS H 70 31.06 -29.77 -12.11
N ASP H 71 31.23 -28.45 -12.00
CA ASP H 71 32.25 -27.79 -11.22
C ASP H 71 33.67 -27.97 -11.79
N ARG H 72 33.78 -28.50 -13.01
CA ARG H 72 35.08 -28.62 -13.65
C ARG H 72 35.08 -27.98 -15.03
N PHE H 73 34.05 -28.25 -15.82
CA PHE H 73 34.06 -27.72 -17.17
C PHE H 73 33.08 -26.56 -17.28
N ILE H 74 33.46 -25.55 -18.08
CA ILE H 74 32.59 -24.42 -18.38
C ILE H 74 32.31 -24.22 -19.87
N VAL H 75 31.03 -24.12 -20.23
CA VAL H 75 30.69 -23.91 -21.64
C VAL H 75 30.28 -22.45 -21.81
N SER H 76 30.95 -21.77 -22.73
CA SER H 76 30.74 -20.36 -22.99
C SER H 76 30.90 -20.03 -24.47
N ARG H 77 30.50 -18.81 -24.87
CA ARG H 77 30.57 -18.41 -26.27
C ARG H 77 31.12 -17.01 -26.46
N ASP H 78 31.81 -16.82 -27.58
CA ASP H 78 32.30 -15.51 -27.99
C ASP H 78 31.25 -14.96 -28.94
N ASP H 79 30.42 -14.09 -28.37
CA ASP H 79 29.25 -13.57 -29.04
C ASP H 79 29.67 -12.83 -30.29
N SER H 80 28.92 -13.09 -31.36
CA SER H 80 29.09 -12.50 -32.68
C SER H 80 30.39 -12.87 -33.39
N ARG H 81 31.16 -13.82 -32.82
CA ARG H 81 32.37 -14.31 -33.46
C ARG H 81 32.13 -15.74 -33.89
N ASN H 82 30.89 -16.17 -33.68
CA ASN H 82 30.40 -17.47 -34.02
C ASN H 82 31.31 -18.55 -33.46
N THR H 83 31.82 -18.33 -32.23
CA THR H 83 32.73 -19.33 -31.71
C THR H 83 32.36 -19.82 -30.32
N LEU H 84 32.30 -21.12 -30.22
CA LEU H 84 31.97 -21.84 -29.01
C LEU H 84 33.24 -22.25 -28.29
N TYR H 85 33.27 -22.10 -26.98
CA TYR H 85 34.43 -22.52 -26.21
C TYR H 85 34.12 -23.46 -25.05
N LEU H 86 35.07 -24.34 -24.74
CA LEU H 86 34.96 -25.20 -23.57
C LEU H 86 36.18 -25.09 -22.69
N GLN H 87 35.98 -24.63 -21.48
CA GLN H 87 37.08 -24.47 -20.54
C GLN H 87 37.11 -25.66 -19.62
N MET H 88 38.14 -26.48 -19.73
CA MET H 88 38.19 -27.68 -18.91
C MET H 88 39.25 -27.56 -17.84
N ASN H 89 38.80 -27.50 -16.58
CA ASN H 89 39.74 -27.35 -15.49
C ASN H 89 39.90 -28.66 -14.76
N SER H 90 40.82 -28.69 -13.80
CA SER H 90 41.01 -29.86 -12.94
C SER H 90 41.10 -31.13 -13.76
N LEU H 91 41.92 -31.11 -14.80
CA LEU H 91 41.98 -32.23 -15.70
C LEU H 91 42.51 -33.51 -15.11
N LYS H 92 41.88 -34.60 -15.46
CA LYS H 92 42.29 -35.92 -15.03
C LYS H 92 42.51 -36.75 -16.29
N THR H 93 43.24 -37.85 -16.21
CA THR H 93 43.52 -38.62 -17.41
C THR H 93 42.28 -39.30 -17.99
N GLU H 94 41.23 -39.36 -17.19
CA GLU H 94 39.92 -39.90 -17.54
C GLU H 94 39.23 -39.02 -18.58
N ASP H 95 39.74 -37.78 -18.75
CA ASP H 95 39.18 -36.81 -19.67
C ASP H 95 39.76 -36.95 -21.06
N THR H 96 40.64 -37.92 -21.29
CA THR H 96 41.11 -38.07 -22.66
C THR H 96 39.91 -38.50 -23.49
N ALA H 97 39.63 -37.75 -24.55
CA ALA H 97 38.48 -38.04 -25.40
C ALA H 97 38.50 -37.21 -26.64
N VAL H 98 37.68 -37.55 -27.62
CA VAL H 98 37.52 -36.63 -28.73
C VAL H 98 36.39 -35.69 -28.36
N TYR H 99 36.66 -34.40 -28.41
CA TYR H 99 35.67 -33.40 -28.03
C TYR H 99 35.04 -32.74 -29.21
N TYR H 100 33.73 -32.87 -29.27
CA TYR H 100 32.95 -32.37 -30.37
C TYR H 100 32.06 -31.22 -29.94
N CYS H 101 31.82 -30.29 -30.86
CA CYS H 101 30.85 -29.22 -30.76
C CYS H 101 29.65 -29.73 -31.55
N ALA H 102 28.46 -29.36 -31.12
CA ALA H 102 27.30 -29.80 -31.84
C ALA H 102 26.19 -28.77 -31.83
N THR H 103 25.52 -28.67 -32.98
CA THR H 103 24.49 -27.68 -33.19
C THR H 103 23.12 -28.17 -33.67
N GLY H 104 22.10 -27.65 -33.00
CA GLY H 104 20.71 -27.88 -33.34
C GLY H 104 20.24 -26.92 -34.43
N SER H 105 20.83 -26.97 -35.60
CA SER H 105 20.45 -26.01 -36.64
C SER H 105 20.23 -26.65 -37.99
N GLY H 106 20.15 -25.80 -39.00
CA GLY H 106 19.87 -26.18 -40.38
C GLY H 106 18.81 -25.24 -40.92
N LYS H 107 18.75 -25.13 -42.24
CA LYS H 107 17.83 -24.25 -42.93
C LYS H 107 16.40 -24.80 -42.96
N GLY H 108 15.42 -23.89 -42.90
CA GLY H 108 14.00 -24.20 -42.93
C GLY H 108 13.41 -23.79 -44.28
N PRO H 109 12.06 -23.73 -44.42
CA PRO H 109 11.37 -23.38 -45.63
C PRO H 109 11.52 -21.92 -45.97
N SER H 110 11.50 -21.60 -47.25
CA SER H 110 11.51 -20.23 -47.71
C SER H 110 10.13 -19.80 -48.17
N ALA H 111 9.98 -18.52 -48.44
CA ALA H 111 8.73 -17.95 -48.92
C ALA H 111 9.07 -16.76 -49.78
N SER H 112 8.12 -16.25 -50.59
CA SER H 112 8.41 -15.09 -51.45
C SER H 112 8.81 -13.86 -50.61
N PHE H 113 8.39 -13.93 -49.38
CA PHE H 113 8.66 -13.04 -48.28
C PHE H 113 10.12 -12.91 -47.85
N GLY H 114 10.79 -14.06 -47.67
CA GLY H 114 12.12 -14.12 -47.07
C GLY H 114 12.65 -15.55 -46.86
N GLU H 115 13.74 -15.64 -46.10
CA GLU H 115 14.46 -16.90 -45.81
C GLU H 115 14.22 -17.38 -44.39
N SER H 116 14.44 -18.67 -44.11
CA SER H 116 14.25 -19.10 -42.71
C SER H 116 15.12 -20.28 -42.28
N TYR H 117 15.44 -20.31 -40.99
CA TYR H 117 16.19 -21.39 -40.30
C TYR H 117 15.49 -21.95 -39.06
N TYR H 118 15.76 -23.22 -38.74
CA TYR H 118 15.21 -23.79 -37.50
C TYR H 118 16.24 -24.01 -36.44
N TYR H 119 15.87 -23.71 -35.21
CA TYR H 119 16.75 -23.95 -34.09
C TYR H 119 16.15 -24.96 -33.14
N TYR H 120 16.83 -26.08 -33.00
CA TYR H 120 16.38 -27.26 -32.31
C TYR H 120 16.97 -27.53 -30.95
N ASP H 121 16.31 -28.44 -30.26
CA ASP H 121 16.64 -29.00 -28.96
C ASP H 121 17.33 -30.38 -29.05
N PHE H 122 17.89 -30.66 -30.23
CA PHE H 122 18.63 -31.87 -30.58
C PHE H 122 19.65 -31.50 -31.63
N ILE H 123 20.57 -32.42 -31.94
CA ILE H 123 21.65 -32.10 -32.87
C ILE H 123 21.55 -32.62 -34.30
N ASN H 124 21.69 -31.70 -35.25
CA ASN H 124 21.74 -32.05 -36.66
C ASN H 124 23.15 -31.94 -37.19
N VAL H 125 23.92 -31.01 -36.62
CA VAL H 125 25.24 -30.72 -37.11
C VAL H 125 26.31 -31.05 -36.10
N TRP H 126 27.22 -31.90 -36.51
CA TRP H 126 28.33 -32.26 -35.65
C TRP H 126 29.60 -31.74 -36.27
N GLY H 127 30.56 -31.36 -35.44
CA GLY H 127 31.85 -30.96 -35.95
C GLY H 127 32.71 -32.22 -36.17
N LYS H 128 33.99 -32.03 -36.43
CA LYS H 128 34.87 -33.17 -36.72
C LYS H 128 35.37 -33.84 -35.46
N GLY H 129 35.53 -33.05 -34.41
CA GLY H 129 36.03 -33.51 -33.13
C GLY H 129 37.51 -33.21 -32.94
N THR H 130 37.89 -32.61 -31.82
CA THR H 130 39.31 -32.33 -31.58
C THR H 130 39.76 -33.25 -30.48
N THR H 131 40.87 -33.94 -30.68
CA THR H 131 41.29 -34.87 -29.65
C THR H 131 42.04 -34.16 -28.56
N VAL H 132 41.65 -34.43 -27.33
CA VAL H 132 42.30 -33.89 -26.15
C VAL H 132 42.88 -35.04 -25.38
N THR H 133 44.18 -34.95 -25.14
CA THR H 133 44.85 -36.01 -24.42
C THR H 133 45.31 -35.49 -23.10
N VAL H 134 44.96 -36.20 -22.05
CA VAL H 134 45.40 -35.79 -20.75
C VAL H 134 46.30 -36.92 -20.26
N SER H 135 47.55 -36.61 -20.01
CA SER H 135 48.47 -37.67 -19.59
C SER H 135 49.68 -37.11 -18.84
N SER H 136 50.42 -37.99 -18.10
CA SER H 136 51.63 -37.66 -17.33
C SER H 136 52.91 -37.70 -18.18
N GLU I 1 18.55 -40.17 -11.88
CA GLU I 1 18.36 -39.40 -13.10
C GLU I 1 17.66 -40.32 -14.13
N SER I 2 17.37 -39.75 -15.34
CA SER I 2 16.77 -40.46 -16.46
C SER I 2 17.90 -41.02 -17.33
N VAL I 3 18.06 -42.33 -17.28
CA VAL I 3 19.16 -43.05 -17.90
C VAL I 3 18.69 -44.07 -18.92
N LEU I 4 19.35 -44.08 -20.08
CA LEU I 4 19.05 -45.00 -21.18
C LEU I 4 19.89 -46.26 -21.23
N THR I 5 19.22 -47.42 -21.28
CA THR I 5 19.91 -48.70 -21.43
C THR I 5 19.41 -49.44 -22.67
N GLN I 6 20.35 -49.82 -23.54
CA GLN I 6 20.03 -50.57 -24.76
C GLN I 6 20.09 -52.05 -24.61
N SER I 7 19.25 -52.73 -25.40
CA SER I 7 19.23 -54.19 -25.48
C SER I 7 18.66 -54.67 -26.84
N PRO I 8 19.29 -55.68 -27.46
CA PRO I 8 20.49 -56.45 -27.10
C PRO I 8 21.76 -55.63 -27.29
N GLY I 9 22.84 -56.03 -26.62
CA GLY I 9 24.15 -55.37 -26.80
C GLY I 9 24.68 -55.51 -28.23
N THR I 10 24.38 -56.64 -28.86
CA THR I 10 24.76 -56.89 -30.24
C THR I 10 23.57 -57.49 -30.97
N LEU I 11 23.32 -57.04 -32.18
CA LEU I 11 22.28 -57.62 -33.01
C LEU I 11 22.98 -58.44 -34.07
N SER I 12 22.40 -59.58 -34.45
CA SER I 12 23.02 -60.38 -35.50
C SER I 12 22.01 -60.82 -36.52
N LEU I 13 22.17 -60.30 -37.74
CA LEU I 13 21.23 -60.58 -38.82
C LEU I 13 21.83 -60.43 -40.21
N SER I 14 21.42 -61.28 -41.13
CA SER I 14 21.89 -61.17 -42.49
C SER I 14 21.29 -59.91 -43.10
N PRO I 15 21.96 -59.23 -44.04
CA PRO I 15 21.40 -58.08 -44.69
C PRO I 15 20.16 -58.56 -45.42
N GLY I 16 19.13 -57.72 -45.38
CA GLY I 16 17.85 -58.00 -45.99
C GLY I 16 16.83 -58.48 -44.95
N GLU I 17 17.31 -58.82 -43.76
CA GLU I 17 16.44 -59.25 -42.67
C GLU I 17 16.09 -58.02 -41.84
N ARG I 18 14.96 -58.06 -41.15
CA ARG I 18 14.48 -57.00 -40.27
C ARG I 18 15.26 -56.91 -38.98
N ALA I 19 15.49 -55.70 -38.47
CA ALA I 19 16.19 -55.56 -37.20
C ALA I 19 15.54 -54.57 -36.27
N THR I 20 15.51 -54.91 -34.99
CA THR I 20 15.02 -53.97 -34.00
C THR I 20 15.95 -53.88 -32.81
N LEU I 21 16.05 -52.67 -32.29
CA LEU I 21 16.80 -52.36 -31.09
C LEU I 21 15.99 -51.52 -30.12
N SER I 22 15.94 -51.92 -28.86
CA SER I 22 15.15 -51.18 -27.91
C SER I 22 16.02 -50.50 -26.85
N CYS I 23 15.49 -49.42 -26.24
CA CYS I 23 16.04 -48.70 -25.08
C CYS I 23 14.99 -48.58 -24.00
N ARG I 24 15.44 -48.81 -22.78
CA ARG I 24 14.59 -48.60 -21.64
C ARG I 24 15.12 -47.48 -20.81
N ALA I 25 14.27 -46.50 -20.57
CA ALA I 25 14.62 -45.37 -19.77
C ALA I 25 14.27 -45.64 -18.32
N SER I 26 15.07 -45.11 -17.41
CA SER I 26 14.77 -45.19 -15.98
C SER I 26 13.58 -44.32 -15.59
N GLN I 27 13.20 -43.36 -16.45
CA GLN I 27 12.07 -42.48 -16.19
C GLN I 27 11.20 -42.38 -17.42
N SER I 28 9.88 -42.21 -17.22
CA SER I 28 8.96 -42.03 -18.32
C SER I 28 9.22 -40.72 -19.03
N ILE I 29 9.09 -40.73 -20.34
CA ILE I 29 9.31 -39.57 -21.17
C ILE I 29 8.35 -39.46 -22.36
N SER I 30 7.93 -38.23 -22.67
CA SER I 30 7.07 -37.99 -23.83
C SER I 30 7.82 -38.22 -25.12
N ARG I 31 7.09 -38.62 -26.16
CA ARG I 31 7.66 -38.95 -27.46
C ARG I 31 8.49 -37.87 -28.11
N LYS I 32 8.09 -36.63 -27.93
CA LYS I 32 8.76 -35.53 -28.60
C LYS I 32 10.20 -35.34 -28.14
N TYR I 33 10.60 -35.97 -27.05
CA TYR I 33 11.94 -35.77 -26.55
C TYR I 33 12.93 -36.90 -26.86
N LEU I 34 12.59 -37.81 -27.75
CA LEU I 34 13.50 -38.92 -28.05
C LEU I 34 14.18 -38.88 -29.42
N ALA I 35 15.38 -39.46 -29.48
CA ALA I 35 16.13 -39.58 -30.73
C ALA I 35 17.07 -40.79 -30.73
N TRP I 36 17.46 -41.22 -31.92
CA TRP I 36 18.45 -42.28 -32.08
C TRP I 36 19.53 -41.77 -33.00
N TYR I 37 20.77 -42.21 -32.82
CA TYR I 37 21.85 -41.80 -33.71
C TYR I 37 22.62 -42.99 -34.31
N GLN I 38 23.11 -42.82 -35.54
CA GLN I 38 23.89 -43.86 -36.26
C GLN I 38 25.37 -43.53 -36.40
N GLN I 39 26.26 -44.34 -35.81
CA GLN I 39 27.67 -44.02 -35.91
C GLN I 39 28.56 -45.09 -36.54
N LYS I 40 29.46 -44.60 -37.39
CA LYS I 40 30.47 -45.43 -38.00
C LYS I 40 31.81 -44.86 -37.58
N PRO I 41 32.88 -45.66 -37.50
CA PRO I 41 34.20 -45.18 -37.15
C PRO I 41 34.61 -44.05 -38.07
N GLY I 42 35.19 -43.01 -37.49
CA GLY I 42 35.64 -41.86 -38.25
C GLY I 42 34.55 -40.81 -38.48
N GLN I 43 33.32 -41.08 -38.02
CA GLN I 43 32.24 -40.15 -38.25
C GLN I 43 31.51 -39.77 -36.97
N ALA I 44 31.01 -38.53 -36.92
CA ALA I 44 30.16 -38.16 -35.80
C ALA I 44 28.81 -38.83 -36.08
N PRO I 45 28.00 -39.21 -35.08
CA PRO I 45 26.74 -39.90 -35.27
C PRO I 45 25.72 -39.11 -36.11
N ARG I 46 24.99 -39.79 -36.99
CA ARG I 46 23.96 -39.14 -37.80
C ARG I 46 22.66 -39.12 -37.03
N LEU I 47 21.85 -38.08 -37.21
CA LEU I 47 20.60 -38.02 -36.45
C LEU I 47 19.55 -39.09 -36.67
N LEU I 48 19.34 -39.58 -37.88
CA LEU I 48 18.31 -40.62 -38.15
C LEU I 48 16.84 -40.29 -37.88
N ILE I 49 16.50 -40.17 -36.60
CA ILE I 49 15.16 -40.00 -36.09
C ILE I 49 15.16 -39.10 -34.85
N TYR I 50 14.12 -38.29 -34.70
CA TYR I 50 13.96 -37.46 -33.53
C TYR I 50 12.48 -37.36 -33.16
N GLY I 51 12.19 -37.05 -31.91
CA GLY I 51 10.81 -36.88 -31.52
C GLY I 51 10.11 -38.23 -31.52
N SER I 52 10.91 -39.28 -31.29
CA SER I 52 10.52 -40.68 -31.28
C SER I 52 10.18 -41.22 -32.67
N SER I 53 9.19 -40.62 -33.33
CA SER I 53 8.71 -41.05 -34.64
C SER I 53 8.95 -40.11 -35.83
N SER I 54 9.61 -38.97 -35.67
CA SER I 54 9.80 -38.06 -36.82
C SER I 54 11.15 -38.27 -37.47
N ARG I 55 11.16 -38.56 -38.75
CA ARG I 55 12.45 -38.84 -39.36
C ARG I 55 13.28 -37.59 -39.56
N ALA I 56 14.57 -37.74 -39.42
CA ALA I 56 15.51 -36.69 -39.75
C ALA I 56 15.54 -36.66 -41.26
N THR I 57 15.92 -35.56 -41.88
CA THR I 57 15.98 -35.60 -43.32
C THR I 57 17.26 -36.25 -43.75
N GLY I 58 17.30 -36.73 -45.01
CA GLY I 58 18.49 -37.38 -45.55
C GLY I 58 18.55 -38.86 -45.13
N ILE I 59 17.47 -39.31 -44.50
CA ILE I 59 17.34 -40.65 -43.95
C ILE I 59 16.29 -41.46 -44.70
N PRO I 60 16.60 -42.68 -45.16
CA PRO I 60 15.73 -43.62 -45.82
C PRO I 60 14.51 -44.00 -44.98
N ASP I 61 13.41 -44.31 -45.65
CA ASP I 61 12.13 -44.67 -45.04
C ASP I 61 12.15 -45.99 -44.29
N ARG I 62 13.17 -46.80 -44.56
CA ARG I 62 13.32 -48.06 -43.88
C ARG I 62 13.60 -47.87 -42.39
N PHE I 63 14.05 -46.66 -41.99
CA PHE I 63 14.30 -46.37 -40.59
C PHE I 63 13.07 -45.74 -39.96
N SER I 64 12.52 -46.38 -38.94
CA SER I 64 11.33 -45.82 -38.28
C SER I 64 11.32 -46.05 -36.78
N GLY I 65 11.14 -44.97 -36.03
CA GLY I 65 11.12 -45.09 -34.57
C GLY I 65 9.71 -45.18 -34.02
N SER I 66 9.60 -45.72 -32.81
CA SER I 66 8.32 -45.79 -32.10
C SER I 66 8.53 -45.93 -30.60
N GLY I 67 7.47 -45.74 -29.81
CA GLY I 67 7.57 -45.96 -28.38
C GLY I 67 6.87 -44.92 -27.53
N SER I 68 6.81 -45.18 -26.24
CA SER I 68 6.17 -44.31 -25.25
C SER I 68 6.65 -44.66 -23.85
N GLY I 69 6.37 -43.79 -22.87
CA GLY I 69 6.70 -44.15 -21.50
C GLY I 69 8.19 -44.31 -21.37
N THR I 70 8.62 -45.50 -20.98
CA THR I 70 10.03 -45.81 -20.82
C THR I 70 10.59 -46.68 -21.91
N ASP I 71 9.75 -47.13 -22.83
CA ASP I 71 10.20 -48.10 -23.83
C ASP I 71 10.13 -47.63 -25.27
N PHE I 72 11.31 -47.48 -25.86
CA PHE I 72 11.42 -46.99 -27.23
C PHE I 72 12.23 -47.93 -28.11
N THR I 73 11.84 -48.01 -29.38
CA THR I 73 12.48 -48.89 -30.35
C THR I 73 12.79 -48.22 -31.69
N LEU I 74 13.89 -48.65 -32.29
CA LEU I 74 14.20 -48.29 -33.67
C LEU I 74 14.10 -49.54 -34.51
N THR I 75 13.27 -49.47 -35.53
CA THR I 75 13.07 -50.59 -36.43
C THR I 75 13.62 -50.27 -37.79
N ILE I 76 14.41 -51.18 -38.32
CA ILE I 76 14.88 -51.04 -39.67
C ILE I 76 14.14 -52.16 -40.42
N SER I 77 13.30 -51.78 -41.39
CA SER I 77 12.44 -52.81 -42.01
C SER I 77 13.21 -53.89 -42.75
N ARG I 78 14.35 -53.52 -43.29
CA ARG I 78 15.28 -54.40 -43.98
C ARG I 78 16.62 -53.81 -43.66
N LEU I 79 17.51 -54.53 -43.05
CA LEU I 79 18.77 -53.90 -42.72
C LEU I 79 19.72 -54.09 -43.89
N GLU I 80 20.24 -52.99 -44.43
CA GLU I 80 21.13 -53.08 -45.58
C GLU I 80 22.58 -53.17 -45.09
N PRO I 81 23.56 -53.69 -45.86
CA PRO I 81 24.97 -53.76 -45.47
C PRO I 81 25.53 -52.42 -44.96
N GLU I 82 25.05 -51.33 -45.54
CA GLU I 82 25.49 -49.99 -45.20
C GLU I 82 24.94 -49.50 -43.86
N ASP I 83 23.97 -50.22 -43.32
CA ASP I 83 23.31 -49.85 -42.09
C ASP I 83 23.91 -50.59 -40.89
N PHE I 84 24.94 -51.41 -41.08
CA PHE I 84 25.48 -52.15 -39.93
C PHE I 84 26.49 -51.30 -39.14
N ALA I 85 25.90 -50.35 -38.43
CA ALA I 85 26.52 -49.29 -37.63
C ALA I 85 26.24 -49.48 -36.15
N VAL I 86 26.84 -48.61 -35.33
CA VAL I 86 26.54 -48.63 -33.91
C VAL I 86 25.41 -47.66 -33.65
N TYR I 87 24.37 -48.11 -32.98
CA TYR I 87 23.25 -47.23 -32.74
C TYR I 87 23.16 -46.81 -31.29
N TYR I 88 22.76 -45.56 -31.09
CA TYR I 88 22.60 -44.97 -29.77
C TYR I 88 21.23 -44.36 -29.59
N CYS I 89 20.69 -44.37 -28.36
CA CYS I 89 19.48 -43.61 -27.98
C CYS I 89 19.90 -42.29 -27.38
N HIS I 90 18.98 -41.35 -27.44
CA HIS I 90 19.17 -40.08 -26.82
C HIS I 90 17.85 -39.50 -26.35
N GLN I 91 17.89 -38.83 -25.21
CA GLN I 91 16.70 -38.18 -24.72
C GLN I 91 16.98 -36.78 -24.22
N TYR I 92 16.00 -35.89 -24.39
CA TYR I 92 16.23 -34.47 -24.09
C TYR I 92 15.82 -34.10 -22.67
N GLU I 93 14.82 -34.79 -22.12
CA GLU I 93 14.28 -34.60 -20.77
C GLU I 93 13.82 -33.20 -20.43
N SER I 94 13.56 -32.41 -21.44
CA SER I 94 13.16 -31.01 -21.31
C SER I 94 14.28 -30.13 -20.70
N SER I 95 15.48 -30.70 -20.47
CA SER I 95 16.64 -29.97 -19.95
C SER I 95 17.99 -30.74 -19.94
N PRO I 96 18.26 -31.78 -19.09
CA PRO I 96 19.49 -32.55 -19.13
C PRO I 96 19.48 -33.48 -20.31
N TRP I 97 20.61 -33.75 -20.91
CA TRP I 97 20.62 -34.73 -21.98
C TRP I 97 21.32 -36.02 -21.61
N THR I 98 20.76 -37.12 -22.11
CA THR I 98 21.30 -38.47 -21.91
C THR I 98 21.48 -39.27 -23.20
N PHE I 99 22.64 -39.96 -23.33
CA PHE I 99 22.94 -40.87 -24.45
C PHE I 99 22.93 -42.34 -23.96
N GLY I 100 22.59 -43.28 -24.86
CA GLY I 100 22.64 -44.72 -24.54
C GLY I 100 24.09 -45.20 -24.63
N GLN I 101 24.35 -46.47 -24.29
CA GLN I 101 25.74 -46.92 -24.30
C GLN I 101 26.37 -47.27 -25.66
N GLY I 102 25.55 -47.57 -26.67
CA GLY I 102 26.01 -47.95 -27.99
C GLY I 102 25.85 -49.43 -28.23
N THR I 103 25.05 -49.75 -29.23
CA THR I 103 24.77 -51.12 -29.62
C THR I 103 25.28 -51.43 -30.99
N LYS I 104 25.97 -52.54 -31.11
CA LYS I 104 26.56 -52.90 -32.39
C LYS I 104 25.65 -53.79 -33.20
N VAL I 105 25.53 -53.48 -34.49
CA VAL I 105 24.76 -54.34 -35.36
C VAL I 105 25.72 -55.04 -36.32
N GLU I 106 25.68 -56.38 -36.33
CA GLU I 106 26.59 -57.20 -37.14
C GLU I 106 25.84 -58.20 -38.04
N ILE I 107 26.48 -58.62 -39.16
CA ILE I 107 25.98 -59.63 -40.10
C ILE I 107 26.12 -61.02 -39.47
N VAL J 43 1.30 34.41 -29.79
CA VAL J 43 2.67 34.43 -29.24
C VAL J 43 3.37 33.03 -29.24
N ILE J 44 2.76 32.00 -29.86
CA ILE J 44 3.25 30.62 -29.93
C ILE J 44 3.75 30.28 -31.31
N VAL J 45 5.03 29.95 -31.40
CA VAL J 45 5.60 29.58 -32.68
C VAL J 45 5.92 28.11 -32.69
N ASN J 46 5.20 27.35 -33.50
CA ASN J 46 5.41 25.92 -33.53
C ASN J 46 6.66 25.63 -34.32
N ALA J 47 7.63 25.03 -33.64
CA ALA J 47 8.93 24.77 -34.20
C ALA J 47 9.21 23.28 -34.29
N GLN J 48 8.17 22.49 -34.39
CA GLN J 48 8.32 21.06 -34.45
C GLN J 48 8.57 20.64 -35.89
N PRO J 49 9.31 19.56 -36.16
CA PRO J 49 9.54 18.98 -37.46
C PRO J 49 8.28 18.77 -38.28
N LYS J 50 7.20 18.39 -37.61
CA LYS J 50 5.95 18.17 -38.28
C LYS J 50 4.84 18.27 -37.25
N CYS J 51 3.57 18.30 -37.71
CA CYS J 51 2.39 18.45 -36.88
C CYS J 51 1.20 17.69 -37.44
N ASN J 52 0.57 16.88 -36.60
CA ASN J 52 -0.69 16.30 -36.98
C ASN J 52 -1.70 17.43 -36.79
N PRO J 53 -2.33 17.96 -37.84
CA PRO J 53 -3.20 19.10 -37.80
C PRO J 53 -4.51 18.82 -37.12
N ASN J 54 -4.80 17.58 -36.78
CA ASN J 54 -6.08 17.35 -36.17
C ASN J 54 -6.04 16.51 -34.91
N LEU J 55 -7.10 16.59 -34.12
CA LEU J 55 -7.19 15.85 -32.89
C LEU J 55 -8.30 14.89 -32.86
N HIS J 56 -7.98 13.69 -32.46
CA HIS J 56 -8.96 12.67 -32.26
C HIS J 56 -8.84 12.50 -30.79
N TYR J 57 -9.88 12.86 -30.08
CA TYR J 57 -9.83 12.93 -28.64
C TYR J 57 -10.85 12.10 -27.92
N TRP J 58 -10.52 11.85 -26.66
CA TRP J 58 -11.41 11.21 -25.72
C TRP J 58 -11.42 11.96 -24.41
N THR J 59 -12.52 11.82 -23.69
CA THR J 59 -12.67 12.40 -22.35
C THR J 59 -13.79 11.76 -21.54
N THR J 60 -14.02 12.24 -20.33
CA THR J 60 -15.02 11.67 -19.45
C THR J 60 -16.04 12.68 -18.98
N GLN J 61 -17.18 12.71 -19.66
CA GLN J 61 -18.22 13.69 -19.39
C GLN J 61 -19.54 12.99 -19.20
N GLY J 68 -31.40 5.72 -17.02
CA GLY J 68 -32.23 5.73 -15.84
C GLY J 68 -31.44 5.27 -14.63
N LEU J 69 -30.99 3.99 -14.66
CA LEU J 69 -30.16 3.34 -13.63
C LEU J 69 -28.71 3.45 -14.02
N ALA J 70 -28.45 4.09 -15.14
CA ALA J 70 -27.12 4.18 -15.69
C ALA J 70 -26.13 4.83 -14.76
N TRP J 71 -26.58 5.76 -13.92
CA TRP J 71 -25.70 6.45 -13.00
C TRP J 71 -25.23 5.58 -11.83
N ILE J 72 -25.89 4.48 -11.58
CA ILE J 72 -25.56 3.62 -10.45
C ILE J 72 -24.37 2.75 -10.86
N PRO J 73 -23.23 2.75 -10.15
CA PRO J 73 -22.04 1.98 -10.46
C PRO J 73 -22.31 0.50 -10.72
N TYR J 74 -23.28 -0.04 -10.02
CA TYR J 74 -23.69 -1.42 -10.17
C TYR J 74 -24.26 -1.72 -11.55
N PHE J 75 -25.01 -0.79 -12.14
CA PHE J 75 -25.65 -1.03 -13.42
C PHE J 75 -24.98 -0.29 -14.57
N GLY J 76 -24.12 0.65 -14.26
CA GLY J 76 -23.50 1.46 -15.28
C GLY J 76 -22.42 0.69 -16.01
N PRO J 77 -21.73 1.33 -16.94
CA PRO J 77 -20.69 0.76 -17.79
C PRO J 77 -19.41 0.46 -17.06
N ALA J 78 -18.66 -0.47 -17.62
CA ALA J 78 -17.32 -0.81 -17.13
C ALA J 78 -16.40 0.31 -17.54
N ALA J 79 -15.25 0.44 -16.89
CA ALA J 79 -14.34 1.54 -17.12
C ALA J 79 -13.95 1.76 -18.58
N GLU J 80 -13.82 0.72 -19.38
CA GLU J 80 -13.42 0.95 -20.75
C GLU J 80 -14.46 1.74 -21.56
N GLY J 81 -15.70 1.74 -21.09
CA GLY J 81 -16.85 2.36 -21.72
C GLY J 81 -17.27 3.70 -21.14
N ILE J 82 -16.47 4.33 -20.28
CA ILE J 82 -16.96 5.58 -19.68
C ILE J 82 -16.47 6.81 -20.43
N TYR J 83 -15.84 6.61 -21.56
CA TYR J 83 -15.27 7.71 -22.31
C TYR J 83 -16.10 8.10 -23.52
N THR J 84 -16.06 9.38 -23.83
CA THR J 84 -16.68 9.90 -25.04
C THR J 84 -15.59 10.17 -26.06
N GLU J 85 -15.99 10.58 -27.25
CA GLU J 85 -15.03 10.77 -28.32
C GLU J 85 -15.46 11.74 -29.42
N GLY J 86 -14.48 12.25 -30.18
CA GLY J 86 -14.78 13.07 -31.36
C GLY J 86 -13.55 13.66 -32.02
N LEU J 87 -13.75 14.43 -33.11
CA LEU J 87 -12.63 15.05 -33.80
C LEU J 87 -12.70 16.56 -33.79
N MET J 88 -11.54 17.19 -33.82
CA MET J 88 -11.40 18.64 -34.03
C MET J 88 -10.37 18.91 -35.09
N HIS J 89 -10.57 19.94 -35.90
CA HIS J 89 -9.57 20.29 -36.88
C HIS J 89 -8.79 21.52 -36.48
N ASN J 90 -7.80 21.90 -37.28
CA ASN J 90 -6.91 23.01 -36.94
C ASN J 90 -7.51 24.35 -37.24
N GLN J 91 -8.57 24.67 -36.54
CA GLN J 91 -9.25 25.89 -36.82
C GLN J 91 -8.39 27.02 -36.36
N ASP J 92 -8.08 27.91 -37.27
CA ASP J 92 -7.27 29.08 -37.04
C ASP J 92 -5.93 28.78 -36.38
N GLY J 93 -5.32 27.66 -36.72
CA GLY J 93 -3.99 27.35 -36.19
C GLY J 93 -3.97 26.81 -34.76
N LEU J 94 -5.14 26.58 -34.18
CA LEU J 94 -5.21 26.14 -32.80
C LEU J 94 -4.54 24.82 -32.49
N ILE J 95 -4.64 23.81 -33.33
CA ILE J 95 -4.09 22.54 -32.90
C ILE J 95 -2.58 22.52 -32.84
N CYS J 96 -1.88 23.04 -33.88
CA CYS J 96 -0.44 23.08 -33.91
C CYS J 96 0.05 24.06 -32.82
N GLY J 97 -0.70 25.13 -32.56
CA GLY J 97 -0.31 26.01 -31.49
C GLY J 97 -0.38 25.27 -30.16
N LEU J 98 -1.41 24.46 -29.99
CA LEU J 98 -1.59 23.69 -28.78
C LEU J 98 -0.50 22.66 -28.60
N ARG J 99 -0.08 21.99 -29.68
CA ARG J 99 0.98 21.02 -29.53
C ARG J 99 2.25 21.70 -29.08
N GLN J 100 2.54 22.89 -29.61
CA GLN J 100 3.72 23.62 -29.19
C GLN J 100 3.61 24.05 -27.75
N LEU J 101 2.41 24.42 -27.31
CA LEU J 101 2.26 24.82 -25.92
C LEU J 101 2.61 23.67 -25.01
N ALA J 102 2.07 22.49 -25.29
CA ALA J 102 2.36 21.34 -24.43
C ALA J 102 3.86 20.99 -24.34
N ASN J 103 4.59 21.21 -25.45
CA ASN J 103 6.03 21.02 -25.57
C ASN J 103 6.79 22.02 -24.68
N GLU J 104 6.30 23.28 -24.53
CA GLU J 104 6.90 24.35 -23.71
C GLU J 104 6.56 24.26 -22.23
N THR J 105 5.37 23.77 -21.90
CA THR J 105 4.96 23.69 -20.50
C THR J 105 5.61 22.54 -19.78
N THR J 106 6.22 21.64 -20.54
CA THR J 106 6.85 20.47 -19.97
C THR J 106 7.99 20.80 -19.03
N GLN J 107 8.84 21.76 -19.36
CA GLN J 107 9.94 22.05 -18.45
C GLN J 107 9.45 22.57 -17.11
N ALA J 108 8.48 23.47 -17.13
CA ALA J 108 7.98 24.02 -15.90
C ALA J 108 7.32 22.95 -15.06
N LEU J 109 6.62 22.04 -15.72
CA LEU J 109 5.93 21.01 -15.00
C LEU J 109 6.91 20.05 -14.37
N GLN J 110 7.97 19.68 -15.06
CA GLN J 110 8.88 18.76 -14.43
C GLN J 110 9.60 19.38 -13.23
N LEU J 111 9.95 20.67 -13.29
CA LEU J 111 10.62 21.27 -12.14
C LEU J 111 9.68 21.36 -10.97
N PHE J 112 8.42 21.65 -11.25
CA PHE J 112 7.40 21.70 -10.23
C PHE J 112 7.31 20.38 -9.51
N LEU J 113 7.21 19.30 -10.29
CA LEU J 113 7.08 18.00 -9.68
C LEU J 113 8.30 17.63 -8.89
N ARG J 114 9.49 18.03 -9.31
CA ARG J 114 10.66 17.70 -8.53
C ARG J 114 10.56 18.25 -7.11
N ALA J 115 10.11 19.50 -7.00
CA ALA J 115 9.98 20.19 -5.73
C ALA J 115 8.91 19.64 -4.77
N THR J 116 7.80 19.15 -5.29
CA THR J 116 6.72 18.73 -4.40
C THR J 116 6.88 17.32 -3.83
N THR J 117 6.07 16.98 -2.82
CA THR J 117 6.10 15.64 -2.22
C THR J 117 4.85 14.81 -2.41
N GLU J 118 3.82 15.36 -3.02
CA GLU J 118 2.62 14.60 -3.25
C GLU J 118 3.00 13.47 -4.18
N LEU J 119 2.44 12.29 -3.97
CA LEU J 119 2.77 11.23 -4.90
C LEU J 119 1.98 11.46 -6.18
N ARG J 120 0.79 12.03 -6.04
CA ARG J 120 -0.05 12.30 -7.18
C ARG J 120 -0.60 13.71 -7.06
N THR J 121 -0.41 14.53 -8.09
CA THR J 121 -0.91 15.88 -8.03
C THR J 121 -2.14 16.09 -8.91
N PHE J 122 -3.21 16.48 -8.24
CA PHE J 122 -4.50 16.73 -8.86
C PHE J 122 -4.89 18.20 -8.73
N SER J 123 -4.06 18.97 -8.06
CA SER J 123 -4.34 20.34 -7.68
C SER J 123 -3.72 21.48 -8.49
N ILE J 124 -3.10 21.21 -9.63
CA ILE J 124 -2.47 22.32 -10.36
C ILE J 124 -3.49 23.34 -10.80
N LEU J 125 -4.62 22.90 -11.31
CA LEU J 125 -5.61 23.86 -11.78
C LEU J 125 -6.35 24.56 -10.64
N ASN J 126 -6.43 23.96 -9.46
CA ASN J 126 -7.11 24.66 -8.40
C ASN J 126 -6.23 25.81 -7.97
N ARG J 127 -4.92 25.59 -7.98
CA ARG J 127 -4.00 26.66 -7.62
C ARG J 127 -4.12 27.77 -8.63
N LYS J 128 -4.29 27.43 -9.90
CA LYS J 128 -4.40 28.47 -10.90
C LYS J 128 -5.63 29.31 -10.67
N ALA J 129 -6.75 28.70 -10.31
CA ALA J 129 -7.95 29.49 -10.06
C ALA J 129 -7.73 30.44 -8.89
N ILE J 130 -7.03 29.97 -7.85
CA ILE J 130 -6.80 30.83 -6.72
C ILE J 130 -5.90 31.99 -7.08
N ASP J 131 -4.80 31.75 -7.80
CA ASP J 131 -3.94 32.86 -8.17
C ASP J 131 -4.66 33.85 -9.06
N PHE J 132 -5.51 33.35 -9.96
CA PHE J 132 -6.25 34.25 -10.82
C PHE J 132 -7.02 35.23 -9.96
N LEU J 133 -7.75 34.72 -8.98
CA LEU J 133 -8.50 35.59 -8.13
C LEU J 133 -7.62 36.52 -7.30
N LEU J 134 -6.51 36.05 -6.76
CA LEU J 134 -5.67 36.93 -5.92
C LEU J 134 -5.06 38.09 -6.70
N GLN J 135 -4.75 37.88 -7.96
CA GLN J 135 -4.17 38.93 -8.79
C GLN J 135 -5.13 40.05 -9.10
N ARG J 136 -6.43 39.79 -8.99
CA ARG J 136 -7.41 40.76 -9.40
C ARG J 136 -8.05 41.37 -8.17
N TRP J 137 -8.27 40.53 -7.17
CA TRP J 137 -8.89 40.90 -5.91
C TRP J 137 -8.07 40.33 -4.74
N GLY J 138 -6.87 40.92 -4.47
CA GLY J 138 -5.92 40.46 -3.47
C GLY J 138 -6.02 41.28 -2.20
N GLN K 1 -8.62 -0.10 -49.80
CA GLN K 1 -9.54 -0.96 -49.08
C GLN K 1 -11.01 -0.56 -49.29
N VAL K 2 -11.41 0.65 -48.83
CA VAL K 2 -12.78 1.15 -48.90
C VAL K 2 -13.05 1.75 -50.26
N GLN K 3 -14.09 1.25 -50.89
CA GLN K 3 -14.46 1.69 -52.20
C GLN K 3 -15.53 2.73 -52.07
N LEU K 4 -15.42 3.77 -52.86
CA LEU K 4 -16.39 4.83 -52.83
C LEU K 4 -17.05 5.02 -54.18
N HIS K 5 -18.38 4.96 -54.20
CA HIS K 5 -19.09 5.12 -55.47
C HIS K 5 -20.18 6.16 -55.46
N GLU K 6 -19.96 7.23 -56.20
CA GLU K 6 -20.92 8.31 -56.28
C GLU K 6 -22.05 7.99 -57.25
N SER K 7 -23.25 8.45 -56.92
CA SER K 7 -24.37 8.35 -57.85
C SER K 7 -25.31 9.54 -57.68
N GLY K 8 -26.09 9.84 -58.71
CA GLY K 8 -27.01 10.96 -58.62
C GLY K 8 -27.71 11.16 -59.96
N PRO K 9 -28.52 12.23 -60.10
CA PRO K 9 -29.34 12.54 -61.26
C PRO K 9 -28.62 12.84 -62.57
N GLY K 10 -27.36 13.24 -62.52
CA GLY K 10 -26.63 13.54 -63.76
C GLY K 10 -26.96 14.95 -64.25
N LEU K 11 -28.21 15.16 -64.63
CA LEU K 11 -28.66 16.46 -65.10
C LEU K 11 -29.72 17.07 -64.22
N VAL K 12 -29.45 18.30 -63.78
CA VAL K 12 -30.39 19.04 -62.96
C VAL K 12 -30.61 20.41 -63.58
N LYS K 13 -31.69 21.07 -63.17
CA LYS K 13 -32.00 22.38 -63.69
C LYS K 13 -31.58 23.46 -62.70
N PRO K 14 -31.38 24.69 -63.14
CA PRO K 14 -31.10 25.83 -62.31
C PRO K 14 -32.19 25.96 -61.28
N SER K 15 -31.78 26.35 -60.10
CA SER K 15 -32.57 26.55 -58.90
C SER K 15 -33.07 25.25 -58.27
N GLN K 16 -32.65 24.11 -58.79
CA GLN K 16 -33.01 22.84 -58.17
C GLN K 16 -31.94 22.42 -57.18
N THR K 17 -32.29 21.49 -56.32
CA THR K 17 -31.30 20.97 -55.41
C THR K 17 -30.69 19.71 -56.00
N LEU K 18 -29.38 19.67 -55.97
CA LEU K 18 -28.60 18.54 -56.45
C LEU K 18 -28.32 17.57 -55.34
N SER K 19 -28.59 16.30 -55.58
CA SER K 19 -28.35 15.31 -54.55
C SER K 19 -27.47 14.17 -55.01
N LEU K 20 -26.29 14.10 -54.39
CA LEU K 20 -25.31 13.06 -54.72
C LEU K 20 -25.06 12.16 -53.53
N THR K 21 -25.19 10.89 -53.75
CA THR K 21 -24.99 9.92 -52.67
C THR K 21 -23.78 9.05 -52.94
N CYS K 22 -22.90 8.88 -51.93
CA CYS K 22 -21.72 8.05 -52.01
C CYS K 22 -21.90 6.78 -51.19
N THR K 23 -21.77 5.65 -51.87
CA THR K 23 -21.89 4.36 -51.24
C THR K 23 -20.54 3.97 -50.67
N VAL K 24 -20.53 3.56 -49.42
CA VAL K 24 -19.29 3.15 -48.75
C VAL K 24 -19.23 1.63 -48.65
N SER K 25 -18.20 1.02 -49.22
CA SER K 25 -18.11 -0.43 -49.20
C SER K 25 -16.72 -0.96 -48.93
N GLY K 26 -16.62 -2.03 -48.15
CA GLY K 26 -15.29 -2.57 -47.83
C GLY K 26 -14.79 -1.95 -46.53
N GLY K 27 -15.70 -1.28 -45.86
CA GLY K 27 -15.50 -0.59 -44.61
C GLY K 27 -16.86 -0.12 -44.15
N SER K 28 -16.88 0.79 -43.20
CA SER K 28 -18.14 1.25 -42.64
C SER K 28 -17.99 2.70 -42.28
N ILE K 29 -19.09 3.36 -42.00
CA ILE K 29 -19.03 4.75 -41.63
C ILE K 29 -18.52 5.04 -40.24
N ASN K 30 -18.96 4.31 -39.23
CA ASN K 30 -18.49 4.63 -37.88
C ASN K 30 -17.17 3.93 -37.62
N SER K 31 -16.15 4.36 -38.36
CA SER K 31 -14.84 3.74 -38.37
C SER K 31 -13.79 4.29 -37.40
N ALA K 32 -14.10 5.39 -36.72
CA ALA K 32 -13.22 6.04 -35.73
C ALA K 32 -11.96 6.67 -36.33
N GLY K 33 -11.99 8.00 -36.47
CA GLY K 33 -10.84 8.74 -36.97
C GLY K 33 -10.91 9.11 -38.43
N TYR K 34 -12.08 9.01 -39.04
CA TYR K 34 -12.16 9.34 -40.44
C TYR K 34 -13.13 10.42 -40.75
N TYR K 35 -12.83 11.17 -41.79
CA TYR K 35 -13.70 12.21 -42.27
C TYR K 35 -14.26 11.77 -43.61
N TRP K 36 -15.52 12.02 -43.83
CA TRP K 36 -16.14 11.71 -45.11
C TRP K 36 -16.30 13.02 -45.86
N THR K 37 -15.67 13.17 -47.02
CA THR K 37 -15.65 14.48 -47.67
C THR K 37 -16.12 14.54 -49.11
N TRP K 38 -16.41 15.77 -49.56
CA TRP K 38 -16.74 16.04 -50.96
C TRP K 38 -15.85 17.14 -51.56
N ILE K 39 -15.48 16.94 -52.84
CA ILE K 39 -14.65 17.85 -53.67
C ILE K 39 -15.30 18.16 -55.05
N ARG K 40 -15.24 19.43 -55.47
CA ARG K 40 -15.79 19.83 -56.77
C ARG K 40 -14.70 20.11 -57.85
N GLN K 41 -14.83 19.48 -59.01
CA GLN K 41 -13.87 19.64 -60.10
C GLN K 41 -13.74 20.97 -60.84
N HIS K 42 -14.82 21.71 -61.07
CA HIS K 42 -14.70 22.93 -61.89
C HIS K 42 -13.90 22.68 -63.18
N PRO K 43 -14.45 22.01 -64.19
CA PRO K 43 -13.70 21.57 -65.34
C PRO K 43 -12.94 22.72 -65.98
N GLY K 44 -11.66 22.46 -66.26
CA GLY K 44 -10.75 23.42 -66.85
C GLY K 44 -9.96 24.21 -65.80
N LYS K 45 -10.37 24.08 -64.55
CA LYS K 45 -9.78 24.76 -63.42
C LYS K 45 -9.31 23.76 -62.38
N GLY K 46 -8.70 24.26 -61.29
CA GLY K 46 -8.26 23.37 -60.23
C GLY K 46 -9.45 23.00 -59.35
N LEU K 47 -9.18 22.23 -58.31
CA LEU K 47 -10.22 21.72 -57.43
C LEU K 47 -10.63 22.65 -56.29
N GLU K 48 -11.90 22.55 -55.89
CA GLU K 48 -12.41 23.27 -54.73
C GLU K 48 -12.98 22.28 -53.72
N TRP K 49 -12.50 22.32 -52.50
CA TRP K 49 -13.00 21.41 -51.47
C TRP K 49 -14.37 21.89 -51.01
N ILE K 50 -15.34 20.99 -50.82
CA ILE K 50 -16.66 21.42 -50.40
C ILE K 50 -16.88 21.35 -48.91
N GLY K 51 -16.57 20.21 -48.30
CA GLY K 51 -16.87 20.05 -46.89
C GLY K 51 -16.73 18.63 -46.39
N TYR K 52 -16.94 18.45 -45.08
CA TYR K 52 -16.85 17.12 -44.50
C TYR K 52 -17.91 16.85 -43.48
N ILE K 53 -18.16 15.58 -43.27
CA ILE K 53 -18.95 15.11 -42.17
C ILE K 53 -18.08 14.13 -41.40
N ASP K 54 -18.12 14.21 -40.09
CA ASP K 54 -17.28 13.38 -39.26
C ASP K 54 -17.88 12.00 -39.10
N TYR K 55 -17.21 11.12 -38.40
CA TYR K 55 -17.70 9.78 -38.17
C TYR K 55 -18.78 9.83 -37.11
N THR K 56 -18.83 10.95 -36.42
CA THR K 56 -19.78 11.22 -35.38
C THR K 56 -20.98 12.02 -35.89
N GLY K 57 -20.99 12.36 -37.19
CA GLY K 57 -22.09 13.12 -37.79
C GLY K 57 -21.96 14.65 -37.74
N ARG K 58 -20.87 15.15 -37.19
CA ARG K 58 -20.60 16.57 -37.08
C ARG K 58 -20.16 17.13 -38.42
N THR K 59 -20.53 18.36 -38.80
CA THR K 59 -20.08 18.88 -40.10
C THR K 59 -19.34 20.20 -40.09
N TYR K 60 -18.65 20.43 -41.20
CA TYR K 60 -17.95 21.66 -41.51
C TYR K 60 -18.04 21.92 -42.99
N TYR K 61 -18.25 23.16 -43.39
CA TYR K 61 -18.32 23.44 -44.81
C TYR K 61 -17.36 24.51 -45.21
N ASN K 62 -16.90 24.44 -46.44
CA ASN K 62 -16.07 25.49 -47.01
C ASN K 62 -16.93 26.73 -46.96
N PRO K 63 -16.53 27.83 -46.31
CA PRO K 63 -17.30 29.04 -46.19
C PRO K 63 -17.87 29.53 -47.51
N SER K 64 -17.20 29.31 -48.65
CA SER K 64 -17.75 29.80 -49.90
C SER K 64 -19.11 29.19 -50.26
N LEU K 65 -19.37 27.98 -49.77
CA LEU K 65 -20.59 27.26 -50.02
C LEU K 65 -21.36 27.00 -48.75
N GLU K 66 -21.03 27.66 -47.65
CA GLU K 66 -21.69 27.28 -46.40
C GLU K 66 -23.19 27.41 -46.43
N SER K 67 -23.69 28.43 -47.08
CA SER K 67 -25.12 28.70 -47.14
C SER K 67 -25.89 27.82 -48.12
N ARG K 68 -25.18 27.09 -48.97
CA ARG K 68 -25.78 26.28 -50.01
C ARG K 68 -25.61 24.78 -49.80
N VAL K 69 -24.87 24.38 -48.78
CA VAL K 69 -24.56 22.97 -48.66
C VAL K 69 -24.92 22.29 -47.38
N ILE K 70 -25.57 21.15 -47.55
CA ILE K 70 -25.90 20.26 -46.48
C ILE K 70 -25.25 18.90 -46.72
N ILE K 71 -24.50 18.43 -45.75
CA ILE K 71 -23.91 17.11 -45.84
C ILE K 71 -24.51 16.28 -44.72
N SER K 72 -24.98 15.10 -45.05
CA SER K 72 -25.56 14.24 -44.03
C SER K 72 -25.11 12.83 -44.19
N ILE K 73 -25.60 11.95 -43.33
CA ILE K 73 -25.09 10.58 -43.35
C ILE K 73 -26.04 9.55 -42.72
N ASP K 74 -26.04 8.33 -43.27
CA ASP K 74 -26.88 7.24 -42.78
C ASP K 74 -26.08 5.96 -42.58
N THR K 75 -25.83 5.67 -41.32
CA THR K 75 -24.96 4.59 -40.92
C THR K 75 -25.64 3.25 -40.91
N SER K 76 -26.95 3.22 -41.11
CA SER K 76 -27.63 1.93 -41.12
C SER K 76 -27.47 1.30 -42.50
N LYS K 77 -27.26 2.15 -43.51
CA LYS K 77 -27.10 1.69 -44.88
C LYS K 77 -25.68 1.87 -45.45
N ASN K 78 -24.80 2.60 -44.74
CA ASN K 78 -23.44 2.95 -45.18
C ASN K 78 -23.37 3.84 -46.41
N HIS K 79 -24.12 4.93 -46.32
CA HIS K 79 -24.15 5.96 -47.36
C HIS K 79 -23.98 7.33 -46.76
N PHE K 80 -23.44 8.25 -47.53
CA PHE K 80 -23.44 9.64 -47.08
C PHE K 80 -23.76 10.48 -48.28
N SER K 81 -24.24 11.69 -48.06
CA SER K 81 -24.62 12.48 -49.22
C SER K 81 -24.46 13.97 -49.13
N LEU K 82 -24.33 14.54 -50.33
CA LEU K 82 -24.21 15.96 -50.55
C LEU K 82 -25.45 16.55 -51.16
N ARG K 83 -25.99 17.54 -50.50
CA ARG K 83 -27.17 18.24 -50.97
C ARG K 83 -26.83 19.71 -51.25
N LEU K 84 -26.70 20.04 -52.53
CA LEU K 84 -26.31 21.37 -52.95
C LEU K 84 -27.51 22.15 -53.45
N THR K 85 -27.87 23.21 -52.75
CA THR K 85 -29.08 23.92 -53.11
C THR K 85 -28.81 25.03 -54.10
N SER K 86 -29.91 25.49 -54.72
CA SER K 86 -29.90 26.61 -55.65
C SER K 86 -28.82 26.49 -56.72
N VAL K 87 -28.78 25.38 -57.45
CA VAL K 87 -27.73 25.21 -58.45
C VAL K 87 -27.85 26.16 -59.62
N SER K 88 -26.72 26.37 -60.29
CA SER K 88 -26.67 27.15 -61.51
C SER K 88 -25.68 26.51 -62.43
N ALA K 89 -25.55 27.02 -63.64
CA ALA K 89 -24.64 26.45 -64.63
C ALA K 89 -23.19 26.42 -64.14
N ALA K 90 -22.86 27.31 -63.21
CA ALA K 90 -21.51 27.45 -62.66
C ALA K 90 -21.11 26.25 -61.83
N ASP K 91 -22.09 25.44 -61.44
CA ASP K 91 -21.84 24.30 -60.60
C ASP K 91 -21.62 23.04 -61.43
N THR K 92 -21.54 23.16 -62.76
CA THR K 92 -21.26 21.96 -63.53
C THR K 92 -19.86 21.52 -63.14
N ALA K 93 -19.74 20.26 -62.75
CA ALA K 93 -18.47 19.71 -62.33
C ALA K 93 -18.53 18.24 -62.12
N VAL K 94 -17.38 17.62 -62.05
CA VAL K 94 -17.33 16.26 -61.56
C VAL K 94 -17.23 16.37 -60.06
N TYR K 95 -18.10 15.68 -59.37
CA TYR K 95 -18.08 15.71 -57.94
C TYR K 95 -17.43 14.45 -57.44
N TYR K 96 -16.57 14.61 -56.46
CA TYR K 96 -15.88 13.45 -55.93
C TYR K 96 -16.17 13.22 -54.46
N CYS K 97 -16.25 11.93 -54.11
CA CYS K 97 -16.38 11.37 -52.78
C CYS K 97 -14.98 10.95 -52.33
N ALA K 98 -14.63 11.30 -51.10
CA ALA K 98 -13.33 10.88 -50.61
C ALA K 98 -13.32 10.64 -49.11
N ARG K 99 -12.36 9.85 -48.65
CA ARG K 99 -12.20 9.61 -47.21
C ARG K 99 -10.83 10.11 -46.77
N GLU K 100 -10.79 10.73 -45.60
CA GLU K 100 -9.53 11.21 -45.03
C GLU K 100 -9.35 10.66 -43.63
N SER K 101 -8.11 10.56 -43.16
CA SER K 101 -7.85 10.01 -41.84
C SER K 101 -7.09 10.92 -40.90
N SER K 102 -7.46 10.85 -39.62
CA SER K 102 -6.83 11.57 -38.51
C SER K 102 -5.64 10.80 -37.93
N TRP K 103 -5.47 9.57 -38.36
CA TRP K 103 -4.42 8.74 -37.82
C TRP K 103 -3.11 9.22 -38.40
N VAL K 104 -2.04 9.21 -37.63
CA VAL K 104 -0.80 9.75 -38.14
C VAL K 104 -0.26 8.98 -39.34
N SER K 105 -0.25 7.68 -39.28
CA SER K 105 0.31 6.89 -40.37
C SER K 105 -0.38 7.15 -41.71
N GLU K 106 -1.69 7.29 -41.67
CA GLU K 106 -2.53 7.46 -42.85
C GLU K 106 -2.91 8.91 -43.08
N LEU K 107 -2.29 9.83 -42.38
CA LEU K 107 -2.68 11.23 -42.42
C LEU K 107 -2.68 11.83 -43.81
N GLY K 108 -1.75 11.44 -44.65
CA GLY K 108 -1.69 11.99 -46.00
C GLY K 108 -2.29 11.08 -47.09
N ARG K 109 -2.94 9.99 -46.72
CA ARG K 109 -3.45 9.06 -47.74
C ARG K 109 -4.95 9.14 -47.92
N ASP K 110 -5.38 9.63 -49.06
CA ASP K 110 -6.80 9.77 -49.33
C ASP K 110 -7.35 8.54 -50.01
N ASN K 111 -8.64 8.32 -49.85
CA ASN K 111 -9.32 7.32 -50.65
C ASN K 111 -10.30 8.05 -51.53
N TRP K 112 -10.11 7.99 -52.84
CA TRP K 112 -10.99 8.72 -53.76
C TRP K 112 -11.93 7.79 -54.47
N GLY K 113 -13.13 8.27 -54.75
CA GLY K 113 -14.10 7.55 -55.54
C GLY K 113 -13.84 7.81 -57.02
N GLN K 114 -14.71 7.28 -57.86
CA GLN K 114 -14.55 7.41 -59.30
C GLN K 114 -14.80 8.82 -59.83
N GLY K 115 -15.80 9.49 -59.27
CA GLY K 115 -16.18 10.84 -59.67
C GLY K 115 -17.41 10.82 -60.56
N THR K 116 -18.39 11.66 -60.26
CA THR K 116 -19.62 11.69 -61.06
C THR K 116 -19.87 13.06 -61.68
N LEU K 117 -20.13 13.08 -62.97
CA LEU K 117 -20.34 14.36 -63.63
C LEU K 117 -21.76 14.86 -63.57
N VAL K 118 -21.89 16.07 -63.07
CA VAL K 118 -23.17 16.72 -62.97
C VAL K 118 -23.23 17.94 -63.84
N THR K 119 -24.23 17.98 -64.69
CA THR K 119 -24.47 19.09 -65.58
C THR K 119 -25.64 19.89 -65.11
N VAL K 120 -25.49 21.20 -65.06
CA VAL K 120 -26.61 22.01 -64.68
C VAL K 120 -26.97 22.87 -65.88
N SER K 121 -28.20 22.74 -66.34
CA SER K 121 -28.63 23.48 -67.53
C SER K 121 -30.16 23.61 -67.57
N SER K 122 -30.68 24.53 -68.40
CA SER K 122 -32.13 24.79 -68.59
C SER K 122 -32.85 23.73 -69.48
N GLU L 1 -7.63 31.00 -44.99
CA GLU L 1 -7.47 30.19 -46.18
C GLU L 1 -6.06 30.43 -46.74
N ILE L 2 -5.31 29.33 -46.99
CA ILE L 2 -3.93 29.35 -47.51
C ILE L 2 -3.88 29.28 -49.01
N VAL L 3 -3.34 30.29 -49.62
CA VAL L 3 -3.27 30.24 -51.05
C VAL L 3 -1.99 29.53 -51.45
N MET L 4 -2.12 28.50 -52.28
CA MET L 4 -0.95 27.78 -52.74
C MET L 4 -0.59 28.31 -54.11
N THR L 5 0.69 28.59 -54.32
CA THR L 5 1.14 29.11 -55.61
C THR L 5 2.10 28.18 -56.29
N GLN L 6 1.83 27.84 -57.53
CA GLN L 6 2.73 26.97 -58.27
C GLN L 6 3.51 27.67 -59.36
N SER L 7 4.65 27.08 -59.69
CA SER L 7 5.52 27.63 -60.73
C SER L 7 6.45 26.60 -61.37
N PRO L 8 6.67 26.70 -62.69
CA PRO L 8 6.12 27.58 -63.71
C PRO L 8 4.73 27.12 -64.04
N ALA L 9 3.92 27.96 -64.66
CA ALA L 9 2.62 27.47 -65.09
C ALA L 9 2.76 26.32 -66.09
N THR L 10 3.76 26.41 -66.97
CA THR L 10 4.02 25.39 -67.98
C THR L 10 5.49 25.03 -67.96
N LEU L 11 5.81 23.74 -67.99
CA LEU L 11 7.17 23.25 -67.98
C LEU L 11 7.52 22.26 -69.09
N PRO L 12 7.88 22.70 -70.29
CA PRO L 12 8.26 21.84 -71.38
C PRO L 12 9.56 21.14 -71.03
N VAL L 13 9.64 19.85 -71.31
CA VAL L 13 10.84 19.08 -71.11
C VAL L 13 10.95 18.01 -72.19
N SER L 14 12.15 17.79 -72.71
CA SER L 14 12.35 16.73 -73.67
C SER L 14 12.20 15.37 -72.98
N PRO L 15 11.60 14.35 -73.62
CA PRO L 15 11.50 13.02 -73.07
C PRO L 15 12.88 12.52 -72.74
N GLY L 16 13.01 11.87 -71.61
CA GLY L 16 14.26 11.33 -71.13
C GLY L 16 14.97 12.28 -70.17
N GLU L 17 14.56 13.54 -70.15
CA GLU L 17 15.17 14.51 -69.25
C GLU L 17 14.27 14.70 -68.04
N GLY L 18 14.86 15.02 -66.90
CA GLY L 18 14.04 15.23 -65.72
C GLY L 18 13.48 16.64 -65.70
N ALA L 19 12.66 16.90 -64.70
CA ALA L 19 12.04 18.22 -64.55
C ALA L 19 11.64 18.46 -63.11
N THR L 20 11.57 19.73 -62.69
CA THR L 20 11.08 20.01 -61.35
C THR L 20 9.99 21.05 -61.32
N LEU L 21 9.09 20.89 -60.37
CA LEU L 21 8.00 21.83 -60.11
C LEU L 21 8.09 22.41 -58.72
N SER L 22 7.70 23.68 -58.57
CA SER L 22 7.66 24.30 -57.26
C SER L 22 6.23 24.59 -56.81
N CYS L 23 6.01 24.59 -55.46
CA CYS L 23 4.76 24.96 -54.80
C CYS L 23 5.08 25.73 -53.51
N ARG L 24 4.46 26.89 -53.38
CA ARG L 24 4.68 27.75 -52.22
C ARG L 24 3.44 28.01 -51.40
N ALA L 25 3.60 27.85 -50.09
CA ALA L 25 2.49 28.10 -49.16
C ALA L 25 2.46 29.54 -48.71
N SER L 26 1.28 30.02 -48.35
CA SER L 26 1.17 31.37 -47.80
C SER L 26 1.57 31.43 -46.33
N GLN L 27 1.38 30.34 -45.62
CA GLN L 27 1.73 30.19 -44.22
C GLN L 27 2.34 28.83 -44.14
N SER L 28 3.16 28.56 -43.16
CA SER L 28 3.72 27.24 -43.13
C SER L 28 2.70 26.14 -43.04
N VAL L 29 2.99 25.12 -43.81
CA VAL L 29 2.35 23.84 -43.92
C VAL L 29 3.48 22.98 -43.46
N PHE L 30 3.36 22.26 -42.39
CA PHE L 30 4.62 21.69 -41.93
C PHE L 30 5.27 20.73 -42.89
N THR L 31 4.61 19.60 -43.11
CA THR L 31 5.07 18.59 -44.04
C THR L 31 3.82 18.16 -44.73
N ASN L 32 2.73 18.75 -44.29
CA ASN L 32 1.39 18.35 -44.68
C ASN L 32 0.98 18.82 -46.05
N LEU L 33 1.67 18.28 -47.04
CA LEU L 33 1.47 18.60 -48.43
C LEU L 33 1.51 17.36 -49.31
N ALA L 34 0.64 17.32 -50.31
CA ALA L 34 0.59 16.21 -51.22
C ALA L 34 0.63 16.64 -52.68
N TRP L 35 1.14 15.75 -53.53
CA TRP L 35 1.17 15.99 -54.97
C TRP L 35 0.33 14.97 -55.70
N TYR L 36 -0.42 15.43 -56.71
CA TYR L 36 -1.29 14.59 -57.52
C TYR L 36 -1.07 14.77 -59.02
N GLN L 37 -1.21 13.68 -59.76
CA GLN L 37 -1.10 13.75 -61.22
C GLN L 37 -2.46 13.71 -61.89
N GLN L 38 -2.78 14.76 -62.65
CA GLN L 38 -4.07 14.87 -63.30
C GLN L 38 -4.03 14.72 -64.82
N LYS L 39 -4.81 13.78 -65.31
CA LYS L 39 -4.93 13.55 -66.74
C LYS L 39 -6.39 13.71 -67.11
N PRO L 40 -6.71 14.11 -68.36
CA PRO L 40 -8.06 14.29 -68.80
C PRO L 40 -8.88 13.04 -68.63
N GLY L 41 -10.05 13.20 -68.02
CA GLY L 41 -11.01 12.12 -67.81
C GLY L 41 -10.82 11.30 -66.52
N GLN L 42 -9.78 11.57 -65.72
CA GLN L 42 -9.59 10.74 -64.52
C GLN L 42 -9.54 11.49 -63.20
N ALA L 43 -9.87 10.80 -62.13
CA ALA L 43 -9.69 11.38 -60.81
C ALA L 43 -8.20 11.58 -60.66
N PRO L 44 -7.72 12.60 -59.94
CA PRO L 44 -6.31 12.86 -59.74
C PRO L 44 -5.68 11.68 -59.02
N ARG L 45 -4.47 11.32 -59.43
CA ARG L 45 -3.78 10.20 -58.82
C ARG L 45 -2.76 10.65 -57.80
N LEU L 46 -2.88 10.18 -56.57
CA LEU L 46 -1.92 10.62 -55.57
C LEU L 46 -0.56 10.07 -55.85
N LEU L 47 0.45 10.94 -55.84
CA LEU L 47 1.81 10.52 -56.05
C LEU L 47 2.59 10.51 -54.76
N ILE L 48 2.58 11.67 -54.13
CA ILE L 48 3.39 11.91 -52.93
C ILE L 48 2.61 12.50 -51.78
N TYR L 49 2.83 11.98 -50.58
CA TYR L 49 2.17 12.54 -49.43
C TYR L 49 3.16 12.82 -48.30
N ASP L 50 2.77 13.71 -47.41
CA ASP L 50 3.59 14.16 -46.29
C ASP L 50 4.90 14.74 -46.83
N ALA L 51 4.78 15.42 -47.97
CA ALA L 51 5.82 16.08 -48.74
C ALA L 51 6.95 15.16 -49.23
N SER L 52 6.87 13.84 -49.10
CA SER L 52 7.98 13.02 -49.61
C SER L 52 7.74 11.51 -49.73
N THR L 53 6.67 10.97 -49.16
CA THR L 53 6.42 9.55 -49.19
C THR L 53 5.64 9.13 -50.40
N ARG L 54 6.11 8.11 -51.10
CA ARG L 54 5.41 7.65 -52.28
C ARG L 54 4.18 6.86 -51.95
N ALA L 55 3.12 7.15 -52.68
CA ALA L 55 1.88 6.40 -52.57
C ALA L 55 2.12 5.02 -53.15
N THR L 56 1.36 4.04 -52.69
CA THR L 56 1.52 2.71 -53.20
C THR L 56 1.32 2.69 -54.70
N GLY L 57 2.26 2.06 -55.42
CA GLY L 57 2.18 1.94 -56.87
C GLY L 57 2.89 3.05 -57.64
N ILE L 58 3.51 3.99 -56.95
CA ILE L 58 4.20 5.08 -57.62
C ILE L 58 5.67 4.77 -57.90
N PRO L 59 6.14 4.86 -59.16
CA PRO L 59 7.50 4.61 -59.59
C PRO L 59 8.53 5.47 -58.89
N ALA L 60 9.72 4.91 -58.73
CA ALA L 60 10.87 5.51 -58.06
C ALA L 60 11.38 6.78 -58.73
N ARG L 61 11.00 7.01 -59.98
CA ARG L 61 11.44 8.21 -60.67
C ARG L 61 10.77 9.46 -60.11
N PHE L 62 9.69 9.30 -59.34
CA PHE L 62 9.02 10.44 -58.73
C PHE L 62 9.58 10.62 -57.33
N SER L 63 9.93 11.84 -56.98
CA SER L 63 10.45 12.14 -55.66
C SER L 63 10.11 13.54 -55.21
N GLY L 64 9.86 13.75 -53.93
CA GLY L 64 9.58 15.11 -53.49
C GLY L 64 10.28 15.45 -52.20
N SER L 65 10.21 16.72 -51.87
CA SER L 65 10.82 17.25 -50.66
C SER L 65 10.25 18.60 -50.30
N GLY L 66 10.59 19.08 -49.12
CA GLY L 66 10.18 20.41 -48.72
C GLY L 66 9.55 20.45 -47.35
N SER L 67 9.41 21.66 -46.85
CA SER L 67 8.84 21.91 -45.54
C SER L 67 8.44 23.37 -45.41
N GLY L 68 7.64 23.67 -44.40
CA GLY L 68 7.34 25.08 -44.16
C GLY L 68 6.58 25.66 -45.34
N THR L 69 7.16 26.63 -46.02
CA THR L 69 6.46 27.20 -47.15
C THR L 69 7.05 26.83 -48.49
N GLU L 70 8.13 26.06 -48.52
CA GLU L 70 8.80 25.75 -49.79
C GLU L 70 8.84 24.27 -50.14
N PHE L 71 8.07 23.89 -51.17
CA PHE L 71 7.97 22.50 -51.57
C PHE L 71 8.30 22.24 -53.03
N THR L 72 8.77 21.03 -53.31
CA THR L 72 9.09 20.64 -54.68
C THR L 72 8.80 19.19 -55.06
N LEU L 73 8.51 19.00 -56.35
CA LEU L 73 8.33 17.69 -56.99
C LEU L 73 9.31 17.51 -58.11
N THR L 74 10.03 16.41 -58.08
CA THR L 74 11.02 16.11 -59.10
C THR L 74 10.75 14.80 -59.82
N ILE L 75 10.85 14.86 -61.14
CA ILE L 75 10.78 13.64 -61.93
C ILE L 75 12.18 13.48 -62.48
N SER L 76 12.85 12.37 -62.16
CA SER L 76 14.25 12.24 -62.54
C SER L 76 14.52 12.11 -64.04
N SER L 77 13.57 11.57 -64.78
CA SER L 77 13.64 11.39 -66.23
C SER L 77 12.25 11.17 -66.75
N LEU L 78 11.70 12.07 -67.55
CA LEU L 78 10.31 11.87 -67.94
C LEU L 78 10.11 10.84 -69.01
N GLN L 79 9.14 10.00 -68.74
CA GLN L 79 8.74 8.91 -69.60
C GLN L 79 7.40 9.20 -70.23
N SER L 80 6.94 8.29 -71.08
CA SER L 80 5.64 8.56 -71.62
C SER L 80 4.72 8.46 -70.44
N GLU L 81 3.59 9.12 -70.52
CA GLU L 81 2.59 9.16 -69.45
C GLU L 81 3.03 9.96 -68.20
N ASP L 82 4.19 10.65 -68.26
CA ASP L 82 4.57 11.58 -67.19
C ASP L 82 4.21 13.00 -67.57
N PHE L 83 3.57 13.15 -68.71
CA PHE L 83 3.13 14.45 -69.17
C PHE L 83 1.68 14.58 -68.75
N ALA L 84 1.48 15.42 -67.75
CA ALA L 84 0.23 15.60 -67.04
C ALA L 84 0.22 16.91 -66.30
N VAL L 85 -0.95 17.28 -65.78
CA VAL L 85 -1.01 18.45 -64.94
C VAL L 85 -0.68 18.03 -63.52
N TYR L 86 0.23 18.72 -62.88
CA TYR L 86 0.56 18.33 -61.53
C TYR L 86 0.10 19.36 -60.51
N TYR L 87 -0.70 18.89 -59.57
CA TYR L 87 -1.26 19.74 -58.56
C TYR L 87 -0.65 19.47 -57.20
N CYS L 88 -0.51 20.52 -56.37
CA CYS L 88 -0.12 20.43 -54.97
C CYS L 88 -1.36 20.74 -54.15
N GLN L 89 -1.43 20.10 -53.00
CA GLN L 89 -2.49 20.31 -52.04
C GLN L 89 -1.97 20.40 -50.65
N GLN L 90 -2.47 21.32 -49.88
CA GLN L 90 -2.05 21.36 -48.49
C GLN L 90 -3.16 20.78 -47.67
N TYR L 91 -2.80 20.02 -46.64
CA TYR L 91 -3.79 19.47 -45.74
C TYR L 91 -3.57 19.89 -44.29
N ASN L 92 -2.92 21.02 -44.10
CA ASN L 92 -2.60 21.54 -42.76
C ASN L 92 -3.63 22.50 -42.24
N ASN L 93 -4.25 23.23 -43.17
CA ASN L 93 -5.46 24.05 -42.84
C ASN L 93 -6.70 23.28 -43.29
N TRP L 94 -7.90 23.78 -42.97
CA TRP L 94 -9.12 22.97 -43.29
C TRP L 94 -9.88 23.47 -44.52
N PRO L 95 -9.52 24.60 -45.15
CA PRO L 95 -10.16 24.98 -46.42
C PRO L 95 -9.73 23.95 -47.46
N ARG L 96 -8.65 23.22 -47.16
CA ARG L 96 -8.09 22.18 -48.08
C ARG L 96 -7.89 22.79 -49.47
N THR L 97 -7.08 23.86 -49.55
CA THR L 97 -6.81 24.54 -50.77
C THR L 97 -5.84 23.76 -51.64
N TYR L 98 -5.84 24.16 -52.91
CA TYR L 98 -5.04 23.59 -53.98
C TYR L 98 -4.30 24.64 -54.77
N GLY L 99 -3.25 24.22 -55.44
CA GLY L 99 -2.51 25.09 -56.35
C GLY L 99 -3.27 25.15 -57.68
N GLN L 100 -2.64 25.71 -58.71
CA GLN L 100 -3.29 25.92 -60.00
C GLN L 100 -3.15 24.77 -60.98
N GLY L 101 -2.09 23.99 -60.81
CA GLY L 101 -1.76 22.90 -61.68
C GLY L 101 -0.70 23.33 -62.66
N THR L 102 0.41 22.62 -62.72
CA THR L 102 1.43 23.01 -63.68
C THR L 102 1.32 22.06 -64.83
N ARG L 103 1.46 22.57 -66.02
CA ARG L 103 1.31 21.75 -67.20
C ARG L 103 2.66 21.29 -67.70
N VAL L 104 2.95 20.01 -67.52
CA VAL L 104 4.23 19.53 -67.96
C VAL L 104 4.03 19.11 -69.40
N GLU L 105 4.88 19.64 -70.26
CA GLU L 105 4.79 19.46 -71.70
C GLU L 105 6.05 18.81 -72.24
N VAL L 106 5.96 18.22 -73.45
CA VAL L 106 7.05 17.54 -74.17
C VAL L 106 8.13 18.56 -74.62
N SER M 36 -21.62 19.64 -11.09
CA SER M 36 -23.07 19.73 -11.16
C SER M 36 -23.80 19.20 -9.88
N ILE M 37 -23.08 19.07 -8.74
CA ILE M 37 -23.60 18.61 -7.45
C ILE M 37 -24.30 19.77 -6.75
N PRO M 38 -25.60 19.68 -6.43
CA PRO M 38 -26.36 20.73 -5.77
C PRO M 38 -25.92 21.01 -4.34
N LEU M 39 -26.06 22.26 -3.93
CA LEU M 39 -25.86 22.64 -2.54
C LEU M 39 -27.14 23.12 -1.92
N GLY M 40 -27.37 22.73 -0.69
CA GLY M 40 -28.51 23.26 0.01
C GLY M 40 -28.08 24.58 0.62
N VAL M 41 -29.01 25.49 0.81
CA VAL M 41 -28.71 26.73 1.47
C VAL M 41 -29.64 26.90 2.62
N ILE M 42 -29.11 27.10 3.81
CA ILE M 42 -29.99 27.26 4.94
C ILE M 42 -30.21 28.71 5.27
N HIS M 43 -31.47 29.08 5.19
CA HIS M 43 -31.95 30.43 5.46
C HIS M 43 -32.74 30.47 6.76
N ASN M 44 -33.22 31.68 7.10
CA ASN M 44 -34.06 31.87 8.27
C ASN M 44 -35.53 31.67 7.89
N SER M 45 -35.72 31.19 6.66
CA SER M 45 -36.98 30.84 6.05
C SER M 45 -37.01 29.30 5.95
N THR M 46 -36.37 28.73 4.94
CA THR M 46 -36.28 27.27 4.82
C THR M 46 -34.99 26.85 4.10
N LEU M 47 -34.96 25.59 3.66
CA LEU M 47 -33.80 25.05 2.94
C LEU M 47 -34.04 25.18 1.45
N GLN M 48 -33.17 25.89 0.76
CA GLN M 48 -33.32 26.08 -0.68
C GLN M 48 -32.20 25.39 -1.42
N VAL M 49 -32.39 25.14 -2.69
CA VAL M 49 -31.29 24.56 -3.44
C VAL M 49 -30.67 25.63 -4.30
N SER M 50 -29.37 25.80 -4.14
CA SER M 50 -28.63 26.81 -4.84
C SER M 50 -28.63 26.52 -6.33
N ASP M 51 -28.75 27.57 -7.13
CA ASP M 51 -28.73 27.42 -8.57
C ASP M 51 -27.31 27.56 -9.08
N VAL M 52 -27.14 27.44 -10.38
CA VAL M 52 -25.85 27.64 -11.00
C VAL M 52 -25.99 28.77 -12.01
N ASP M 53 -27.22 28.99 -12.46
CA ASP M 53 -27.46 30.03 -13.44
C ASP M 53 -27.85 31.34 -12.78
N LYS M 54 -28.50 31.25 -11.64
CA LYS M 54 -28.93 32.42 -10.90
C LYS M 54 -27.99 32.73 -9.77
N LEU M 55 -27.45 33.93 -9.76
CA LEU M 55 -26.58 34.34 -8.69
C LEU M 55 -27.39 35.08 -7.66
N VAL M 56 -27.29 34.65 -6.43
CA VAL M 56 -28.01 35.32 -5.38
C VAL M 56 -27.04 36.19 -4.62
N CYS M 57 -27.23 37.49 -4.75
CA CYS M 57 -26.29 38.43 -4.18
C CYS M 57 -26.26 38.42 -2.65
N ARG M 58 -27.37 38.02 -2.02
CA ARG M 58 -27.42 38.01 -0.56
C ARG M 58 -26.94 36.69 0.04
N ASP M 59 -26.57 35.70 -0.79
CA ASP M 59 -26.13 34.43 -0.24
C ASP M 59 -24.66 34.49 0.07
N LYS M 60 -24.35 35.24 1.11
CA LYS M 60 -22.99 35.51 1.53
C LYS M 60 -22.32 34.29 2.10
N LEU M 61 -21.08 34.10 1.72
CA LEU M 61 -20.27 33.02 2.25
C LEU M 61 -19.07 33.71 2.87
N SER M 62 -18.91 33.64 4.18
CA SER M 62 -17.82 34.38 4.80
C SER M 62 -16.54 33.60 4.99
N SER M 63 -16.64 32.28 4.98
CA SER M 63 -15.48 31.43 5.16
C SER M 63 -15.81 30.05 4.67
N THR M 64 -14.79 29.21 4.57
CA THR M 64 -15.02 27.83 4.17
C THR M 64 -15.61 27.01 5.29
N ASN M 65 -15.69 27.56 6.50
CA ASN M 65 -16.20 26.80 7.63
C ASN M 65 -17.72 26.79 7.61
N GLN M 66 -18.31 27.51 6.67
CA GLN M 66 -19.75 27.51 6.53
C GLN M 66 -20.19 26.44 5.55
N LEU M 67 -19.24 25.74 4.93
CA LEU M 67 -19.58 24.68 4.01
C LEU M 67 -19.54 23.37 4.77
N ARG M 68 -20.55 22.53 4.59
CA ARG M 68 -20.57 21.27 5.32
C ARG M 68 -21.02 20.04 4.54
N SER M 69 -20.27 18.96 4.71
CA SER M 69 -20.62 17.65 4.13
C SER M 69 -21.30 16.75 5.17
N VAL M 70 -22.56 16.37 4.91
CA VAL M 70 -23.32 15.60 5.88
C VAL M 70 -23.78 14.22 5.41
N GLY M 71 -23.43 13.19 6.17
CA GLY M 71 -23.83 11.83 5.87
C GLY M 71 -25.11 11.44 6.61
N LEU M 72 -26.16 11.11 5.87
CA LEU M 72 -27.45 10.72 6.43
C LEU M 72 -27.71 9.25 6.17
N ASN M 73 -28.43 8.60 7.08
CA ASN M 73 -28.70 7.18 6.92
C ASN M 73 -29.97 6.90 6.13
N LEU M 74 -30.02 5.75 5.46
CA LEU M 74 -31.21 5.40 4.68
C LEU M 74 -32.36 4.98 5.57
N GLU M 75 -32.07 4.53 6.78
CA GLU M 75 -33.11 4.08 7.69
C GLU M 75 -34.07 5.21 8.03
N GLY M 76 -33.65 6.47 7.84
CA GLY M 76 -34.49 7.59 8.18
C GLY M 76 -35.59 7.78 7.15
N ASN M 77 -35.52 7.04 6.03
CA ASN M 77 -36.51 7.11 4.97
C ASN M 77 -37.43 5.90 5.05
N GLY M 78 -37.30 5.07 6.09
CA GLY M 78 -38.16 3.90 6.19
C GLY M 78 -37.73 2.67 5.40
N VAL M 79 -36.48 2.55 5.03
CA VAL M 79 -36.09 1.35 4.30
C VAL M 79 -36.02 0.23 5.30
N ALA M 80 -36.39 -0.98 4.90
CA ALA M 80 -36.30 -2.10 5.82
C ALA M 80 -34.84 -2.31 6.21
N THR M 81 -34.62 -2.64 7.48
CA THR M 81 -33.29 -2.89 8.03
C THR M 81 -32.98 -4.32 8.49
N ASP M 82 -33.93 -5.25 8.38
CA ASP M 82 -33.62 -6.60 8.83
C ASP M 82 -32.60 -7.22 7.90
N VAL M 83 -31.78 -8.15 8.40
CA VAL M 83 -30.78 -8.69 7.51
C VAL M 83 -31.31 -9.33 6.22
N PRO M 84 -32.34 -10.20 6.23
CA PRO M 84 -32.88 -10.80 5.04
C PRO M 84 -33.26 -9.81 3.94
N SER M 85 -33.78 -8.63 4.30
CA SER M 85 -34.15 -7.66 3.27
C SER M 85 -32.98 -6.77 2.88
N VAL M 86 -32.10 -6.48 3.81
CA VAL M 86 -30.99 -5.58 3.55
C VAL M 86 -30.06 -6.09 2.51
N THR M 87 -29.74 -7.35 2.59
CA THR M 87 -28.77 -7.91 1.69
C THR M 87 -29.30 -8.03 0.28
N LYS M 88 -30.58 -7.78 0.06
CA LYS M 88 -31.09 -7.91 -1.29
C LYS M 88 -30.87 -6.62 -2.04
N ARG M 89 -30.37 -5.59 -1.36
CA ARG M 89 -30.07 -4.32 -1.98
C ARG M 89 -28.62 -4.25 -2.41
N TRP M 90 -27.84 -5.29 -2.14
CA TRP M 90 -26.42 -5.28 -2.43
C TRP M 90 -26.11 -6.33 -3.47
N GLY M 91 -25.06 -6.16 -4.25
CA GLY M 91 -24.71 -7.22 -5.18
C GLY M 91 -23.29 -7.10 -5.68
N PHE M 92 -22.84 -8.04 -6.48
CA PHE M 92 -21.46 -7.98 -6.92
C PHE M 92 -21.28 -7.68 -8.38
N ARG M 93 -20.20 -6.95 -8.65
CA ARG M 93 -19.81 -6.59 -10.00
C ARG M 93 -18.30 -6.44 -10.18
N SER M 94 -17.85 -6.59 -11.41
CA SER M 94 -16.46 -6.41 -11.79
C SER M 94 -16.33 -5.38 -12.91
N GLY M 95 -15.14 -4.82 -13.07
CA GLY M 95 -14.87 -3.84 -14.15
C GLY M 95 -15.05 -2.39 -13.72
N VAL M 96 -15.54 -2.20 -12.51
CA VAL M 96 -15.78 -0.91 -11.93
C VAL M 96 -14.95 -0.75 -10.66
N PRO M 97 -14.05 0.22 -10.54
CA PRO M 97 -13.24 0.47 -9.37
C PRO M 97 -14.07 1.12 -8.27
N PRO M 98 -13.72 0.94 -6.99
CA PRO M 98 -14.29 1.60 -5.84
C PRO M 98 -13.78 3.01 -5.71
N LYS M 99 -14.59 3.92 -5.13
CA LYS M 99 -14.14 5.28 -4.82
C LYS M 99 -14.76 5.81 -3.51
N VAL M 100 -14.10 6.76 -2.82
CA VAL M 100 -14.73 7.35 -1.62
C VAL M 100 -14.75 8.89 -1.56
N VAL M 101 -15.64 9.44 -0.71
CA VAL M 101 -15.72 10.89 -0.41
C VAL M 101 -15.80 11.14 1.10
N ASN M 102 -15.39 12.30 1.58
CA ASN M 102 -15.54 12.51 3.03
C ASN M 102 -16.80 13.20 3.56
N TYR M 103 -16.99 13.05 4.89
CA TYR M 103 -18.06 13.67 5.67
C TYR M 103 -17.41 14.54 6.69
N GLU M 104 -18.11 15.55 7.12
CA GLU M 104 -17.68 16.30 8.25
C GLU M 104 -18.56 15.97 9.44
N ALA M 105 -19.79 15.57 9.17
CA ALA M 105 -20.76 15.25 10.20
C ALA M 105 -21.74 14.22 9.72
N GLY M 106 -22.42 13.55 10.64
CA GLY M 106 -23.46 12.60 10.21
C GLY M 106 -24.34 12.07 11.32
N GLU M 107 -25.28 11.21 10.94
CA GLU M 107 -26.24 10.63 11.88
C GLU M 107 -25.77 9.44 12.68
N TRP M 108 -26.42 9.23 13.81
CA TRP M 108 -26.25 8.01 14.60
C TRP M 108 -27.08 6.97 13.89
N ALA M 109 -26.59 5.74 13.79
CA ALA M 109 -27.38 4.73 13.13
C ALA M 109 -28.03 3.80 14.10
N GLU M 110 -29.24 3.40 13.84
CA GLU M 110 -29.78 2.38 14.69
C GLU M 110 -29.22 1.07 14.21
N ASN M 111 -29.15 0.88 12.88
CA ASN M 111 -28.67 -0.40 12.37
C ASN M 111 -27.48 -0.35 11.43
N CYS M 112 -26.33 -0.84 11.90
CA CYS M 112 -25.10 -0.96 11.12
C CYS M 112 -24.84 -2.39 10.78
N TYR M 113 -24.05 -2.63 9.75
CA TYR M 113 -23.76 -3.97 9.30
C TYR M 113 -22.28 -4.22 9.24
N ASN M 114 -21.87 -5.46 9.41
CA ASN M 114 -20.45 -5.84 9.32
C ASN M 114 -20.31 -7.19 8.63
N LEU M 115 -19.76 -7.24 7.41
CA LEU M 115 -19.73 -8.53 6.73
C LEU M 115 -18.38 -9.21 6.66
N GLU M 116 -18.41 -10.54 6.79
CA GLU M 116 -17.25 -11.42 6.62
C GLU M 116 -17.67 -12.62 5.78
N ILE M 117 -17.66 -12.45 4.47
CA ILE M 117 -18.19 -13.45 3.56
C ILE M 117 -17.09 -14.09 2.74
N LYS M 118 -17.12 -15.42 2.71
CA LYS M 118 -16.17 -16.23 1.98
C LYS M 118 -16.83 -16.99 0.83
N LYS M 119 -16.02 -17.35 -0.14
CA LYS M 119 -16.48 -18.17 -1.23
C LYS M 119 -16.56 -19.59 -0.72
N PRO M 120 -17.28 -20.50 -1.37
CA PRO M 120 -17.37 -21.90 -0.99
C PRO M 120 -16.01 -22.60 -0.91
N ASP M 121 -14.99 -22.08 -1.60
CA ASP M 121 -13.68 -22.71 -1.56
C ASP M 121 -12.80 -22.19 -0.43
N GLY M 122 -13.35 -21.33 0.43
CA GLY M 122 -12.64 -20.79 1.58
C GLY M 122 -11.94 -19.44 1.37
N SER M 123 -11.88 -18.95 0.13
CA SER M 123 -11.24 -17.67 -0.17
C SER M 123 -12.14 -16.50 0.22
N GLU M 124 -11.59 -15.29 0.28
CA GLU M 124 -12.40 -14.13 0.69
C GLU M 124 -13.19 -13.51 -0.49
N CYS M 125 -14.41 -12.95 -0.20
CA CYS M 125 -15.23 -12.22 -1.17
C CYS M 125 -14.98 -10.72 -1.13
N LEU M 126 -14.73 -10.19 0.06
CA LEU M 126 -14.59 -8.77 0.22
C LEU M 126 -13.13 -8.43 0.44
N PRO M 127 -12.62 -7.29 -0.06
CA PRO M 127 -11.27 -6.80 0.10
C PRO M 127 -11.01 -6.31 1.50
N ALA M 128 -9.77 -6.34 1.94
CA ALA M 128 -9.49 -5.77 3.25
C ALA M 128 -9.64 -4.28 3.17
N ALA M 129 -10.11 -3.65 4.24
CA ALA M 129 -10.20 -2.21 4.22
C ALA M 129 -8.79 -1.62 4.16
N PRO M 130 -8.55 -0.56 3.36
CA PRO M 130 -7.31 0.15 3.26
C PRO M 130 -7.08 1.06 4.44
N ASP M 131 -5.85 1.52 4.61
CA ASP M 131 -5.53 2.42 5.70
C ASP M 131 -6.40 3.65 5.67
N GLY M 132 -6.89 4.03 6.84
CA GLY M 132 -7.74 5.19 6.98
C GLY M 132 -9.21 4.86 7.02
N ILE M 133 -9.59 3.64 6.66
CA ILE M 133 -10.99 3.29 6.75
C ILE M 133 -11.23 2.64 8.07
N ARG M 134 -12.16 3.19 8.80
CA ARG M 134 -12.53 2.72 10.11
C ARG M 134 -14.04 2.58 10.15
N GLY M 135 -14.54 1.82 11.11
CA GLY M 135 -15.98 1.61 11.16
C GLY M 135 -16.75 2.84 11.57
N PHE M 136 -18.03 2.82 11.28
CA PHE M 136 -18.94 3.91 11.58
C PHE M 136 -18.98 4.08 13.10
N PRO M 137 -18.71 5.28 13.67
CA PRO M 137 -18.54 5.54 15.09
C PRO M 137 -19.73 5.46 16.01
N ARG M 138 -20.95 5.53 15.45
CA ARG M 138 -22.18 5.68 16.27
C ARG M 138 -23.26 4.72 15.78
N CYS M 139 -23.15 3.43 16.10
CA CYS M 139 -24.19 2.43 15.73
C CYS M 139 -24.89 1.94 17.00
N ARG M 140 -26.20 1.69 16.92
CA ARG M 140 -26.96 1.14 18.08
C ARG M 140 -26.85 -0.38 18.05
N TYR M 141 -27.31 -1.00 16.96
CA TYR M 141 -27.18 -2.48 16.81
C TYR M 141 -26.27 -2.75 15.60
N VAL M 142 -25.31 -3.65 15.75
CA VAL M 142 -24.46 -4.05 14.65
C VAL M 142 -24.86 -5.43 14.25
N HIS M 143 -25.14 -5.62 12.98
CA HIS M 143 -25.53 -6.92 12.49
C HIS M 143 -24.34 -7.51 11.78
N LYS M 144 -23.69 -8.42 12.45
CA LYS M 144 -22.50 -9.02 11.91
C LYS M 144 -22.86 -10.31 11.22
N VAL M 145 -22.56 -10.39 9.95
CA VAL M 145 -22.96 -11.56 9.19
C VAL M 145 -21.73 -12.28 8.68
N SER M 146 -21.61 -13.52 9.06
CA SER M 146 -20.50 -14.36 8.67
C SER M 146 -21.03 -15.52 7.90
N GLY M 147 -20.37 -15.88 6.83
CA GLY M 147 -20.89 -17.00 6.09
C GLY M 147 -20.27 -17.12 4.75
N THR M 148 -20.91 -17.91 3.90
CA THR M 148 -20.40 -18.12 2.57
C THR M 148 -21.47 -17.95 1.53
N GLY M 149 -21.02 -17.81 0.30
CA GLY M 149 -21.91 -17.75 -0.85
C GLY M 149 -21.14 -17.43 -2.10
N PRO M 150 -21.77 -17.48 -3.25
CA PRO M 150 -21.14 -17.16 -4.51
C PRO M 150 -20.91 -15.67 -4.43
N CYS M 151 -19.80 -15.19 -5.00
CA CYS M 151 -19.41 -13.78 -5.05
C CYS M 151 -18.94 -13.51 -6.47
N ALA M 152 -19.90 -13.16 -7.32
CA ALA M 152 -19.72 -13.03 -8.76
C ALA M 152 -18.71 -11.99 -9.24
N GLY M 153 -18.55 -10.90 -8.52
CA GLY M 153 -17.69 -9.81 -8.97
C GLY M 153 -16.44 -9.62 -8.15
N ASP M 154 -15.90 -8.41 -8.22
CA ASP M 154 -14.68 -8.10 -7.51
C ASP M 154 -15.06 -7.40 -6.22
N PHE M 155 -16.12 -6.59 -6.32
CA PHE M 155 -16.58 -5.81 -5.20
C PHE M 155 -18.07 -5.86 -5.06
N ALA M 156 -18.53 -5.66 -3.84
CA ALA M 156 -19.95 -5.55 -3.59
C ALA M 156 -20.33 -4.08 -3.63
N PHE M 157 -21.32 -3.78 -4.46
CA PHE M 157 -21.83 -2.43 -4.71
C PHE M 157 -23.27 -2.29 -4.28
N HIS M 158 -23.67 -1.07 -3.95
CA HIS M 158 -25.06 -0.84 -3.59
C HIS M 158 -25.91 -0.73 -4.86
N LYS M 159 -27.02 -1.44 -4.93
CA LYS M 159 -27.85 -1.44 -6.13
C LYS M 159 -28.67 -0.19 -6.37
N GLU M 160 -28.89 0.63 -5.36
CA GLU M 160 -29.71 1.81 -5.57
C GLU M 160 -28.79 3.00 -5.75
N GLY M 161 -27.50 2.75 -5.70
CA GLY M 161 -26.54 3.81 -5.78
C GLY M 161 -26.27 4.49 -4.46
N ALA M 162 -26.71 3.91 -3.34
CA ALA M 162 -26.44 4.56 -2.07
C ALA M 162 -25.01 4.26 -1.71
N PHE M 163 -24.49 4.93 -0.71
CA PHE M 163 -23.12 4.71 -0.30
C PHE M 163 -23.03 3.93 0.98
N PHE M 164 -21.94 3.24 1.16
CA PHE M 164 -21.70 2.58 2.42
C PHE M 164 -20.97 3.59 3.26
N LEU M 165 -21.44 3.85 4.45
CA LEU M 165 -20.83 4.88 5.25
C LEU M 165 -19.88 4.33 6.26
N TYR M 166 -18.63 4.73 6.17
CA TYR M 166 -17.57 4.33 7.07
C TYR M 166 -17.30 5.56 7.90
N ASP M 167 -16.41 5.49 8.88
CA ASP M 167 -16.24 6.59 9.82
C ASP M 167 -16.58 7.97 9.29
N ARG M 168 -15.75 8.53 8.43
CA ARG M 168 -16.05 9.85 7.90
C ARG M 168 -15.81 9.83 6.41
N LEU M 169 -16.09 8.67 5.83
CA LEU M 169 -15.92 8.41 4.40
C LEU M 169 -17.03 7.55 3.82
N ALA M 170 -17.66 8.05 2.77
CA ALA M 170 -18.67 7.25 2.09
C ALA M 170 -17.97 6.51 1.02
N SER M 171 -18.39 5.30 0.76
CA SER M 171 -17.77 4.49 -0.26
C SER M 171 -18.73 3.79 -1.14
N THR M 172 -18.33 3.57 -2.36
CA THR M 172 -19.17 2.84 -3.26
C THR M 172 -19.16 1.33 -2.99
N VAL M 173 -18.21 0.83 -2.18
CA VAL M 173 -18.11 -0.61 -1.90
C VAL M 173 -18.04 -1.01 -0.43
N ILE M 174 -18.30 -2.30 -0.21
CA ILE M 174 -18.19 -2.91 1.10
C ILE M 174 -16.80 -3.46 1.38
N TYR M 175 -16.19 -3.08 2.51
CA TYR M 175 -14.89 -3.60 2.88
C TYR M 175 -15.04 -4.70 3.92
N ARG M 176 -14.16 -5.68 3.88
CA ARG M 176 -14.30 -6.83 4.76
C ARG M 176 -14.03 -6.52 6.20
N GLY M 177 -14.94 -6.94 7.06
CA GLY M 177 -14.78 -6.83 8.50
C GLY M 177 -15.05 -5.45 9.07
N THR M 178 -15.49 -4.51 8.24
CA THR M 178 -15.68 -3.15 8.72
C THR M 178 -17.15 -2.79 8.87
N THR M 179 -17.49 -2.21 10.03
CA THR M 179 -18.86 -1.81 10.33
C THR M 179 -19.27 -0.58 9.52
N PHE M 180 -20.44 -0.63 8.89
CA PHE M 180 -20.94 0.49 8.09
C PHE M 180 -22.43 0.70 8.15
N ALA M 181 -22.85 1.90 7.79
CA ALA M 181 -24.27 2.23 7.71
C ALA M 181 -24.62 2.47 6.25
N GLU M 182 -25.85 2.30 5.83
CA GLU M 182 -26.15 2.67 4.45
C GLU M 182 -26.62 4.12 4.41
N GLY M 183 -26.26 4.89 3.39
CA GLY M 183 -26.72 6.27 3.34
C GLY M 183 -26.38 7.11 2.13
N VAL M 184 -26.66 8.38 2.26
CA VAL M 184 -26.48 9.39 1.22
C VAL M 184 -25.77 10.63 1.75
N VAL M 185 -25.18 11.42 0.87
CA VAL M 185 -24.46 12.61 1.31
C VAL M 185 -24.99 13.92 0.77
N ALA M 186 -25.24 14.87 1.67
CA ALA M 186 -25.69 16.21 1.30
C ALA M 186 -24.56 17.20 1.43
N PHE M 187 -24.59 18.24 0.61
CA PHE M 187 -23.62 19.30 0.75
C PHE M 187 -24.42 20.57 0.93
N LEU M 188 -23.97 21.46 1.82
CA LEU M 188 -24.70 22.70 2.03
C LEU M 188 -23.94 23.87 2.65
N ILE M 189 -24.61 25.04 2.63
CA ILE M 189 -24.16 26.27 3.27
C ILE M 189 -24.97 26.49 4.57
N LEU M 190 -24.28 26.38 5.70
CA LEU M 190 -24.91 26.34 7.03
C LEU M 190 -25.71 27.52 7.65
N PRO M 191 -25.30 28.84 7.56
CA PRO M 191 -26.00 29.99 8.18
C PRO M 191 -27.51 30.02 7.92
N SER M 219 -22.09 -0.72 21.12
CA SER M 219 -23.24 -1.29 20.44
C SER M 219 -23.46 -2.70 20.98
N THR M 220 -24.62 -3.31 20.67
CA THR M 220 -25.04 -4.64 21.17
C THR M 220 -24.56 -5.88 20.40
N THR M 221 -24.00 -5.71 19.23
CA THR M 221 -23.54 -6.80 18.33
C THR M 221 -24.38 -8.08 18.30
N ILE M 222 -25.15 -8.22 17.23
CA ILE M 222 -25.97 -9.37 16.94
C ILE M 222 -25.29 -10.18 15.85
N ARG M 223 -25.08 -11.47 16.08
CA ARG M 223 -24.37 -12.28 15.11
C ARG M 223 -25.27 -13.20 14.33
N TYR M 224 -25.00 -13.30 13.04
CA TYR M 224 -25.73 -14.18 12.15
C TYR M 224 -24.81 -15.03 11.31
N GLN M 225 -25.30 -16.21 10.98
CA GLN M 225 -24.62 -17.07 10.01
C GLN M 225 -25.36 -16.95 8.71
N ALA M 226 -24.66 -17.07 7.61
CA ALA M 226 -25.32 -17.01 6.32
C ALA M 226 -24.84 -18.06 5.36
N THR M 227 -25.77 -18.53 4.54
CA THR M 227 -25.48 -19.45 3.48
C THR M 227 -26.07 -18.96 2.17
N GLY M 228 -25.24 -18.92 1.13
CA GLY M 228 -25.66 -18.46 -0.19
C GLY M 228 -25.69 -16.95 -0.20
N PHE M 229 -24.88 -16.34 0.63
CA PHE M 229 -24.94 -14.89 0.79
C PHE M 229 -25.12 -14.02 -0.45
N GLY M 230 -24.40 -14.28 -1.53
CA GLY M 230 -24.49 -13.39 -2.68
C GLY M 230 -25.64 -13.63 -3.69
N THR M 231 -26.49 -14.64 -3.45
CA THR M 231 -27.56 -14.95 -4.39
C THR M 231 -28.93 -14.45 -3.90
N ASN M 232 -30.01 -14.71 -4.68
CA ASN M 232 -31.39 -14.29 -4.41
C ASN M 232 -32.07 -15.10 -3.30
N GLU M 233 -31.92 -16.45 -3.34
CA GLU M 233 -32.44 -17.40 -2.36
C GLU M 233 -31.35 -17.75 -1.37
N THR M 234 -31.41 -17.17 -0.19
CA THR M 234 -30.38 -17.35 0.81
C THR M 234 -31.02 -17.67 2.13
N GLU M 235 -30.24 -18.16 3.08
CA GLU M 235 -30.81 -18.40 4.40
C GLU M 235 -29.92 -17.89 5.52
N TYR M 236 -30.56 -17.48 6.62
CA TYR M 236 -29.86 -16.96 7.77
C TYR M 236 -30.27 -17.59 9.08
N LEU M 237 -29.30 -17.66 10.00
CA LEU M 237 -29.49 -18.09 11.38
C LEU M 237 -28.99 -17.09 12.37
N PHE M 238 -29.72 -16.93 13.47
CA PHE M 238 -29.29 -16.08 14.56
C PHE M 238 -28.50 -16.89 15.54
N GLU M 239 -27.30 -16.45 15.83
CA GLU M 239 -26.41 -17.19 16.70
C GLU M 239 -26.53 -16.81 18.17
N VAL M 240 -26.85 -17.81 18.97
CA VAL M 240 -27.02 -17.64 20.41
C VAL M 240 -25.74 -18.09 21.08
N ASP M 241 -25.21 -19.20 20.58
CA ASP M 241 -23.99 -19.82 21.08
C ASP M 241 -23.31 -20.51 19.90
N ASN M 242 -22.13 -21.14 20.09
CA ASN M 242 -21.38 -21.82 19.00
C ASN M 242 -22.20 -22.94 18.35
N LEU M 243 -23.00 -23.65 19.17
CA LEU M 243 -23.86 -24.75 18.80
C LEU M 243 -25.32 -24.42 18.94
N THR M 244 -25.70 -23.15 19.13
CA THR M 244 -27.13 -22.87 19.30
C THR M 244 -27.58 -21.77 18.35
N TYR M 245 -28.59 -22.08 17.53
CA TYR M 245 -29.07 -21.13 16.53
C TYR M 245 -30.57 -21.05 16.46
N VAL M 246 -31.07 -19.92 16.00
CA VAL M 246 -32.49 -19.72 15.78
C VAL M 246 -32.74 -19.36 14.32
N GLN M 247 -33.71 -19.99 13.68
CA GLN M 247 -33.97 -19.64 12.29
C GLN M 247 -34.37 -18.18 12.23
N LEU M 248 -33.83 -17.45 11.24
CA LEU M 248 -34.11 -16.03 11.16
C LEU M 248 -35.27 -15.74 10.22
N GLU M 249 -36.07 -14.76 10.57
CA GLU M 249 -37.18 -14.32 9.75
C GLU M 249 -37.16 -12.80 9.62
N SER M 250 -37.75 -12.30 8.54
CA SER M 250 -37.84 -10.87 8.26
C SER M 250 -38.76 -10.13 9.21
N ARG M 251 -39.55 -10.86 9.98
CA ARG M 251 -40.49 -10.25 10.91
C ARG M 251 -39.85 -10.01 12.27
N PHE M 252 -38.59 -10.37 12.42
CA PHE M 252 -37.93 -10.16 13.70
C PHE M 252 -37.22 -8.83 13.74
N THR M 253 -37.34 -8.15 14.86
CA THR M 253 -36.65 -6.89 15.06
C THR M 253 -35.43 -7.17 15.93
N PRO M 254 -34.41 -6.31 15.98
CA PRO M 254 -33.27 -6.46 16.84
C PRO M 254 -33.64 -6.66 18.29
N GLN M 255 -34.70 -6.00 18.73
CA GLN M 255 -35.09 -6.15 20.12
C GLN M 255 -35.64 -7.53 20.38
N PHE M 256 -36.36 -8.05 19.40
CA PHE M 256 -36.93 -9.38 19.50
C PHE M 256 -35.83 -10.38 19.67
N LEU M 257 -34.80 -10.27 18.84
CA LEU M 257 -33.71 -11.21 18.91
C LEU M 257 -33.01 -11.13 20.24
N LEU M 258 -32.85 -9.93 20.79
CA LEU M 258 -32.20 -9.84 22.08
C LEU M 258 -33.06 -10.50 23.15
N GLN M 259 -34.39 -10.36 23.05
CA GLN M 259 -35.23 -10.98 24.04
C GLN M 259 -35.16 -12.48 23.93
N LEU M 260 -35.08 -13.01 22.70
CA LEU M 260 -34.97 -14.45 22.58
C LEU M 260 -33.65 -14.95 23.14
N ASN M 261 -32.53 -14.20 22.91
CA ASN M 261 -31.21 -14.57 23.39
C ASN M 261 -31.21 -14.67 24.93
N GLU M 262 -31.91 -13.73 25.64
CA GLU M 262 -32.01 -13.77 27.09
C GLU M 262 -32.85 -14.92 27.60
N THR M 263 -33.99 -15.22 26.98
CA THR M 263 -34.75 -16.30 27.59
C THR M 263 -34.12 -17.65 27.32
N ILE M 264 -33.55 -17.83 26.11
CA ILE M 264 -32.94 -19.10 25.78
C ILE M 264 -31.68 -19.32 26.56
N TYR M 265 -30.83 -18.32 26.62
CA TYR M 265 -29.57 -18.50 27.28
C TYR M 265 -29.80 -18.66 28.78
N ALA M 266 -30.62 -17.78 29.38
CA ALA M 266 -30.87 -17.80 30.81
C ALA M 266 -31.55 -19.06 31.30
N SER M 267 -32.41 -19.64 30.48
CA SER M 267 -33.13 -20.84 30.88
C SER M 267 -32.36 -22.11 30.59
N GLY M 268 -31.20 -21.98 29.95
CA GLY M 268 -30.39 -23.13 29.60
C GLY M 268 -30.90 -23.94 28.43
N LYS M 269 -31.70 -23.37 27.52
CA LYS M 269 -32.23 -24.15 26.42
C LYS M 269 -31.26 -24.08 25.23
N ARG M 270 -30.07 -24.57 25.50
CA ARG M 270 -28.93 -24.52 24.60
C ARG M 270 -28.34 -25.89 24.42
N SER M 271 -27.58 -26.07 23.36
CA SER M 271 -26.96 -27.37 23.18
C SER M 271 -25.97 -27.70 24.32
N ASN M 272 -26.06 -28.95 24.83
CA ASN M 272 -25.23 -29.61 25.86
C ASN M 272 -24.26 -30.65 25.25
N THR M 273 -24.73 -31.35 24.18
CA THR M 273 -24.07 -32.37 23.37
C THR M 273 -23.22 -31.62 22.36
N THR M 274 -22.55 -32.34 21.47
CA THR M 274 -21.69 -31.67 20.51
C THR M 274 -22.46 -31.26 19.26
N GLY M 275 -23.76 -31.58 19.19
CA GLY M 275 -24.54 -31.25 18.01
C GLY M 275 -25.06 -29.82 18.04
N LYS M 276 -25.55 -29.35 16.90
CA LYS M 276 -26.13 -28.02 16.83
C LYS M 276 -27.59 -28.09 17.13
N LEU M 277 -28.06 -27.21 18.00
CA LEU M 277 -29.46 -27.16 18.33
C LEU M 277 -30.10 -26.03 17.57
N ILE M 278 -31.01 -26.36 16.67
CA ILE M 278 -31.62 -25.31 15.86
C ILE M 278 -33.08 -25.11 16.23
N TRP M 279 -33.37 -23.90 16.67
CA TRP M 279 -34.67 -23.46 17.09
C TRP M 279 -35.53 -22.88 15.99
N LYS M 280 -36.82 -23.12 16.07
CA LYS M 280 -37.74 -22.49 15.16
C LYS M 280 -38.85 -21.83 15.93
N VAL M 281 -38.98 -20.54 15.72
CA VAL M 281 -39.94 -19.72 16.43
C VAL M 281 -41.34 -20.18 16.13
N ASN M 282 -42.20 -20.18 17.12
CA ASN M 282 -43.57 -20.51 16.86
C ASN M 282 -44.07 -19.49 15.83
N PRO M 283 -44.73 -19.91 14.74
CA PRO M 283 -45.28 -19.03 13.71
C PRO M 283 -46.17 -17.86 14.21
N GLU M 284 -46.83 -18.00 15.39
CA GLU M 284 -47.69 -16.98 15.99
C GLU M 284 -46.83 -16.14 16.93
N GLU N 1 -38.27 -39.07 15.64
CA GLU N 1 -39.31 -38.75 14.66
C GLU N 1 -38.83 -38.81 13.19
N VAL N 2 -37.50 -38.73 12.96
CA VAL N 2 -36.82 -38.71 11.67
C VAL N 2 -36.67 -40.11 11.07
N GLN N 3 -36.99 -40.25 9.80
CA GLN N 3 -36.88 -41.50 9.06
C GLN N 3 -36.35 -41.30 7.66
N LEU N 4 -35.47 -42.19 7.23
CA LEU N 4 -34.97 -42.12 5.87
C LEU N 4 -34.98 -43.51 5.22
N VAL N 5 -35.48 -43.61 3.99
CA VAL N 5 -35.52 -44.92 3.33
C VAL N 5 -34.82 -45.02 1.97
N GLU N 6 -33.88 -45.97 1.93
CA GLU N 6 -33.03 -46.34 0.80
C GLU N 6 -33.77 -47.03 -0.35
N SER N 7 -33.29 -46.74 -1.55
CA SER N 7 -33.75 -47.35 -2.80
C SER N 7 -32.65 -47.27 -3.86
N GLY N 8 -32.97 -47.72 -5.08
CA GLY N 8 -32.02 -47.69 -6.19
C GLY N 8 -30.97 -48.79 -6.20
N GLY N 9 -31.20 -49.89 -5.49
CA GLY N 9 -30.23 -50.98 -5.43
C GLY N 9 -30.55 -52.09 -6.44
N GLY N 10 -30.19 -53.32 -6.09
CA GLY N 10 -30.39 -54.46 -6.99
C GLY N 10 -29.09 -54.85 -7.71
N LEU N 11 -29.23 -55.63 -8.79
CA LEU N 11 -28.08 -56.19 -9.49
C LEU N 11 -27.52 -55.33 -10.61
N VAL N 12 -26.22 -55.09 -10.51
CA VAL N 12 -25.41 -54.33 -11.44
C VAL N 12 -24.17 -55.16 -11.79
N LYS N 13 -23.69 -55.05 -13.01
CA LYS N 13 -22.49 -55.79 -13.37
C LYS N 13 -21.22 -55.03 -12.96
N PRO N 14 -20.11 -55.71 -12.62
CA PRO N 14 -18.84 -55.12 -12.28
C PRO N 14 -18.34 -54.44 -13.52
N GLY N 15 -17.67 -53.33 -13.32
CA GLY N 15 -17.16 -52.51 -14.38
C GLY N 15 -18.16 -51.41 -14.70
N GLY N 16 -19.38 -51.53 -14.16
CA GLY N 16 -20.43 -50.55 -14.39
C GLY N 16 -20.55 -49.58 -13.23
N SER N 17 -21.74 -49.00 -13.10
CA SER N 17 -22.03 -48.02 -12.08
C SER N 17 -23.52 -47.98 -11.79
N LEU N 18 -23.85 -47.40 -10.65
CA LEU N 18 -25.25 -47.15 -10.27
C LEU N 18 -25.36 -46.02 -9.29
N ARG N 19 -26.55 -45.46 -9.16
CA ARG N 19 -26.76 -44.43 -8.15
C ARG N 19 -27.87 -44.82 -7.20
N LEU N 20 -27.56 -44.84 -5.92
CA LEU N 20 -28.53 -45.18 -4.89
C LEU N 20 -29.14 -43.91 -4.41
N SER N 21 -30.31 -44.02 -3.82
CA SER N 21 -30.96 -42.86 -3.26
C SER N 21 -31.53 -43.21 -1.88
N CYS N 22 -31.78 -42.20 -1.04
CA CYS N 22 -32.44 -42.34 0.26
C CYS N 22 -33.26 -41.09 0.56
N THR N 23 -34.57 -41.25 0.58
CA THR N 23 -35.47 -40.13 0.76
C THR N 23 -36.09 -40.16 2.14
N GLY N 24 -36.06 -39.04 2.82
CA GLY N 24 -36.65 -39.04 4.15
C GLY N 24 -37.66 -37.96 4.44
N SER N 25 -38.06 -37.95 5.71
CA SER N 25 -39.04 -37.04 6.28
C SER N 25 -38.91 -37.01 7.81
N GLY N 26 -39.64 -36.09 8.46
CA GLY N 26 -39.68 -36.02 9.94
C GLY N 26 -38.69 -35.01 10.51
N GLY N 27 -37.86 -34.46 9.64
CA GLY N 27 -36.85 -33.47 9.99
C GLY N 27 -37.36 -32.08 9.66
N THR N 28 -36.43 -31.17 9.45
CA THR N 28 -36.71 -29.77 9.18
C THR N 28 -36.24 -29.37 7.79
N GLY N 29 -35.94 -30.38 7.01
CA GLY N 29 -35.40 -30.27 5.67
C GLY N 29 -34.00 -30.77 5.83
N PHE N 30 -33.44 -31.43 4.83
CA PHE N 30 -32.12 -32.02 4.99
C PHE N 30 -30.96 -31.25 4.39
N THR N 31 -31.23 -30.04 3.93
CA THR N 31 -30.18 -29.28 3.25
C THR N 31 -29.55 -28.23 4.13
N PHE N 32 -30.39 -27.48 4.82
CA PHE N 32 -29.93 -26.38 5.65
C PHE N 32 -30.53 -26.64 6.99
N LYS N 33 -29.89 -26.17 8.07
CA LYS N 33 -30.41 -26.39 9.40
C LYS N 33 -30.59 -27.88 9.59
N TYR N 34 -29.62 -28.67 9.19
CA TYR N 34 -29.78 -30.09 9.32
C TYR N 34 -28.46 -30.78 9.35
N ALA N 35 -28.47 -31.99 9.86
CA ALA N 35 -27.33 -32.87 9.90
C ALA N 35 -26.92 -33.24 8.50
N GLY N 36 -25.63 -33.50 8.33
CA GLY N 36 -25.18 -33.98 7.05
C GLY N 36 -25.56 -35.44 7.03
N MET N 37 -25.34 -36.12 5.93
CA MET N 37 -25.75 -37.51 5.87
C MET N 37 -24.72 -38.43 5.29
N SER N 38 -24.65 -39.61 5.87
CA SER N 38 -23.66 -40.57 5.47
C SER N 38 -24.18 -41.82 4.85
N TRP N 39 -23.28 -42.49 4.14
CA TRP N 39 -23.53 -43.83 3.68
C TRP N 39 -22.57 -44.73 4.42
N VAL N 40 -23.09 -45.88 4.79
CA VAL N 40 -22.40 -46.96 5.46
C VAL N 40 -22.80 -48.26 4.77
N ARG N 41 -21.88 -49.19 4.59
CA ARG N 41 -22.32 -50.44 4.00
C ARG N 41 -21.97 -51.60 4.86
N GLN N 42 -22.74 -52.66 4.75
CA GLN N 42 -22.41 -53.85 5.48
C GLN N 42 -22.61 -55.09 4.64
N ALA N 43 -21.53 -55.75 4.27
CA ALA N 43 -21.68 -56.95 3.48
C ALA N 43 -22.22 -57.99 4.43
N PRO N 44 -23.05 -58.94 4.00
CA PRO N 44 -23.51 -60.00 4.87
C PRO N 44 -22.28 -60.70 5.47
N GLY N 45 -22.31 -60.93 6.78
CA GLY N 45 -21.21 -61.59 7.48
C GLY N 45 -20.11 -60.63 7.96
N LYS N 46 -20.21 -59.36 7.58
CA LYS N 46 -19.22 -58.34 7.91
C LYS N 46 -19.82 -57.24 8.76
N GLY N 47 -18.97 -56.45 9.43
CA GLY N 47 -19.46 -55.30 10.19
C GLY N 47 -19.66 -54.13 9.23
N PRO N 48 -20.17 -52.98 9.70
CA PRO N 48 -20.40 -51.78 8.94
C PRO N 48 -19.10 -51.10 8.55
N GLU N 49 -19.10 -50.51 7.37
CA GLU N 49 -17.99 -49.77 6.83
C GLU N 49 -18.42 -48.36 6.43
N TRP N 50 -17.69 -47.35 6.87
CA TRP N 50 -18.04 -45.99 6.52
C TRP N 50 -17.69 -45.74 5.06
N ILE N 51 -18.61 -45.12 4.30
CA ILE N 51 -18.33 -44.73 2.92
C ILE N 51 -17.98 -43.27 2.83
N GLY N 52 -18.82 -42.44 3.43
CA GLY N 52 -18.58 -41.01 3.38
C GLY N 52 -19.82 -40.23 3.74
N ARG N 53 -19.67 -38.92 3.96
CA ARG N 53 -20.84 -38.11 4.28
C ARG N 53 -20.82 -36.73 3.68
N ILE N 54 -22.01 -36.27 3.29
CA ILE N 54 -22.21 -34.93 2.76
C ILE N 54 -22.63 -34.02 3.88
N LYS N 55 -21.92 -32.93 4.04
CA LYS N 55 -22.23 -32.00 5.09
C LYS N 55 -23.41 -31.17 4.68
N SER N 56 -24.06 -30.58 5.64
CA SER N 56 -25.14 -29.67 5.35
C SER N 56 -24.54 -28.44 4.74
N ARG N 57 -25.37 -27.64 4.09
CA ARG N 57 -24.90 -26.41 3.49
C ARG N 57 -24.44 -25.39 4.50
N ILE N 58 -25.06 -25.36 5.68
CA ILE N 58 -24.64 -24.38 6.66
C ILE N 58 -23.24 -24.71 7.16
N ASP N 59 -22.84 -25.98 7.07
CA ASP N 59 -21.53 -26.46 7.44
C ASP N 59 -20.55 -26.55 6.25
N GLY N 60 -20.92 -26.00 5.09
CA GLY N 60 -20.08 -25.96 3.88
C GLY N 60 -20.48 -26.84 2.70
N GLY N 61 -21.32 -27.86 2.90
CA GLY N 61 -21.78 -28.71 1.79
C GLY N 61 -20.72 -29.61 1.14
N THR N 62 -19.67 -29.98 1.86
CA THR N 62 -18.59 -30.79 1.29
C THR N 62 -18.75 -32.26 1.62
N THR N 63 -17.99 -33.13 0.93
CA THR N 63 -18.07 -34.55 1.28
C THR N 63 -16.75 -35.12 1.78
N ASP N 64 -16.83 -35.74 2.95
CA ASP N 64 -15.72 -36.42 3.61
C ASP N 64 -15.80 -37.90 3.28
N TYR N 65 -14.75 -38.45 2.67
CA TYR N 65 -14.80 -39.86 2.26
C TYR N 65 -13.91 -40.78 3.04
N ALA N 66 -14.39 -42.02 3.15
CA ALA N 66 -13.65 -43.12 3.71
C ALA N 66 -12.60 -43.55 2.71
N ALA N 67 -11.42 -43.95 3.18
CA ALA N 67 -10.37 -44.35 2.23
C ALA N 67 -10.76 -45.42 1.19
N PRO N 68 -11.49 -46.50 1.52
CA PRO N 68 -11.85 -47.58 0.61
C PRO N 68 -12.67 -47.19 -0.61
N VAL N 69 -13.29 -46.02 -0.58
CA VAL N 69 -14.13 -45.63 -1.69
C VAL N 69 -13.60 -44.39 -2.40
N LYS N 70 -12.42 -43.93 -2.00
CA LYS N 70 -11.94 -42.71 -2.61
C LYS N 70 -11.68 -42.95 -4.08
N ASP N 71 -12.07 -41.94 -4.86
CA ASP N 71 -11.97 -41.89 -6.31
C ASP N 71 -12.90 -42.89 -7.02
N ARG N 72 -13.84 -43.49 -6.29
CA ARG N 72 -14.82 -44.37 -6.91
C ARG N 72 -16.24 -43.97 -6.54
N PHE N 73 -16.47 -43.68 -5.27
CA PHE N 73 -17.83 -43.37 -4.88
C PHE N 73 -17.98 -41.88 -4.62
N ILE N 74 -19.14 -41.33 -4.97
CA ILE N 74 -19.47 -39.93 -4.70
C ILE N 74 -20.75 -39.75 -3.87
N VAL N 75 -20.65 -38.99 -2.79
CA VAL N 75 -21.83 -38.75 -1.95
C VAL N 75 -22.31 -37.33 -2.23
N SER N 76 -23.59 -37.23 -2.60
CA SER N 76 -24.21 -35.96 -2.97
C SER N 76 -25.66 -35.91 -2.54
N ARG N 77 -26.27 -34.72 -2.60
CA ARG N 77 -27.66 -34.55 -2.17
C ARG N 77 -28.49 -33.72 -3.13
N ASP N 78 -29.78 -34.04 -3.20
CA ASP N 78 -30.74 -33.26 -3.97
C ASP N 78 -31.38 -32.31 -2.98
N ASP N 79 -30.87 -31.08 -3.03
CA ASP N 79 -31.24 -30.06 -2.07
C ASP N 79 -32.71 -29.80 -2.12
N SER N 80 -33.30 -29.69 -0.93
CA SER N 80 -34.72 -29.41 -0.70
C SER N 80 -35.66 -30.51 -1.18
N ARG N 81 -35.12 -31.67 -1.58
CA ARG N 81 -35.95 -32.81 -1.97
C ARG N 81 -35.77 -33.89 -0.94
N ASN N 82 -35.01 -33.54 0.08
CA ASN N 82 -34.70 -34.37 1.21
C ASN N 82 -34.18 -35.72 0.75
N THR N 83 -33.35 -35.71 -0.31
CA THR N 83 -32.87 -37.00 -0.80
C THR N 83 -31.37 -37.07 -0.95
N LEU N 84 -30.83 -38.10 -0.36
CA LEU N 84 -29.42 -38.41 -0.36
C LEU N 84 -29.09 -39.39 -1.47
N TYR N 85 -28.00 -39.16 -2.18
CA TYR N 85 -27.61 -40.09 -3.24
C TYR N 85 -26.16 -40.58 -3.12
N LEU N 86 -25.94 -41.82 -3.59
CA LEU N 86 -24.60 -42.37 -3.66
C LEU N 86 -24.29 -42.87 -5.05
N GLN N 87 -23.30 -42.27 -5.69
CA GLN N 87 -22.93 -42.67 -7.03
C GLN N 87 -21.74 -43.59 -6.94
N MET N 88 -21.92 -44.85 -7.29
CA MET N 88 -20.83 -45.79 -7.18
C MET N 88 -20.30 -46.19 -8.53
N ASN N 89 -19.07 -45.77 -8.83
CA ASN N 89 -18.49 -46.08 -10.11
C ASN N 89 -17.48 -47.19 -9.99
N SER N 90 -16.94 -47.63 -11.13
CA SER N 90 -15.87 -48.63 -11.15
C SER N 90 -16.20 -49.80 -10.24
N LEU N 91 -17.41 -50.33 -10.37
CA LEU N 91 -17.85 -51.38 -9.48
C LEU N 91 -17.08 -52.67 -9.59
N LYS N 92 -16.82 -53.25 -8.44
CA LYS N 92 -16.15 -54.54 -8.35
C LYS N 92 -17.05 -55.46 -7.54
N THR N 93 -16.87 -56.76 -7.63
CA THR N 93 -17.78 -57.67 -6.92
C THR N 93 -17.62 -57.59 -5.39
N GLU N 94 -16.52 -56.98 -4.97
CA GLU N 94 -16.20 -56.73 -3.57
C GLU N 94 -17.15 -55.71 -2.96
N ASP N 95 -17.89 -54.99 -3.82
CA ASP N 95 -18.81 -53.95 -3.41
C ASP N 95 -20.19 -54.51 -3.11
N THR N 96 -20.39 -55.83 -3.22
CA THR N 96 -21.70 -56.33 -2.85
C THR N 96 -21.86 -56.10 -1.37
N ALA N 97 -22.94 -55.42 -0.99
CA ALA N 97 -23.18 -55.09 0.40
C ALA N 97 -24.56 -54.53 0.59
N VAL N 98 -25.01 -54.44 1.83
CA VAL N 98 -26.22 -53.69 2.06
C VAL N 98 -25.83 -52.26 2.31
N TYR N 99 -26.38 -51.34 1.55
CA TYR N 99 -26.04 -49.93 1.65
C TYR N 99 -27.07 -49.14 2.40
N TYR N 100 -26.62 -48.52 3.46
CA TYR N 100 -27.47 -47.77 4.34
C TYR N 100 -27.15 -46.29 4.28
N CYS N 101 -28.19 -45.47 4.48
CA CYS N 101 -28.11 -44.04 4.67
C CYS N 101 -28.21 -43.86 6.19
N ALA N 102 -27.55 -42.86 6.71
CA ALA N 102 -27.61 -42.64 8.13
C ALA N 102 -27.57 -41.17 8.49
N THR N 103 -28.37 -40.82 9.49
CA THR N 103 -28.51 -39.45 9.92
C THR N 103 -28.29 -39.13 11.40
N GLY N 104 -27.52 -38.08 11.61
CA GLY N 104 -27.26 -37.53 12.94
C GLY N 104 -28.35 -36.57 13.37
N SER N 105 -29.57 -37.05 13.49
CA SER N 105 -30.66 -36.13 13.83
C SER N 105 -31.56 -36.65 14.94
N GLY N 106 -32.70 -36.00 15.09
CA GLY N 106 -33.68 -36.28 16.13
C GLY N 106 -34.10 -34.96 16.76
N LYS N 107 -35.27 -34.96 17.38
CA LYS N 107 -35.84 -33.78 17.99
C LYS N 107 -35.18 -33.43 19.33
N GLY N 108 -35.08 -32.14 19.63
CA GLY N 108 -34.51 -31.61 20.86
C GLY N 108 -35.62 -31.06 21.76
N PRO N 109 -35.29 -30.28 22.80
CA PRO N 109 -36.22 -29.70 23.75
C PRO N 109 -37.05 -28.61 23.13
N SER N 110 -38.27 -28.45 23.60
CA SER N 110 -39.14 -27.37 23.19
C SER N 110 -39.19 -26.29 24.26
N ALA N 111 -39.80 -25.17 23.92
CA ALA N 111 -39.96 -24.04 24.82
C ALA N 111 -41.23 -23.32 24.43
N SER N 112 -41.77 -22.45 25.30
CA SER N 112 -43.01 -21.73 24.95
C SER N 112 -42.83 -20.86 23.71
N PHE N 113 -41.57 -20.57 23.46
CA PHE N 113 -41.02 -19.89 22.34
C PHE N 113 -41.19 -20.56 20.97
N GLY N 114 -40.88 -21.86 20.91
CA GLY N 114 -40.81 -22.60 19.64
C GLY N 114 -40.33 -24.05 19.80
N GLU N 115 -40.03 -24.67 18.66
CA GLU N 115 -39.60 -26.09 18.56
C GLU N 115 -38.12 -26.22 18.28
N SER N 116 -37.51 -27.39 18.57
CA SER N 116 -36.10 -27.51 18.24
C SER N 116 -35.63 -28.93 17.93
N TYR N 117 -34.61 -29.02 17.08
CA TYR N 117 -33.91 -30.27 16.69
C TYR N 117 -32.39 -30.24 16.87
N TYR N 118 -31.77 -31.40 17.09
CA TYR N 118 -30.32 -31.46 17.19
C TYR N 118 -29.67 -32.11 16.01
N TYR N 119 -28.56 -31.55 15.56
CA TYR N 119 -27.81 -32.14 14.48
C TYR N 119 -26.43 -32.55 14.94
N TYR N 120 -26.18 -33.85 14.87
CA TYR N 120 -25.03 -34.51 15.42
C TYR N 120 -23.96 -34.94 14.45
N ASP N 121 -22.82 -35.26 15.03
CA ASP N 121 -21.61 -35.79 14.43
C ASP N 121 -21.48 -37.33 14.57
N PHE N 122 -22.60 -37.97 14.85
CA PHE N 122 -22.79 -39.42 15.01
C PHE N 122 -24.19 -39.78 14.56
N ILE N 123 -24.47 -41.07 14.43
CA ILE N 123 -25.78 -41.49 13.93
C ILE N 123 -26.81 -41.99 14.90
N ASN N 124 -28.01 -41.40 14.83
CA ASN N 124 -29.14 -41.84 15.62
C ASN N 124 -30.14 -42.58 14.77
N VAL N 125 -30.23 -42.19 13.50
CA VAL N 125 -31.22 -42.73 12.60
C VAL N 125 -30.59 -43.50 11.47
N TRP N 126 -30.99 -44.75 11.36
CA TRP N 126 -30.51 -45.59 10.28
C TRP N 126 -31.67 -45.92 9.38
N GLY N 127 -31.40 -46.06 8.10
CA GLY N 127 -32.43 -46.50 7.17
C GLY N 127 -32.52 -48.03 7.22
N LYS N 128 -33.26 -48.61 6.28
CA LYS N 128 -33.44 -50.06 6.29
C LYS N 128 -32.29 -50.79 5.61
N GLY N 129 -31.69 -50.13 4.63
CA GLY N 129 -30.59 -50.67 3.86
C GLY N 129 -31.05 -51.23 2.51
N THR N 130 -30.40 -50.85 1.42
CA THR N 130 -30.77 -51.39 0.12
C THR N 130 -29.66 -52.30 -0.33
N THR N 131 -30.01 -53.50 -0.76
CA THR N 131 -28.94 -54.41 -1.14
C THR N 131 -28.50 -54.15 -2.55
N VAL N 132 -27.18 -54.04 -2.71
CA VAL N 132 -26.56 -53.85 -4.00
C VAL N 132 -25.71 -55.05 -4.29
N THR N 133 -25.98 -55.68 -5.41
CA THR N 133 -25.24 -56.87 -5.79
C THR N 133 -24.42 -56.58 -6.99
N VAL N 134 -23.14 -56.87 -6.90
CA VAL N 134 -22.30 -56.67 -8.05
C VAL N 134 -21.81 -58.05 -8.43
N SER N 135 -22.13 -58.48 -9.63
CA SER N 135 -21.74 -59.83 -10.05
C SER N 135 -21.69 -59.97 -11.58
N SER N 136 -21.01 -61.03 -12.07
CA SER N 136 -20.87 -61.37 -13.51
C SER N 136 -22.06 -62.19 -14.05
N GLU O 1 -3.63 -44.57 9.96
CA GLU O 1 -4.89 -43.93 10.35
C GLU O 1 -5.23 -44.39 11.78
N SER O 2 -6.38 -43.88 12.31
CA SER O 2 -6.92 -44.22 13.62
C SER O 2 -7.89 -45.39 13.41
N VAL O 3 -7.47 -46.56 13.89
CA VAL O 3 -8.17 -47.82 13.67
C VAL O 3 -8.56 -48.50 14.99
N LEU O 4 -9.80 -48.98 15.03
CA LEU O 4 -10.36 -49.66 16.20
C LEU O 4 -10.28 -51.18 16.17
N THR O 5 -9.70 -51.77 17.22
CA THR O 5 -9.65 -53.23 17.36
C THR O 5 -10.32 -53.67 18.66
N GLN O 6 -11.28 -54.58 18.55
CA GLN O 6 -11.99 -55.13 19.71
C GLN O 6 -11.39 -56.38 20.26
N SER O 7 -11.55 -56.54 21.58
CA SER O 7 -11.15 -57.74 22.29
C SER O 7 -11.96 -57.94 23.59
N PRO O 8 -12.40 -59.19 23.87
CA PRO O 8 -12.26 -60.45 23.14
C PRO O 8 -13.14 -60.50 21.92
N GLY O 9 -12.80 -61.37 20.95
CA GLY O 9 -13.63 -61.57 19.76
C GLY O 9 -15.03 -62.11 20.10
N THR O 10 -15.10 -62.94 21.14
CA THR O 10 -16.36 -63.47 21.62
C THR O 10 -16.38 -63.37 23.15
N LEU O 11 -17.51 -62.97 23.69
CA LEU O 11 -17.68 -62.95 25.14
C LEU O 11 -18.57 -64.10 25.49
N SER O 12 -18.33 -64.76 26.61
CA SER O 12 -19.20 -65.85 27.02
C SER O 12 -19.59 -65.75 28.47
N LEU O 13 -20.87 -65.51 28.69
CA LEU O 13 -21.41 -65.33 30.04
C LEU O 13 -22.88 -65.65 30.17
N SER O 14 -23.27 -66.22 31.30
CA SER O 14 -24.67 -66.50 31.55
C SER O 14 -25.40 -65.18 31.72
N PRO O 15 -26.69 -65.08 31.35
CA PRO O 15 -27.44 -63.88 31.56
C PRO O 15 -27.48 -63.64 33.05
N GLY O 16 -27.36 -62.38 33.43
CA GLY O 16 -27.35 -61.95 34.82
C GLY O 16 -25.93 -61.69 35.30
N GLU O 17 -24.94 -62.13 34.54
CA GLU O 17 -23.53 -61.90 34.86
C GLU O 17 -23.09 -60.62 34.17
N ARG O 18 -22.07 -59.96 34.72
CA ARG O 18 -21.49 -58.74 34.18
C ARG O 18 -20.66 -58.99 32.93
N ALA O 19 -20.70 -58.07 31.97
CA ALA O 19 -19.88 -58.23 30.77
C ALA O 19 -19.16 -56.97 30.38
N THR O 20 -17.92 -57.12 29.94
CA THR O 20 -17.18 -55.98 29.41
C THR O 20 -16.50 -56.32 28.10
N LEU O 21 -16.49 -55.33 27.23
CA LEU O 21 -15.80 -55.38 25.96
C LEU O 21 -14.95 -54.15 25.73
N SER O 22 -13.69 -54.34 25.35
CA SER O 22 -12.84 -53.20 25.16
C SER O 22 -12.43 -53.04 23.68
N CYS O 23 -12.07 -51.78 23.31
CA CYS O 23 -11.48 -51.40 22.02
C CYS O 23 -10.20 -50.62 22.24
N ARG O 24 -9.22 -50.95 21.42
CA ARG O 24 -7.99 -50.20 21.43
C ARG O 24 -7.82 -49.50 20.11
N ALA O 25 -7.64 -48.19 20.21
CA ALA O 25 -7.43 -47.38 19.05
C ALA O 25 -5.95 -47.28 18.74
N SER O 26 -5.62 -47.21 17.47
CA SER O 26 -4.24 -46.98 17.05
C SER O 26 -3.76 -45.57 17.37
N GLN O 27 -4.70 -44.64 17.62
CA GLN O 27 -4.35 -43.26 17.94
C GLN O 27 -5.17 -42.80 19.14
N SER O 28 -4.58 -41.91 19.95
CA SER O 28 -5.28 -41.35 21.10
C SER O 28 -6.43 -40.47 20.64
N ILE O 29 -7.53 -40.53 21.36
CA ILE O 29 -8.71 -39.76 21.06
C ILE O 29 -9.46 -39.25 22.30
N SER O 30 -9.99 -38.02 22.21
CA SER O 30 -10.78 -37.45 23.29
C SER O 30 -12.10 -38.18 23.44
N ARG O 31 -12.62 -38.19 24.66
CA ARG O 31 -13.85 -38.90 25.01
C ARG O 31 -15.07 -38.52 24.20
N LYS O 32 -15.18 -37.26 23.85
CA LYS O 32 -16.37 -36.78 23.17
C LYS O 32 -16.54 -37.38 21.78
N TYR O 33 -15.51 -38.03 21.24
CA TYR O 33 -15.60 -38.56 19.90
C TYR O 33 -15.85 -40.07 19.82
N LEU O 34 -16.21 -40.72 20.93
CA LEU O 34 -16.42 -42.17 20.88
C LEU O 34 -17.87 -42.64 20.99
N ALA O 35 -18.17 -43.79 20.38
CA ALA O 35 -19.49 -44.42 20.47
C ALA O 35 -19.41 -45.93 20.31
N TRP O 36 -20.45 -46.61 20.78
CA TRP O 36 -20.59 -48.06 20.59
C TRP O 36 -21.95 -48.32 19.98
N TYR O 37 -22.07 -49.35 19.17
CA TYR O 37 -23.37 -49.70 18.59
C TYR O 37 -23.77 -51.16 18.84
N GLN O 38 -25.08 -51.40 18.97
CA GLN O 38 -25.63 -52.75 19.19
C GLN O 38 -26.40 -53.32 18.00
N GLN O 39 -25.92 -54.43 17.43
CA GLN O 39 -26.61 -54.96 16.25
C GLN O 39 -27.12 -56.39 16.37
N LYS O 40 -28.33 -56.56 15.88
CA LYS O 40 -28.95 -57.87 15.78
C LYS O 40 -29.24 -58.10 14.31
N PRO O 41 -29.29 -59.35 13.84
CA PRO O 41 -29.61 -59.66 12.46
C PRO O 41 -30.93 -59.04 12.07
N GLY O 42 -30.97 -58.45 10.89
CA GLY O 42 -32.17 -57.82 10.37
C GLY O 42 -32.34 -56.36 10.84
N GLN O 43 -31.41 -55.86 11.66
CA GLN O 43 -31.55 -54.51 12.16
C GLN O 43 -30.30 -53.68 11.93
N ALA O 44 -30.48 -52.37 11.72
CA ALA O 44 -29.33 -51.49 11.66
C ALA O 44 -28.87 -51.32 13.11
N PRO O 45 -27.59 -51.10 13.42
CA PRO O 45 -27.08 -50.97 14.77
C PRO O 45 -27.72 -49.83 15.59
N ARG O 46 -28.01 -50.07 16.86
CA ARG O 46 -28.57 -49.03 17.73
C ARG O 46 -27.45 -48.22 18.33
N LEU O 47 -27.66 -46.93 18.56
CA LEU O 47 -26.58 -46.12 19.10
C LEU O 47 -26.05 -46.44 20.49
N LEU O 48 -26.87 -46.84 21.45
CA LEU O 48 -26.41 -47.15 22.83
C LEU O 48 -25.76 -46.03 23.66
N ILE O 49 -24.56 -45.63 23.25
CA ILE O 49 -23.69 -44.70 23.94
C ILE O 49 -22.90 -43.85 22.94
N TYR O 50 -22.67 -42.58 23.29
CA TYR O 50 -21.87 -41.70 22.47
C TYR O 50 -21.06 -40.77 23.36
N GLY O 51 -19.97 -40.24 22.84
CA GLY O 51 -19.20 -39.29 23.62
C GLY O 51 -18.50 -40.02 24.76
N SER O 52 -18.24 -41.31 24.53
CA SER O 52 -17.63 -42.26 25.45
C SER O 52 -18.54 -42.63 26.62
N SER O 53 -18.96 -41.65 27.41
CA SER O 53 -19.80 -41.85 28.58
C SER O 53 -21.25 -41.32 28.54
N SER O 54 -21.72 -40.72 27.45
CA SER O 54 -23.09 -40.18 27.43
C SER O 54 -24.06 -41.17 26.82
N ARG O 55 -25.10 -41.53 27.55
CA ARG O 55 -26.00 -42.52 27.00
C ARG O 55 -26.87 -41.97 25.91
N ALA O 56 -27.15 -42.80 24.92
CA ALA O 56 -28.12 -42.48 23.90
C ALA O 56 -29.46 -42.61 24.59
N THR O 57 -30.50 -41.97 24.08
CA THR O 57 -31.77 -42.16 24.75
C THR O 57 -32.39 -43.45 24.28
N GLY O 58 -33.34 -43.98 25.06
CA GLY O 58 -34.03 -45.23 24.73
C GLY O 58 -33.19 -46.45 25.15
N ILE O 59 -32.10 -46.17 25.87
CA ILE O 59 -31.13 -47.15 26.33
C ILE O 59 -31.15 -47.30 27.84
N PRO O 60 -31.26 -48.53 28.37
CA PRO O 60 -31.22 -48.87 29.78
C PRO O 60 -29.92 -48.44 30.46
N ASP O 61 -30.02 -48.14 31.75
CA ASP O 61 -28.92 -47.67 32.60
C ASP O 61 -27.83 -48.70 32.82
N ARG O 62 -28.16 -49.96 32.55
CA ARG O 62 -27.19 -51.03 32.69
C ARG O 62 -26.06 -50.89 31.69
N PHE O 63 -26.26 -50.11 30.62
CA PHE O 63 -25.23 -49.89 29.62
C PHE O 63 -24.45 -48.63 29.96
N SER O 64 -23.14 -48.75 30.18
CA SER O 64 -22.35 -47.58 30.52
C SER O 64 -20.95 -47.62 29.91
N GLY O 65 -20.58 -46.57 29.19
CA GLY O 65 -19.26 -46.53 28.57
C GLY O 65 -18.25 -45.77 29.42
N SER O 66 -16.97 -46.04 29.17
CA SER O 66 -15.88 -45.32 29.82
C SER O 66 -14.59 -45.43 29.01
N GLY O 67 -13.59 -44.61 29.36
CA GLY O 67 -12.29 -44.71 28.70
C GLY O 67 -11.66 -43.39 28.35
N SER O 68 -10.42 -43.47 27.90
CA SER O 68 -9.61 -42.30 27.52
C SER O 68 -8.44 -42.73 26.65
N GLY O 69 -7.77 -41.76 26.01
CA GLY O 69 -6.57 -42.13 25.27
C GLY O 69 -6.93 -43.08 24.16
N THR O 70 -6.36 -44.27 24.19
CA THR O 70 -6.59 -45.29 23.19
C THR O 70 -7.47 -46.42 23.68
N ASP O 71 -7.83 -46.41 24.96
CA ASP O 71 -8.53 -47.54 25.54
C ASP O 71 -9.92 -47.24 26.07
N PHE O 72 -10.91 -47.83 25.38
CA PHE O 72 -12.31 -47.61 25.72
C PHE O 72 -13.05 -48.91 25.96
N THR O 73 -14.00 -48.87 26.90
CA THR O 73 -14.78 -50.04 27.27
C THR O 73 -16.28 -49.78 27.38
N LEU O 74 -17.06 -50.80 27.04
CA LEU O 74 -18.49 -50.80 27.28
C LEU O 74 -18.78 -51.85 28.33
N THR O 75 -19.41 -51.42 29.41
CA THR O 75 -19.75 -52.32 30.49
C THR O 75 -21.24 -52.48 30.58
N ILE O 76 -21.68 -53.72 30.65
CA ILE O 76 -23.08 -53.98 30.88
C ILE O 76 -23.10 -54.56 32.29
N SER O 77 -23.77 -53.87 33.22
CA SER O 77 -23.69 -54.30 34.64
C SER O 77 -24.23 -55.69 34.89
N ARG O 78 -25.24 -56.07 34.13
CA ARG O 78 -25.88 -57.37 34.15
C ARG O 78 -26.27 -57.59 32.71
N LEU O 79 -25.81 -58.63 32.09
CA LEU O 79 -26.17 -58.79 30.70
C LEU O 79 -27.47 -59.57 30.61
N GLU O 80 -28.49 -59.00 29.98
CA GLU O 80 -29.78 -59.68 29.90
C GLU O 80 -29.82 -60.51 28.62
N PRO O 81 -30.67 -61.55 28.48
CA PRO O 81 -30.80 -62.36 27.27
C PRO O 81 -30.99 -61.52 26.00
N GLU O 82 -31.71 -60.41 26.14
CA GLU O 82 -31.99 -59.51 25.04
C GLU O 82 -30.80 -58.68 24.59
N ASP O 83 -29.74 -58.68 25.39
CA ASP O 83 -28.55 -57.91 25.13
C ASP O 83 -27.46 -58.74 24.45
N PHE O 84 -27.72 -60.01 24.14
CA PHE O 84 -26.67 -60.82 23.51
C PHE O 84 -26.61 -60.60 22.00
N ALA O 85 -26.09 -59.43 21.67
CA ALA O 85 -25.97 -58.83 20.34
C ALA O 85 -24.50 -58.70 19.94
N VAL O 86 -24.28 -58.24 18.70
CA VAL O 86 -22.93 -57.97 18.26
C VAL O 86 -22.63 -56.51 18.55
N TYR O 87 -21.53 -56.25 19.21
CA TYR O 87 -21.21 -54.87 19.54
C TYR O 87 -20.05 -54.34 18.74
N TYR O 88 -20.15 -53.08 18.37
CA TYR O 88 -19.14 -52.39 17.59
C TYR O 88 -18.70 -51.09 18.27
N CYS O 89 -17.42 -50.69 18.09
CA CYS O 89 -16.92 -49.36 18.48
C CYS O 89 -16.98 -48.45 17.28
N HIS O 90 -17.02 -47.17 17.57
CA HIS O 90 -16.95 -46.16 16.55
C HIS O 90 -16.27 -44.91 17.06
N GLN O 91 -15.52 -44.28 16.18
CA GLN O 91 -14.89 -43.04 16.55
C GLN O 91 -15.01 -42.00 15.46
N TYR O 92 -15.11 -40.73 15.87
CA TYR O 92 -15.39 -39.66 14.92
C TYR O 92 -14.13 -38.99 14.38
N GLU O 93 -13.07 -38.96 15.18
CA GLU O 93 -11.76 -38.39 14.86
C GLU O 93 -11.76 -36.94 14.42
N SER O 94 -12.83 -36.23 14.72
CA SER O 94 -13.02 -34.84 14.33
C SER O 94 -13.17 -34.68 12.80
N SER O 95 -13.21 -35.81 12.04
CA SER O 95 -13.40 -35.79 10.59
C SER O 95 -13.61 -37.18 9.92
N PRO O 96 -12.63 -38.11 9.79
CA PRO O 96 -12.83 -39.44 9.22
C PRO O 96 -13.54 -40.30 10.23
N TRP O 97 -14.39 -41.21 9.78
CA TRP O 97 -15.01 -42.12 10.72
C TRP O 97 -14.51 -43.55 10.61
N THR O 98 -14.38 -44.19 11.77
CA THR O 98 -13.95 -45.59 11.89
C THR O 98 -14.88 -46.47 12.72
N PHE O 99 -15.16 -47.68 12.23
CA PHE O 99 -15.95 -48.71 12.95
C PHE O 99 -15.03 -49.87 13.39
N GLY O 100 -15.38 -50.54 14.50
CA GLY O 100 -14.65 -51.73 14.96
C GLY O 100 -15.08 -52.94 14.14
N GLN O 101 -14.46 -54.11 14.36
CA GLN O 101 -14.81 -55.25 13.52
C GLN O 101 -16.09 -56.01 13.86
N GLY O 102 -16.59 -55.89 15.09
CA GLY O 102 -17.79 -56.58 15.53
C GLY O 102 -17.45 -57.73 16.45
N THR O 103 -17.95 -57.65 17.67
CA THR O 103 -17.73 -58.65 18.70
C THR O 103 -19.00 -59.31 19.10
N LYS O 104 -18.99 -60.63 19.13
CA LYS O 104 -20.20 -61.37 19.47
C LYS O 104 -20.30 -61.67 20.94
N VAL O 105 -21.48 -61.47 21.51
CA VAL O 105 -21.68 -61.82 22.89
C VAL O 105 -22.63 -63.02 22.94
N GLU O 106 -22.18 -64.10 23.59
CA GLU O 106 -22.94 -65.36 23.66
C GLU O 106 -23.14 -65.85 25.10
N ILE O 107 -24.21 -66.66 25.35
CA ILE O 107 -24.52 -67.29 26.63
C ILE O 107 -23.55 -68.47 26.85
N VAL P 43 -37.93 25.06 -2.52
CA VAL P 43 -37.94 24.37 -3.81
C VAL P 43 -37.72 22.82 -3.71
N ILE P 44 -37.70 22.26 -2.47
CA ILE P 44 -37.48 20.83 -2.19
C ILE P 44 -38.76 20.15 -1.75
N VAL P 45 -39.18 19.16 -2.51
CA VAL P 45 -40.37 18.42 -2.17
C VAL P 45 -40.01 17.03 -1.75
N ASN P 46 -40.22 16.73 -0.48
CA ASN P 46 -39.85 15.43 0.03
C ASN P 46 -40.88 14.43 -0.40
N ALA P 47 -40.42 13.45 -1.18
CA ALA P 47 -41.29 12.46 -1.77
C ALA P 47 -40.97 11.06 -1.27
N GLN P 48 -40.42 10.99 -0.07
CA GLN P 48 -40.07 9.70 0.49
C GLN P 48 -41.28 9.10 1.18
N PRO P 49 -41.41 7.77 1.25
CA PRO P 49 -42.44 7.05 1.96
C PRO P 49 -42.64 7.50 3.38
N LYS P 50 -41.55 7.84 4.05
CA LYS P 50 -41.63 8.30 5.41
C LYS P 50 -40.37 9.09 5.72
N CYS P 51 -40.34 9.78 6.87
CA CYS P 51 -39.23 10.64 7.30
C CYS P 51 -39.06 10.62 8.81
N ASN P 52 -37.83 10.37 9.25
CA ASN P 52 -37.53 10.56 10.66
C ASN P 52 -37.38 12.07 10.80
N PRO P 53 -38.26 12.77 11.53
CA PRO P 53 -38.29 14.20 11.65
C PRO P 53 -37.14 14.76 12.44
N ASN P 54 -36.34 13.92 13.06
CA ASN P 54 -35.28 14.50 13.86
C ASN P 54 -33.91 13.89 13.60
N LEU P 55 -32.88 14.62 13.99
CA LEU P 55 -31.53 14.16 13.80
C LEU P 55 -30.79 13.99 15.07
N HIS P 56 -30.15 12.86 15.19
CA HIS P 56 -29.30 12.57 16.28
C HIS P 56 -27.99 12.50 15.59
N TYR P 57 -27.12 13.45 15.87
CA TYR P 57 -25.90 13.60 15.11
C TYR P 57 -24.64 13.55 15.90
N TRP P 58 -23.57 13.27 15.18
CA TRP P 58 -22.22 13.32 15.70
C TRP P 58 -21.31 14.06 14.74
N THR P 59 -20.25 14.62 15.29
CA THR P 59 -19.21 15.31 14.50
C THR P 59 -17.90 15.47 15.25
N THR P 60 -16.93 16.10 14.64
CA THR P 60 -15.60 16.26 15.23
C THR P 60 -15.17 17.71 15.32
N GLN P 61 -15.38 18.31 16.48
CA GLN P 61 -15.10 19.71 16.68
C GLN P 61 -14.23 19.89 17.92
N GLY P 68 -5.76 20.67 29.13
CA GLY P 68 -4.43 21.24 29.19
C GLY P 68 -3.49 20.53 28.22
N LEU P 69 -3.26 19.22 28.48
CA LEU P 69 -2.44 18.32 27.66
C LEU P 69 -3.32 17.56 26.71
N ALA P 70 -4.60 17.85 26.76
CA ALA P 70 -5.59 17.14 25.97
C ALA P 70 -5.32 17.20 24.48
N TRP P 71 -4.75 18.30 24.00
CA TRP P 71 -4.48 18.46 22.59
C TRP P 71 -3.33 17.59 22.07
N ILE P 72 -2.51 17.07 22.95
CA ILE P 72 -1.37 16.27 22.56
C ILE P 72 -1.85 14.86 22.26
N PRO P 73 -1.63 14.29 21.06
CA PRO P 73 -2.06 12.96 20.66
C PRO P 73 -1.71 11.86 21.66
N TYR P 74 -0.57 12.03 22.31
CA TYR P 74 -0.10 11.10 23.32
C TYR P 74 -1.02 11.04 24.54
N PHE P 75 -1.57 12.18 24.96
CA PHE P 75 -2.38 12.22 26.16
C PHE P 75 -3.88 12.35 25.86
N GLY P 76 -4.22 12.68 24.64
CA GLY P 76 -5.59 12.92 24.28
C GLY P 76 -6.36 11.61 24.17
N PRO P 77 -7.63 11.67 23.80
CA PRO P 77 -8.55 10.55 23.69
C PRO P 77 -8.27 9.65 22.51
N ALA P 78 -8.71 8.41 22.62
CA ALA P 78 -8.65 7.43 21.55
C ALA P 78 -9.69 7.82 20.54
N ALA P 79 -9.56 7.34 19.31
CA ALA P 79 -10.46 7.72 18.23
C ALA P 79 -11.94 7.55 18.52
N GLU P 80 -12.33 6.56 19.28
CA GLU P 80 -13.77 6.40 19.52
C GLU P 80 -14.37 7.55 20.33
N GLY P 81 -13.51 8.29 21.04
CA GLY P 81 -13.87 9.38 21.92
C GLY P 81 -13.66 10.78 21.35
N ILE P 82 -13.39 10.94 20.06
CA ILE P 82 -13.12 12.29 19.57
C ILE P 82 -14.35 12.97 19.00
N TYR P 83 -15.50 12.35 19.16
CA TYR P 83 -16.71 12.88 18.58
C TYR P 83 -17.61 13.55 19.60
N THR P 84 -18.32 14.56 19.14
CA THR P 84 -19.34 15.23 19.93
C THR P 84 -20.70 14.75 19.48
N GLU P 85 -21.74 15.21 20.15
CA GLU P 85 -23.08 14.73 19.85
C GLU P 85 -24.21 15.67 20.26
N GLY P 86 -25.39 15.48 19.66
CA GLY P 86 -26.58 16.23 20.06
C GLY P 86 -27.79 15.98 19.18
N LEU P 87 -28.93 16.62 19.50
CA LEU P 87 -30.14 16.44 18.70
C LEU P 87 -30.61 17.74 18.07
N MET P 88 -31.25 17.61 16.92
CA MET P 88 -31.95 18.71 16.25
C MET P 88 -33.34 18.26 15.85
N HIS P 89 -34.31 19.16 15.91
CA HIS P 89 -35.64 18.80 15.47
C HIS P 89 -35.97 19.43 14.14
N ASN P 90 -37.15 19.12 13.60
CA ASN P 90 -37.53 19.57 12.25
C ASN P 90 -38.03 20.98 12.23
N GLN P 91 -37.15 21.90 12.57
CA GLN P 91 -37.56 23.26 12.65
C GLN P 91 -37.83 23.76 11.27
N ASP P 92 -39.03 24.24 11.07
CA ASP P 92 -39.50 24.77 9.81
C ASP P 92 -39.29 23.84 8.62
N GLY P 93 -39.44 22.54 8.83
CA GLY P 93 -39.34 21.60 7.72
C GLY P 93 -37.92 21.27 7.27
N LEU P 94 -36.92 21.78 7.98
CA LEU P 94 -35.54 21.58 7.59
C LEU P 94 -35.07 20.15 7.54
N ILE P 95 -35.43 19.29 8.48
CA ILE P 95 -34.83 17.97 8.42
C ILE P 95 -35.31 17.11 7.28
N CYS P 96 -36.62 17.07 7.01
CA CYS P 96 -37.18 16.30 5.91
C CYS P 96 -36.72 16.93 4.59
N GLY P 97 -36.58 18.26 4.54
CA GLY P 97 -36.08 18.86 3.32
C GLY P 97 -34.64 18.41 3.09
N LEU P 98 -33.86 18.33 4.16
CA LEU P 98 -32.49 17.90 4.06
C LEU P 98 -32.37 16.46 3.64
N ARG P 99 -33.24 15.58 4.14
CA ARG P 99 -33.16 14.19 3.71
C ARG P 99 -33.44 14.10 2.22
N GLN P 100 -34.40 14.86 1.71
CA GLN P 100 -34.69 14.85 0.29
C GLN P 100 -33.52 15.40 -0.51
N LEU P 101 -32.84 16.40 0.02
CA LEU P 101 -31.71 16.95 -0.69
C LEU P 101 -30.66 15.89 -0.86
N ALA P 102 -30.32 15.18 0.21
CA ALA P 102 -29.28 14.15 0.10
C ALA P 102 -29.62 13.03 -0.91
N ASN P 103 -30.93 12.71 -1.03
CA ASN P 103 -31.47 11.74 -1.98
C ASN P 103 -31.29 12.22 -3.44
N GLU P 104 -31.40 13.56 -3.70
CA GLU P 104 -31.25 14.18 -5.03
C GLU P 104 -29.80 14.42 -5.44
N THR P 105 -28.92 14.71 -4.48
CA THR P 105 -27.54 14.99 -4.79
C THR P 105 -26.76 13.74 -5.10
N THR P 106 -27.33 12.60 -4.79
CA THR P 106 -26.67 11.33 -5.00
C THR P 106 -26.35 11.05 -6.46
N GLN P 107 -27.26 11.34 -7.38
CA GLN P 107 -26.95 11.06 -8.77
C GLN P 107 -25.79 11.88 -9.28
N ALA P 108 -25.75 13.16 -8.94
CA ALA P 108 -24.67 14.01 -9.40
C ALA P 108 -23.36 13.56 -8.82
N LEU P 109 -23.39 13.14 -7.56
CA LEU P 109 -22.17 12.73 -6.92
C LEU P 109 -21.65 11.45 -7.51
N GLN P 110 -22.51 10.49 -7.82
CA GLN P 110 -21.97 9.28 -8.38
C GLN P 110 -21.39 9.50 -9.77
N LEU P 111 -21.98 10.37 -10.60
CA LEU P 111 -21.41 10.59 -11.92
C LEU P 111 -20.08 11.29 -11.81
N PHE P 112 -19.98 12.21 -10.86
CA PHE P 112 -18.74 12.91 -10.60
C PHE P 112 -17.65 11.93 -10.27
N LEU P 113 -17.93 11.03 -9.33
CA LEU P 113 -16.93 10.08 -8.93
C LEU P 113 -16.54 9.17 -10.07
N ARG P 114 -17.46 8.79 -10.93
CA ARG P 114 -17.08 7.94 -12.05
C ARG P 114 -15.98 8.58 -12.89
N ALA P 115 -16.14 9.87 -13.18
CA ALA P 115 -15.21 10.62 -14.00
C ALA P 115 -13.81 10.85 -13.40
N THR P 116 -13.71 11.02 -12.09
CA THR P 116 -12.42 11.35 -11.49
C THR P 116 -11.50 10.15 -11.25
N THR P 117 -10.23 10.41 -10.96
CA THR P 117 -9.26 9.34 -10.67
C THR P 117 -8.71 9.33 -9.26
N GLU P 118 -9.07 10.31 -8.45
CA GLU P 118 -8.61 10.32 -7.08
C GLU P 118 -9.17 9.10 -6.41
N LEU P 119 -8.41 8.45 -5.56
CA LEU P 119 -8.98 7.31 -4.88
C LEU P 119 -9.90 7.82 -3.78
N ARG P 120 -9.54 8.97 -3.20
CA ARG P 120 -10.34 9.56 -2.15
C ARG P 120 -10.51 11.03 -2.44
N THR P 121 -11.74 11.51 -2.47
CA THR P 121 -11.97 12.91 -2.73
C THR P 121 -12.38 13.69 -1.49
N PHE P 122 -11.54 14.67 -1.18
CA PHE P 122 -11.71 15.54 -0.03
C PHE P 122 -11.94 16.99 -0.46
N SER P 123 -11.91 17.21 -1.76
CA SER P 123 -11.94 18.54 -2.35
C SER P 123 -13.23 19.06 -2.95
N ILE P 124 -14.36 18.39 -2.76
CA ILE P 124 -15.59 18.90 -3.38
C ILE P 124 -15.95 20.27 -2.88
N LEU P 125 -15.86 20.49 -1.58
CA LEU P 125 -16.24 21.79 -1.05
C LEU P 125 -15.22 22.87 -1.35
N ASN P 126 -13.95 22.53 -1.58
CA ASN P 126 -13.01 23.59 -1.89
C ASN P 126 -13.33 24.09 -3.28
N ARG P 127 -13.73 23.18 -4.16
CA ARG P 127 -14.08 23.58 -5.50
C ARG P 127 -15.30 24.47 -5.45
N LYS P 128 -16.24 24.17 -4.56
CA LYS P 128 -17.41 25.00 -4.48
C LYS P 128 -17.07 26.40 -4.05
N ALA P 129 -16.15 26.55 -3.09
CA ALA P 129 -15.78 27.90 -2.67
C ALA P 129 -15.14 28.66 -3.82
N ILE P 130 -14.33 27.98 -4.62
CA ILE P 130 -13.69 28.66 -5.73
C ILE P 130 -14.71 29.09 -6.77
N ASP P 131 -15.65 28.21 -7.14
CA ASP P 131 -16.64 28.62 -8.13
C ASP P 131 -17.50 29.76 -7.60
N PHE P 132 -17.81 29.74 -6.31
CA PHE P 132 -18.61 30.82 -5.76
C PHE P 132 -17.91 32.13 -6.04
N LEU P 133 -16.63 32.20 -5.71
CA LEU P 133 -15.90 33.42 -5.95
C LEU P 133 -15.80 33.77 -7.43
N LEU P 134 -15.55 32.82 -8.32
CA LEU P 134 -15.42 33.14 -9.74
C LEU P 134 -16.68 33.70 -10.36
N GLN P 135 -17.83 33.24 -9.89
CA GLN P 135 -19.11 33.71 -10.41
C GLN P 135 -19.42 35.14 -10.05
N ARG P 136 -18.79 35.66 -9.01
CA ARG P 136 -19.12 36.97 -8.51
C ARG P 136 -18.02 37.94 -8.89
N TRP P 137 -16.78 37.46 -8.83
CA TRP P 137 -15.58 38.21 -9.13
C TRP P 137 -14.66 37.40 -10.04
N GLY P 138 -15.04 37.24 -11.34
CA GLY P 138 -14.35 36.42 -12.33
C GLY P 138 -13.48 37.27 -13.23
N GLN Q 1 -40.54 0.28 30.19
CA GLN Q 1 -39.30 0.14 30.93
C GLN Q 1 -39.10 1.27 31.95
N VAL Q 2 -38.97 2.53 31.48
CA VAL Q 2 -38.71 3.70 32.31
C VAL Q 2 -40.00 4.23 32.88
N GLN Q 3 -40.03 4.33 34.19
CA GLN Q 3 -41.19 4.79 34.89
C GLN Q 3 -41.04 6.26 35.17
N LEU Q 4 -42.12 6.98 34.99
CA LEU Q 4 -42.09 8.40 35.22
C LEU Q 4 -43.11 8.80 36.27
N HIS Q 5 -42.64 9.49 37.31
CA HIS Q 5 -43.56 9.90 38.37
C HIS Q 5 -43.50 11.37 38.72
N GLU Q 6 -44.59 12.07 38.42
CA GLU Q 6 -44.67 13.48 38.69
C GLU Q 6 -45.01 13.76 40.14
N SER Q 7 -44.46 14.84 40.69
CA SER Q 7 -44.84 15.30 42.01
C SER Q 7 -44.76 16.82 42.10
N GLY Q 8 -45.49 17.41 43.05
CA GLY Q 8 -45.46 18.85 43.19
C GLY Q 8 -46.45 19.30 44.26
N PRO Q 9 -46.65 20.62 44.44
CA PRO Q 9 -47.48 21.22 45.47
C PRO Q 9 -48.97 20.95 45.40
N GLY Q 10 -49.51 20.58 44.25
CA GLY Q 10 -50.94 20.32 44.15
C GLY Q 10 -51.73 21.62 44.00
N LEU Q 11 -51.68 22.46 45.02
CA LEU Q 11 -52.37 23.75 44.99
C LEU Q 11 -51.43 24.91 45.08
N VAL Q 12 -51.55 25.81 44.13
CA VAL Q 12 -50.75 27.02 44.10
C VAL Q 12 -51.66 28.23 43.94
N LYS Q 13 -51.14 29.40 44.25
CA LYS Q 13 -51.92 30.62 44.15
C LYS Q 13 -51.55 31.36 42.86
N PRO Q 14 -52.42 32.23 42.35
CA PRO Q 14 -52.17 33.09 41.23
C PRO Q 14 -50.92 33.89 41.51
N SER Q 15 -50.17 34.09 40.45
CA SER Q 15 -48.90 34.81 40.40
C SER Q 15 -47.75 34.06 41.07
N GLN Q 16 -47.97 32.84 41.52
CA GLN Q 16 -46.88 32.05 42.07
C GLN Q 16 -46.25 31.19 41.00
N THR Q 17 -45.07 30.70 41.27
CA THR Q 17 -44.45 29.80 40.33
C THR Q 17 -44.76 28.37 40.71
N LEU Q 18 -45.19 27.60 39.73
CA LEU Q 18 -45.50 26.20 39.89
C LEU Q 18 -44.31 25.34 39.60
N SER Q 19 -44.00 24.42 40.49
CA SER Q 19 -42.86 23.56 40.27
C SER Q 19 -43.19 22.09 40.34
N LEU Q 20 -43.04 21.43 39.20
CA LEU Q 20 -43.33 19.99 39.08
C LEU Q 20 -42.09 19.21 38.74
N THR Q 21 -41.81 18.22 39.53
CA THR Q 21 -40.61 17.41 39.31
C THR Q 21 -41.00 15.99 38.92
N CYS Q 22 -40.36 15.45 37.86
CA CYS Q 22 -40.56 14.09 37.37
C CYS Q 22 -39.36 13.22 37.70
N THR Q 23 -39.64 12.15 38.43
CA THR Q 23 -38.61 11.21 38.83
C THR Q 23 -38.46 10.19 37.71
N VAL Q 24 -37.23 9.95 37.29
CA VAL Q 24 -36.94 8.99 36.24
C VAL Q 24 -36.38 7.71 36.84
N SER Q 25 -37.03 6.58 36.60
CA SER Q 25 -36.57 5.33 37.19
C SER Q 25 -36.64 4.14 36.25
N GLY Q 26 -35.65 3.27 36.30
CA GLY Q 26 -35.66 2.11 35.39
C GLY Q 26 -34.90 2.47 34.12
N GLY Q 27 -34.21 3.59 34.18
CA GLY Q 27 -33.41 4.15 33.12
C GLY Q 27 -32.69 5.34 33.71
N SER Q 28 -32.15 6.19 32.87
CA SER Q 28 -31.38 7.32 33.33
C SER Q 28 -31.59 8.47 32.38
N ILE Q 29 -31.17 9.65 32.79
CA ILE Q 29 -31.33 10.80 31.92
C ILE Q 29 -30.38 10.88 30.75
N ASN Q 30 -29.10 10.61 30.93
CA ASN Q 30 -28.20 10.73 29.80
C ASN Q 30 -28.20 9.44 28.99
N SER Q 31 -29.35 9.17 28.38
CA SER Q 31 -29.62 7.92 27.68
C SER Q 31 -29.32 7.88 26.19
N ALA Q 32 -28.98 9.02 25.60
CA ALA Q 32 -28.64 9.16 24.17
C ALA Q 32 -29.81 8.93 23.22
N GLY Q 33 -30.36 10.03 22.70
CA GLY Q 33 -31.45 9.96 21.73
C GLY Q 33 -32.82 10.18 22.32
N TYR Q 34 -32.91 10.68 23.52
CA TYR Q 34 -34.23 10.88 24.09
C TYR Q 34 -34.51 12.28 24.49
N TYR Q 35 -35.77 12.65 24.42
CA TYR Q 35 -36.24 13.94 24.83
C TYR Q 35 -37.06 13.78 26.08
N TRP Q 36 -36.90 14.66 27.03
CA TRP Q 36 -37.69 14.64 28.23
C TRP Q 36 -38.73 15.74 28.12
N THR Q 37 -40.02 15.41 28.12
CA THR Q 37 -41.03 16.42 27.81
C THR Q 37 -42.14 16.61 28.84
N TRP Q 38 -42.85 17.74 28.70
CA TRP Q 38 -44.05 18.03 29.49
C TRP Q 38 -45.24 18.39 28.61
N ILE Q 39 -46.43 17.90 29.02
CA ILE Q 39 -47.75 18.12 28.38
C ILE Q 39 -48.84 18.61 29.37
N ARG Q 40 -49.65 19.59 28.96
CA ARG Q 40 -50.72 20.11 29.80
C ARG Q 40 -52.13 19.65 29.37
N GLN Q 41 -52.91 19.09 30.31
CA GLN Q 41 -54.26 18.59 30.03
C GLN Q 41 -55.38 19.55 29.68
N HIS Q 42 -55.45 20.74 30.26
CA HIS Q 42 -56.61 21.61 30.00
C HIS Q 42 -57.94 20.85 30.13
N PRO Q 43 -58.41 20.51 31.32
CA PRO Q 43 -59.54 19.62 31.51
C PRO Q 43 -60.74 20.09 30.72
N GLY Q 44 -61.35 19.15 30.00
CA GLY Q 44 -62.52 19.38 29.16
C GLY Q 44 -62.13 19.69 27.71
N LYS Q 45 -60.85 19.92 27.48
CA LYS Q 45 -60.28 20.26 26.20
C LYS Q 45 -59.20 19.26 25.80
N GLY Q 46 -58.64 19.43 24.61
CA GLY Q 46 -57.57 18.55 24.17
C GLY Q 46 -56.26 18.98 24.80
N LEU Q 47 -55.19 18.29 24.47
CA LEU Q 47 -53.88 18.52 25.08
C LEU Q 47 -53.06 19.62 24.41
N GLU Q 48 -52.22 20.28 25.21
CA GLU Q 48 -51.25 21.26 24.73
C GLU Q 48 -49.85 20.84 25.13
N TRP Q 49 -48.95 20.72 24.16
CA TRP Q 49 -47.58 20.34 24.46
C TRP Q 49 -46.85 21.54 25.06
N ILE Q 50 -46.05 21.35 26.11
CA ILE Q 50 -45.35 22.48 26.71
C ILE Q 50 -43.95 22.68 26.21
N GLY Q 51 -43.16 21.61 26.20
CA GLY Q 51 -41.76 21.77 25.82
C GLY Q 51 -40.91 20.57 26.12
N TYR Q 52 -39.62 20.65 25.75
CA TYR Q 52 -38.71 19.56 26.02
C TYR Q 52 -37.35 20.02 26.46
N ILE Q 53 -36.67 19.11 27.12
CA ILE Q 53 -35.26 19.27 27.41
C ILE Q 53 -34.57 18.04 26.84
N ASP Q 54 -33.44 18.25 26.21
CA ASP Q 54 -32.74 17.17 25.55
C ASP Q 54 -31.93 16.38 26.57
N TYR Q 55 -31.25 15.34 26.12
CA TYR Q 55 -30.43 14.53 27.00
C TYR Q 55 -29.15 15.26 27.29
N THR Q 56 -28.90 16.27 26.49
CA THR Q 56 -27.74 17.12 26.58
C THR Q 56 -28.03 18.40 27.36
N GLY Q 57 -29.28 18.57 27.84
CA GLY Q 57 -29.67 19.76 28.60
C GLY Q 57 -30.17 20.95 27.79
N ARG Q 58 -30.23 20.81 26.47
CA ARG Q 58 -30.71 21.85 25.56
C ARG Q 58 -32.23 21.94 25.62
N THR Q 59 -32.83 23.13 25.52
CA THR Q 59 -34.29 23.20 25.56
C THR Q 59 -34.98 23.87 24.40
N TYR Q 60 -36.28 23.59 24.30
CA TYR Q 60 -37.20 24.19 23.35
C TYR Q 60 -38.56 24.32 24.01
N TYR Q 61 -39.24 25.42 23.80
CA TYR Q 61 -40.55 25.56 24.40
C TYR Q 61 -41.59 25.88 23.37
N ASN Q 62 -42.81 25.46 23.63
CA ASN Q 62 -43.94 25.82 22.81
C ASN Q 62 -44.02 27.32 22.87
N PRO Q 63 -43.95 28.06 21.76
CA PRO Q 63 -43.98 29.50 21.73
C PRO Q 63 -45.09 30.11 22.56
N SER Q 64 -46.24 29.46 22.69
CA SER Q 64 -47.32 30.05 23.48
C SER Q 64 -46.95 30.27 24.95
N LEU Q 65 -46.03 29.46 25.46
CA LEU Q 65 -45.58 29.53 26.83
C LEU Q 65 -44.11 29.85 26.93
N GLU Q 66 -43.49 30.30 25.86
CA GLU Q 66 -42.04 30.47 25.93
C GLU Q 66 -41.57 31.41 27.02
N SER Q 67 -42.30 32.48 27.25
CA SER Q 67 -41.94 33.49 28.22
C SER Q 67 -42.24 33.10 29.67
N ARG Q 68 -42.98 32.02 29.86
CA ARG Q 68 -43.41 31.60 31.18
C ARG Q 68 -42.80 30.28 31.64
N VAL Q 69 -42.03 29.63 30.79
CA VAL Q 69 -41.57 28.30 31.13
C VAL Q 69 -40.10 28.06 31.11
N ILE Q 70 -39.65 27.46 32.19
CA ILE Q 70 -38.30 27.00 32.34
C ILE Q 70 -38.28 25.50 32.59
N ILE Q 71 -37.54 24.78 31.77
CA ILE Q 71 -37.39 23.35 31.97
C ILE Q 71 -35.92 23.09 32.27
N SER Q 72 -35.66 22.35 33.32
CA SER Q 72 -34.28 22.06 33.66
C SER Q 72 -34.11 20.63 34.04
N ILE Q 73 -32.89 20.25 34.40
CA ILE Q 73 -32.64 18.83 34.66
C ILE Q 73 -31.42 18.57 35.55
N ASP Q 74 -31.48 17.51 36.35
CA ASP Q 74 -30.39 17.12 37.25
C ASP Q 74 -30.09 15.64 37.14
N THR Q 75 -28.97 15.37 36.48
CA THR Q 75 -28.56 14.03 36.13
C THR Q 75 -27.88 13.30 37.24
N SER Q 76 -27.58 13.98 38.35
CA SER Q 76 -26.93 13.29 39.45
C SER Q 76 -27.98 12.56 40.27
N LYS Q 77 -29.23 13.05 40.20
CA LYS Q 77 -30.33 12.46 40.94
C LYS Q 77 -31.38 11.78 40.06
N ASN Q 78 -31.32 11.95 38.73
CA ASN Q 78 -32.29 11.45 37.76
C ASN Q 78 -33.69 12.04 37.88
N HIS Q 79 -33.71 13.36 37.91
CA HIS Q 79 -34.94 14.14 37.95
C HIS Q 79 -34.93 15.23 36.92
N PHE Q 80 -36.10 15.61 36.45
CA PHE Q 80 -36.17 16.81 35.62
C PHE Q 80 -37.39 17.57 36.04
N SER Q 81 -37.43 18.86 35.74
CA SER Q 81 -38.58 19.62 36.22
C SER Q 81 -39.04 20.77 35.39
N LEU Q 82 -40.32 21.06 35.59
CA LEU Q 82 -41.03 22.15 34.96
C LEU Q 82 -41.32 23.27 35.92
N ARG Q 83 -40.88 24.45 35.55
CA ARG Q 83 -41.12 25.64 36.34
C ARG Q 83 -41.96 26.64 35.56
N LEU Q 84 -43.23 26.73 35.91
CA LEU Q 84 -44.18 27.58 35.21
C LEU Q 84 -44.45 28.84 36.01
N THR Q 85 -44.07 29.98 35.47
CA THR Q 85 -44.19 31.20 36.22
C THR Q 85 -45.51 31.89 35.99
N SER Q 86 -45.83 32.82 36.89
CA SER Q 86 -47.03 33.65 36.80
C SER Q 86 -48.30 32.86 36.57
N VAL Q 87 -48.58 31.86 37.39
CA VAL Q 87 -49.76 31.05 37.15
C VAL Q 87 -51.07 31.79 37.35
N SER Q 88 -52.12 31.28 36.74
CA SER Q 88 -53.46 31.79 36.92
C SER Q 88 -54.41 30.62 36.90
N ALA Q 89 -55.68 30.87 37.15
CA ALA Q 89 -56.68 29.80 37.18
C ALA Q 89 -56.75 29.02 35.87
N ALA Q 90 -56.35 29.65 34.77
CA ALA Q 90 -56.38 29.07 33.44
C ALA Q 90 -55.40 27.92 33.30
N ASP Q 91 -54.45 27.83 34.21
CA ASP Q 91 -53.42 26.83 34.15
C ASP Q 91 -53.81 25.59 34.94
N THR Q 92 -55.04 25.53 35.46
CA THR Q 92 -55.42 24.31 36.16
C THR Q 92 -55.43 23.20 35.14
N ALA Q 93 -54.71 22.13 35.43
CA ALA Q 93 -54.60 21.01 34.52
C ALA Q 93 -53.91 19.85 35.13
N VAL Q 94 -54.05 18.69 34.51
CA VAL Q 94 -53.19 17.59 34.86
C VAL Q 94 -51.95 17.76 34.03
N TYR Q 95 -50.82 17.73 34.67
CA TYR Q 95 -49.58 17.87 33.96
C TYR Q 95 -48.96 16.51 33.81
N TYR Q 96 -48.44 16.26 32.62
CA TYR Q 96 -47.84 14.97 32.39
C TYR Q 96 -46.38 15.07 32.01
N CYS Q 97 -45.61 14.08 32.49
CA CYS Q 97 -44.22 13.80 32.21
C CYS Q 97 -44.17 12.73 31.13
N ALA Q 98 -43.34 12.92 30.13
CA ALA Q 98 -43.23 11.90 29.10
C ALA Q 98 -41.84 11.82 28.49
N ARG Q 99 -41.51 10.68 27.92
CA ARG Q 99 -40.23 10.53 27.23
C ARG Q 99 -40.49 10.21 25.77
N GLU Q 100 -39.69 10.81 24.89
CA GLU Q 100 -39.79 10.56 23.44
C GLU Q 100 -38.44 10.12 22.90
N SER Q 101 -38.44 9.40 21.78
CA SER Q 101 -37.19 8.91 21.21
C SER Q 101 -36.93 9.32 19.78
N SER Q 102 -35.66 9.58 19.48
CA SER Q 102 -35.15 9.93 18.15
C SER Q 102 -34.80 8.69 17.33
N TRP Q 103 -34.83 7.53 17.97
CA TRP Q 103 -34.45 6.31 17.30
C TRP Q 103 -35.58 5.93 16.37
N VAL Q 104 -35.28 5.40 15.20
CA VAL Q 104 -36.34 5.10 14.27
C VAL Q 104 -37.33 4.06 14.77
N SER Q 105 -36.84 2.99 15.34
CA SER Q 105 -37.74 1.93 15.79
C SER Q 105 -38.76 2.40 16.83
N GLU Q 106 -38.31 3.25 17.73
CA GLU Q 106 -39.10 3.76 18.84
C GLU Q 106 -39.65 5.15 18.58
N LEU Q 107 -39.55 5.63 17.37
CA LEU Q 107 -39.91 6.99 17.04
C LEU Q 107 -41.33 7.37 17.43
N GLY Q 108 -42.27 6.45 17.30
CA GLY Q 108 -43.65 6.75 17.65
C GLY Q 108 -44.10 6.24 19.03
N ARG Q 109 -43.19 5.73 19.84
CA ARG Q 109 -43.59 5.16 21.13
C ARG Q 109 -43.24 6.04 22.31
N ASP Q 110 -44.25 6.58 22.95
CA ASP Q 110 -44.04 7.46 24.08
C ASP Q 110 -44.04 6.69 25.39
N ASN Q 111 -43.37 7.24 26.38
CA ASN Q 111 -43.50 6.72 27.73
C ASN Q 111 -44.17 7.79 28.55
N TRP Q 112 -45.36 7.52 29.05
CA TRP Q 112 -46.09 8.53 29.83
C TRP Q 112 -46.08 8.22 31.30
N GLY Q 113 -46.05 9.26 32.11
CA GLY Q 113 -46.18 9.13 33.55
C GLY Q 113 -47.65 9.07 33.93
N GLN Q 114 -47.90 9.04 35.22
CA GLN Q 114 -49.27 8.93 35.74
C GLN Q 114 -50.11 10.19 35.53
N GLY Q 115 -49.48 11.35 35.71
CA GLY Q 115 -50.15 12.64 35.57
C GLY Q 115 -50.49 13.23 36.93
N THR Q 116 -50.15 14.49 37.14
CA THR Q 116 -50.44 15.13 38.43
C THR Q 116 -51.34 16.35 38.29
N LEU Q 117 -52.39 16.39 39.09
CA LEU Q 117 -53.32 17.52 38.99
C LEU Q 117 -52.92 18.72 39.79
N VAL Q 118 -52.84 19.84 39.11
CA VAL Q 118 -52.52 21.09 39.73
C VAL Q 118 -53.68 22.06 39.62
N THR Q 119 -54.07 22.57 40.77
CA THR Q 119 -55.13 23.54 40.86
C THR Q 119 -54.58 24.89 41.16
N VAL Q 120 -55.02 25.90 40.42
CA VAL Q 120 -54.56 27.23 40.72
C VAL Q 120 -55.77 28.02 41.17
N SER Q 121 -55.70 28.57 42.38
CA SER Q 121 -56.83 29.30 42.93
C SER Q 121 -56.37 30.26 44.03
N SER Q 122 -57.23 31.24 44.40
CA SER Q 122 -56.96 32.24 45.46
C SER Q 122 -57.14 31.69 46.91
N GLU R 1 -46.96 25.86 12.98
CA GLU R 1 -47.80 24.99 13.79
C GLU R 1 -48.86 24.35 12.88
N ILE R 2 -48.98 23.00 12.94
CA ILE R 2 -49.93 22.21 12.14
C ILE R 2 -51.23 21.99 12.85
N VAL R 3 -52.31 22.47 12.28
CA VAL R 3 -53.56 22.26 12.91
C VAL R 3 -54.13 20.93 12.47
N MET R 4 -54.46 20.08 13.43
CA MET R 4 -55.04 18.79 13.10
C MET R 4 -56.55 18.91 13.23
N THR R 5 -57.27 18.41 12.25
CA THR R 5 -58.72 18.47 12.28
C THR R 5 -59.35 17.11 12.30
N GLN R 6 -60.24 16.87 13.25
CA GLN R 6 -60.91 15.58 13.32
C GLN R 6 -62.37 15.63 12.93
N SER R 7 -62.87 14.48 12.49
CA SER R 7 -64.27 14.36 12.08
C SER R 7 -64.82 12.93 12.15
N PRO R 8 -66.08 12.77 12.57
CA PRO R 8 -67.07 13.72 13.06
C PRO R 8 -66.72 14.07 14.48
N ALA R 9 -67.25 15.17 15.00
CA ALA R 9 -67.01 15.45 16.41
C ALA R 9 -67.56 14.33 17.30
N THR R 10 -68.70 13.77 16.92
CA THR R 10 -69.34 12.69 17.68
C THR R 10 -69.72 11.58 16.72
N LEU R 11 -69.44 10.33 17.10
CA LEU R 11 -69.74 9.17 16.28
C LEU R 11 -70.51 8.06 16.99
N PRO R 12 -71.84 8.12 17.10
CA PRO R 12 -72.64 7.10 17.71
C PRO R 12 -72.56 5.83 16.90
N VAL R 13 -72.40 4.70 17.55
CA VAL R 13 -72.40 3.41 16.90
C VAL R 13 -73.03 2.36 17.81
N SER R 14 -73.82 1.47 17.25
CA SER R 14 -74.39 0.40 18.05
C SER R 14 -73.28 -0.58 18.46
N PRO R 15 -73.29 -1.15 19.67
CA PRO R 15 -72.34 -2.14 20.10
C PRO R 15 -72.37 -3.30 19.12
N GLY R 16 -71.20 -3.80 18.79
CA GLY R 16 -71.06 -4.90 17.86
C GLY R 16 -70.78 -4.42 16.44
N GLU R 17 -71.02 -3.15 16.16
CA GLU R 17 -70.77 -2.61 14.84
C GLU R 17 -69.47 -1.84 14.85
N GLY R 18 -68.78 -1.81 13.73
CA GLY R 18 -67.53 -1.07 13.69
C GLY R 18 -67.78 0.40 13.44
N ALA R 19 -66.71 1.17 13.48
CA ALA R 19 -66.79 2.61 13.27
C ALA R 19 -65.46 3.17 12.78
N THR R 20 -65.50 4.29 12.06
CA THR R 20 -64.24 4.91 11.68
C THR R 20 -64.17 6.38 12.00
N LEU R 21 -62.97 6.84 12.30
CA LEU R 21 -62.68 8.24 12.55
C LEU R 21 -61.68 8.80 11.58
N SER R 22 -61.83 10.08 11.22
CA SER R 22 -60.87 10.72 10.34
C SER R 22 -60.07 11.80 11.08
N CYS R 23 -58.81 12.04 10.60
CA CYS R 23 -57.92 13.10 11.06
C CYS R 23 -57.16 13.67 9.85
N ARG R 24 -57.20 14.99 9.73
CA ARG R 24 -56.56 15.68 8.62
C ARG R 24 -55.48 16.65 9.05
N ALA R 25 -54.34 16.56 8.38
CA ALA R 25 -53.22 17.46 8.66
C ALA R 25 -53.28 18.71 7.81
N SER R 26 -52.72 19.79 8.30
CA SER R 26 -52.64 21.02 7.52
C SER R 26 -51.52 20.98 6.49
N GLN R 27 -50.47 20.24 6.80
CA GLN R 27 -49.32 20.05 5.94
C GLN R 27 -49.02 18.60 6.07
N SER R 28 -48.36 18.00 5.10
CA SER R 28 -48.09 16.60 5.26
C SER R 28 -47.29 16.27 6.49
N VAL R 29 -47.72 15.19 7.10
CA VAL R 29 -47.18 14.48 8.22
C VAL R 29 -46.89 13.18 7.55
N PHE R 30 -45.67 12.75 7.45
CA PHE R 30 -45.52 11.62 6.55
C PHE R 30 -46.27 10.39 6.96
N THR R 31 -45.86 9.79 8.05
CA THR R 31 -46.49 8.63 8.63
C THR R 31 -46.52 8.90 10.08
N ASN R 32 -45.95 10.03 10.42
CA ASN R 32 -45.68 10.41 11.80
C ASN R 32 -46.89 10.91 12.55
N LEU R 33 -47.83 9.99 12.74
CA LEU R 33 -49.08 10.24 13.42
C LEU R 33 -49.46 9.12 14.36
N ALA R 34 -50.01 9.48 15.51
CA ALA R 34 -50.43 8.51 16.50
C ALA R 34 -51.85 8.71 16.96
N TRP R 35 -52.49 7.62 17.38
CA TRP R 35 -53.84 7.67 17.93
C TRP R 35 -53.84 7.23 19.37
N TYR R 36 -54.61 7.94 20.20
CA TYR R 36 -54.74 7.65 21.63
C TYR R 36 -56.19 7.54 22.09
N GLN R 37 -56.44 6.65 23.05
CA GLN R 37 -57.77 6.52 23.62
C GLN R 37 -57.86 7.19 24.99
N GLN R 38 -58.76 8.17 25.12
CA GLN R 38 -58.92 8.92 26.35
C GLN R 38 -60.21 8.64 27.10
N LYS R 39 -60.06 8.24 28.34
CA LYS R 39 -61.19 7.99 29.22
C LYS R 39 -61.06 8.91 30.43
N PRO R 40 -62.17 9.31 31.08
CA PRO R 40 -62.13 10.17 32.22
C PRO R 40 -61.28 9.60 33.32
N GLY R 41 -60.39 10.44 33.85
CA GLY R 41 -59.52 10.10 34.95
C GLY R 41 -58.18 9.43 34.57
N GLN R 42 -57.94 9.14 33.29
CA GLN R 42 -56.68 8.46 32.96
C GLN R 42 -55.79 9.18 31.95
N ALA R 43 -54.50 8.88 32.01
CA ALA R 43 -53.61 9.38 30.99
C ALA R 43 -54.07 8.73 29.69
N PRO R 44 -53.94 9.37 28.54
CA PRO R 44 -54.34 8.82 27.25
C PRO R 44 -53.55 7.56 26.97
N ARG R 45 -54.22 6.55 26.42
CA ARG R 45 -53.55 5.29 26.13
C ARG R 45 -53.17 5.19 24.66
N LEU R 46 -51.90 4.98 24.38
CA LEU R 46 -51.50 4.90 22.99
C LEU R 46 -52.04 3.66 22.35
N LEU R 47 -52.67 3.82 21.19
CA LEU R 47 -53.21 2.69 20.45
C LEU R 47 -52.34 2.37 19.26
N ILE R 48 -52.17 3.38 18.42
CA ILE R 48 -51.47 3.25 17.15
C ILE R 48 -50.40 4.27 16.92
N TYR R 49 -49.26 3.83 16.42
CA TYR R 49 -48.20 4.75 16.11
C TYR R 49 -47.66 4.54 14.70
N ASP R 50 -47.02 5.57 14.18
CA ASP R 50 -46.48 5.59 12.82
C ASP R 50 -47.61 5.29 11.83
N ALA R 51 -48.79 5.82 12.15
CA ALA R 51 -50.04 5.71 11.42
C ALA R 51 -50.57 4.28 11.22
N SER R 52 -49.98 3.25 11.83
CA SER R 52 -50.55 1.91 11.61
C SER R 52 -50.08 0.78 12.53
N THR R 53 -49.03 0.98 13.32
CA THR R 53 -48.49 -0.06 14.17
C THR R 53 -49.14 -0.08 15.52
N ARG R 54 -49.57 -1.25 15.96
CA ARG R 54 -50.21 -1.35 17.26
C ARG R 54 -49.23 -1.27 18.39
N ALA R 55 -49.59 -0.51 19.40
CA ALA R 55 -48.82 -0.44 20.62
C ALA R 55 -48.94 -1.76 21.34
N THR R 56 -47.96 -2.11 22.14
CA THR R 56 -48.01 -3.34 22.87
C THR R 56 -49.25 -3.38 23.74
N GLY R 57 -50.00 -4.48 23.67
CA GLY R 57 -51.21 -4.67 24.47
C GLY R 57 -52.50 -4.22 23.80
N ILE R 58 -52.43 -3.72 22.57
CA ILE R 58 -53.62 -3.27 21.88
C ILE R 58 -54.27 -4.37 21.03
N PRO R 59 -55.57 -4.66 21.24
CA PRO R 59 -56.35 -5.67 20.54
C PRO R 59 -56.38 -5.47 19.04
N ALA R 60 -56.47 -6.58 18.32
CA ALA R 60 -56.49 -6.66 16.86
C ALA R 60 -57.68 -5.95 16.22
N ARG R 61 -58.70 -5.66 16.99
CA ARG R 61 -59.87 -4.97 16.44
C ARG R 61 -59.56 -3.52 16.12
N PHE R 62 -58.45 -2.98 16.64
CA PHE R 62 -58.05 -1.62 16.33
C PHE R 62 -57.08 -1.65 15.17
N SER R 63 -57.31 -0.81 14.17
CA SER R 63 -56.42 -0.73 13.01
C SER R 63 -56.39 0.65 12.42
N GLY R 64 -55.24 1.08 11.90
CA GLY R 64 -55.21 2.40 11.29
C GLY R 64 -54.43 2.41 10.00
N SER R 65 -54.54 3.52 9.32
CA SER R 65 -53.87 3.73 8.04
C SER R 65 -53.80 5.19 7.70
N GLY R 66 -53.05 5.50 6.65
CA GLY R 66 -52.99 6.87 6.16
C GLY R 66 -51.60 7.37 5.96
N SER R 67 -51.51 8.50 5.28
CA SER R 67 -50.24 9.14 4.98
C SER R 67 -50.46 10.58 4.55
N GLY R 68 -49.40 11.36 4.54
CA GLY R 68 -49.55 12.71 4.01
C GLY R 68 -50.51 13.51 4.88
N THR R 69 -51.63 13.93 4.33
CA THR R 69 -52.56 14.69 5.13
C THR R 69 -53.81 13.94 5.50
N GLU R 70 -53.97 12.69 5.03
CA GLU R 70 -55.22 11.96 5.28
C GLU R 70 -55.05 10.68 6.09
N PHE R 71 -55.55 10.69 7.32
CA PHE R 71 -55.41 9.57 8.23
C PHE R 71 -56.71 9.04 8.79
N THR R 72 -56.73 7.75 9.11
CA THR R 72 -57.91 7.14 9.71
C THR R 72 -57.66 6.06 10.76
N LEU R 73 -58.63 5.95 11.68
CA LEU R 73 -58.69 4.91 12.72
C LEU R 73 -59.96 4.12 12.61
N THR R 74 -59.82 2.81 12.54
CA THR R 74 -60.95 1.92 12.43
C THR R 74 -61.06 0.93 13.56
N ILE R 75 -62.27 0.80 14.09
CA ILE R 75 -62.53 -0.24 15.07
C ILE R 75 -63.46 -1.20 14.35
N SER R 76 -63.05 -2.46 14.19
CA SER R 76 -63.83 -3.38 13.39
C SER R 76 -65.19 -3.77 13.95
N SER R 77 -65.32 -3.75 15.26
CA SER R 77 -66.56 -4.06 15.97
C SER R 77 -66.45 -3.52 17.38
N LEU R 78 -67.26 -2.54 17.75
CA LEU R 78 -67.05 -1.97 19.08
C LEU R 78 -67.57 -2.81 20.21
N GLN R 79 -66.71 -2.94 21.19
CA GLN R 79 -66.96 -3.69 22.40
C GLN R 79 -67.14 -2.76 23.57
N SER R 80 -67.43 -3.34 24.73
CA SER R 80 -67.53 -2.44 25.85
C SER R 80 -66.13 -1.91 26.03
N GLU R 81 -66.03 -0.73 26.62
CA GLU R 81 -64.75 -0.06 26.83
C GLU R 81 -64.08 0.47 25.55
N ASP R 82 -64.77 0.40 24.39
CA ASP R 82 -64.27 1.05 23.18
C ASP R 82 -64.95 2.39 22.98
N PHE R 83 -65.77 2.77 23.94
CA PHE R 83 -66.46 4.04 23.90
C PHE R 83 -65.61 4.99 24.72
N ALA R 84 -64.96 5.89 24.02
CA ALA R 84 -63.95 6.80 24.54
C ALA R 84 -63.73 7.95 23.61
N VAL R 85 -62.98 8.95 24.07
CA VAL R 85 -62.62 10.02 23.19
C VAL R 85 -61.35 9.62 22.45
N TYR R 86 -61.34 9.74 21.15
CA TYR R 86 -60.14 9.35 20.43
C TYR R 86 -59.43 10.55 19.84
N TYR R 87 -58.17 10.69 20.21
CA TYR R 87 -57.37 11.80 19.75
C TYR R 87 -56.31 11.35 18.77
N CYS R 88 -55.98 12.22 17.79
CA CYS R 88 -54.86 12.05 16.88
C CYS R 88 -53.80 13.07 17.28
N GLN R 89 -52.56 12.69 17.08
CA GLN R 89 -51.42 13.53 17.33
C GLN R 89 -50.41 13.44 16.24
N GLN R 90 -49.86 14.56 15.83
CA GLN R 90 -48.81 14.47 14.84
C GLN R 90 -47.50 14.69 15.54
N TYR R 91 -46.48 13.95 15.14
CA TYR R 91 -45.16 14.12 15.70
C TYR R 91 -44.10 14.48 14.66
N ASN R 92 -44.53 15.07 13.55
CA ASN R 92 -43.67 15.44 12.44
C ASN R 92 -43.15 16.86 12.54
N ASN R 93 -43.99 17.72 13.11
CA ASN R 93 -43.55 19.10 13.50
C ASN R 93 -43.25 19.11 14.99
N TRP R 94 -42.72 20.22 15.52
CA TRP R 94 -42.30 20.20 16.95
C TRP R 94 -43.28 20.92 17.88
N PRO R 95 -44.33 21.60 17.40
CA PRO R 95 -45.34 22.16 18.29
C PRO R 95 -46.06 20.98 18.95
N ARG R 96 -45.95 19.79 18.33
CA ARG R 96 -46.60 18.55 18.81
C ARG R 96 -48.09 18.82 19.04
N THR R 97 -48.80 19.24 17.99
CA THR R 97 -50.18 19.54 18.05
C THR R 97 -51.03 18.29 18.10
N TYR R 98 -52.27 18.50 18.50
CA TYR R 98 -53.30 17.49 18.67
C TYR R 98 -54.59 17.88 18.02
N GLY R 99 -55.43 16.88 17.74
CA GLY R 99 -56.77 17.12 17.22
C GLY R 99 -57.69 17.46 18.39
N GLN R 100 -58.99 17.48 18.14
CA GLN R 100 -59.95 17.91 19.15
C GLN R 100 -60.49 16.80 20.03
N GLY R 101 -60.45 15.58 19.52
CA GLY R 101 -60.97 14.41 20.18
C GLY R 101 -62.36 14.09 19.64
N THR R 102 -62.55 12.88 19.16
CA THR R 102 -63.87 12.55 18.67
C THR R 102 -64.52 11.73 19.73
N ARG R 103 -65.79 11.96 19.97
CA ARG R 103 -66.51 11.26 21.00
C ARG R 103 -67.26 10.09 20.44
N VAL R 104 -66.78 8.89 20.72
CA VAL R 104 -67.46 7.73 20.19
C VAL R 104 -68.52 7.37 21.20
N GLU R 105 -69.73 7.26 20.73
CA GLU R 105 -70.91 7.04 21.57
C GLU R 105 -71.61 5.75 21.18
N VAL R 106 -72.44 5.20 22.07
CA VAL R 106 -73.22 3.97 21.90
C VAL R 106 -74.33 4.18 20.85
#